data_9P98
#
_entry.id   9P98
#
_cell.length_a   1.00
_cell.length_b   1.00
_cell.length_c   1.00
_cell.angle_alpha   90.00
_cell.angle_beta   90.00
_cell.angle_gamma   90.00
#
_symmetry.space_group_name_H-M   'P 1'
#
loop_
_entity.id
_entity.type
_entity.pdbx_description
1 polymer 'Integrin alpha-E'
2 polymer 'Integrin beta-7'
3 polymer 'Fab LF61 Heavy Chain'
4 polymer 'Fab LF61 Light Chain'
5 branched beta-D-mannopyranose-(1-4)-2-acetamido-2-deoxy-beta-D-glucopyranose-(1-4)-2-acetamido-2-deoxy-beta-D-glucopyranose
6 branched 2-acetamido-2-deoxy-beta-D-glucopyranose-(1-4)-2-acetamido-2-deoxy-beta-D-glucopyranose
7 non-polymer 2-acetamido-2-deoxy-beta-D-glucopyranose
8 non-polymer 'CALCIUM ION'
#
loop_
_entity_poly.entity_id
_entity_poly.type
_entity_poly.pdbx_seq_one_letter_code
_entity_poly.pdbx_strand_id
1 'polypeptide(L)'
;MWLFHTLLCIASLALLAAFNVDVARPWLTPKGGAPFVLSSLLHQDPSTNQTWLLVTSPRTKRTPGPLHRCSLVQDEILCH
PVEHVPIPKGRHRGVTVVRSHHGVLICIQVLVRRPHSLSSELTGTCSLLGPDLRPQAQANFFDLENLLDPDARVDTGDCY
SNKEGGGEDDVNTARQRRALEKEEEEDKEEEEDEEEEEAGTEIAIILDGSGSIDPPDFQRAKDFISNMMRNFYEKCFECN
FALVQYGGVIQTEFDLRDSQDVMASLARVQNITQVGSVTKTASAMQHVLDSIFTSSHGSRRKASKVMVVLTDGGIFEDPL
NLTTVINSPKMQGVERFAIGVGEEFKSARTARELNLIASDPDETHAFKVTNYMALDGLLSKLRYNIISMEGTVGDALHYQ
LAQIGFSAQILDERQVLLGAVGAFDWSGGALLYDTRSRRGRFLNQTAAAAADAEAAQYSYLGYAVAVLHKTCSLSYIAGA
PRYKHHGAVFELQKEGREASFLPVLEGEQMGSYFGSELCPVDIDMDGSTDFLLVAAPFYHVHGEEGRVYVYRLSEQDGSF
SLARILSGHPGFTNARFGFAMAAMGDLSQDKLTDVAIGAPLEGFGADDGASFGSVYIYNGHWDGLSASPSQRIRASTVAP
GLQYFGMSMAGGFDISGDGLADITVGTLGQAVVFRSRPVVRLKVSMAFTPSALPIGFNGVVNVRLCFEISSVTTASESGL
REALLNFTLDVDVGKQRRRLQCSDVRSCLGCLREWSSGSQLCEDLLLMPTEGELCEEDCFSNASVKVSYQLQTPEGQTDH
PQPILDRYTEPFAIFQLPYEKACKNKLFCVAELQLATTVSQQELVVGLTKELTLNINLTNSGEDSYMTSMALNYPRNLQL
KRMQKPPSPNIQCDDPQPVASVLIMNCRIGHPVLKRSSAHVSVVWQLEENAFPNRTADITVTVTNSNERRSLANETHTLQ
FRHGFVAVLSKPSIMYVNTGQGLSHHKEFLFHVHGENLFGAEYQLQICVPTKLRGLQVVAVKKLTRTQASTVCTWSQERA
CAYSSVQHVEEWHSVSCVIASDKENVTVAAEISWDHSEELLKDVTELQILGEISFNKSLYEGLNAENHRTKITVVFLKDE
KYHGTGGLEVLFQGPGENAQCEKELQALEKENAQLEWELQALEKELAQWSHPQFEK
;
A
2 'polypeptide(L)'
;MVALPMVLVLLLVLSRGESELDAKIPSTGDATEWRNPHLSMLGSCQPAPSCQKCILSHPSCAWCKQLNFTASGEAEARRC
ARREELLARGCPLEELEEPRGQQEVLQDQPLSQGARGEGATQLAPQRVRVTLRPGEPQQLQVRFLRAEGYPVDLYYLMDL
SYSMKDDLERVRQLGHALLVRLQEVTHSVRIGFGSFVDKTVLPFVSTVPSKLRHPCPTRLERCQSPFSFHHVLSLTGDAQ
AFEREVGRQSVSGNLDSPEGGFDAILQAALCQEQIGWRNVSRLLVFTSDDTFHTAGDGKLGGIFMPSDGHCHLDSNGLYS
RSTEFDYPSVGQVAQALSAANIQPIFAVTSAALPVYQELSKLIPKSAVGELSEDSSNVVQLIMDAYNSLSSTVTLEHSSL
PPGVHISYESQCEGPEKREGKAEDRGQCNHVRINQTVTFWVSLQATHCLPEPHLLRLRALGFSEELIVELHTLCDCNCSD
TQPQAPHCSDGQGHLQCGVCSCAPGRLGRLCECSVAELSSPDLESGCRAPNGTGPLCSGKGHCQCGRCSCSGQSSGHLCE
CDDASCERHEGILCGGFGRCQCGVCHCHANRTGRACECSGDMDSCISPEGGLCSGHGRCKCNRCQCLDGYYGALCDQCPG
CKTPCERHRDCAECGAFRTGPLATNCSTACAHTNVTLALAPILDDGWCKERTLDNQLFFFLVEDDARGTVVLRVRPQEKG
ADHDTSGLEVLFQGPGKNAQCKKKLQALKKKNAQLKWKLQALKKKLAQGGHHHHHH
;
B
3 'polypeptide(L)'
;MVQLQRAGPTIVKPGSAVKLSCKATGFAYEDYYIFWVRQREGGNGQKWIGRIHPGSGETKYNDKFKGKATLTADTEASSA
YMRLTSLTSEDTAVWYCGWERSVGRATFAYWGQGTSVTVSSAKTTPPSVYPLAPGSAAQTNSMVTLGCLVKGYFPEPVTV
TWNSGSLSSGVHTFPAVLQSDLYTLSSSVTVPSSTWPSETVTCNVAHPASSTKVDKKIVP
;
H
4 'polypeptide(L)'
;AAITFNLAPESLVVTAGSKVTFSCKASQDFLNSATKRNYLTWYQQRDGKPPKLLIYWASARLSGVPARFTGSGGGGTEFT
LTISSVKAADIGTYYCRQLRSRPLTFGGGTKLTVKQPKSSPSVTLFPPSSEELETNKATLVCTITDFYPGVVTVDWKVDG
TPVTQGMETTQPSKQSNNKYMASSYLTLTARAWERHSSYSCQVTHEGHTVEKSLS
;
L
#
loop_
_chem_comp.id
_chem_comp.type
_chem_comp.name
_chem_comp.formula
BMA D-saccharide, beta linking beta-D-mannopyranose 'C6 H12 O6'
CA non-polymer 'CALCIUM ION' 'Ca 2'
NAG D-saccharide, beta linking 2-acetamido-2-deoxy-beta-D-glucopyranose 'C8 H15 N O6'
#
# COMPACT_ATOMS: atom_id res chain seq x y z
N PHE A 19 -11.34 11.35 -12.94
CA PHE A 19 -10.98 12.19 -14.13
C PHE A 19 -9.82 11.54 -14.89
N ASN A 20 -8.62 12.05 -14.71
CA ASN A 20 -7.52 11.71 -15.59
C ASN A 20 -6.75 10.46 -15.18
N VAL A 21 -6.82 10.05 -13.93
CA VAL A 21 -6.01 8.94 -13.44
C VAL A 21 -6.73 7.63 -13.70
N ASP A 22 -6.00 6.66 -14.23
CA ASP A 22 -6.57 5.37 -14.66
C ASP A 22 -6.65 4.47 -13.44
N VAL A 23 -7.83 4.44 -12.81
CA VAL A 23 -8.01 3.64 -11.61
C VAL A 23 -8.18 2.17 -11.94
N ALA A 24 -8.53 1.85 -13.18
CA ALA A 24 -8.89 0.48 -13.52
C ALA A 24 -7.68 -0.42 -13.70
N ARG A 25 -6.48 0.15 -13.78
CA ARG A 25 -5.26 -0.60 -14.05
C ARG A 25 -4.16 -0.15 -13.10
N PRO A 26 -4.23 -0.52 -11.83
CA PRO A 26 -3.13 -0.23 -10.91
C PRO A 26 -2.08 -1.32 -10.88
N TRP A 27 -0.86 -0.90 -10.55
CA TRP A 27 0.26 -1.79 -10.32
C TRP A 27 0.64 -1.68 -8.84
N LEU A 28 0.74 -2.83 -8.17
CA LEU A 28 0.95 -2.88 -6.74
C LEU A 28 2.16 -3.71 -6.40
N THR A 29 2.96 -3.24 -5.44
CA THR A 29 4.03 -4.04 -4.90
C THR A 29 3.44 -5.29 -4.23
N PRO A 30 4.15 -6.42 -4.31
CA PRO A 30 3.59 -7.66 -3.76
C PRO A 30 3.27 -7.51 -2.27
N LYS A 31 2.11 -8.05 -1.88
CA LYS A 31 1.63 -7.87 -0.52
C LYS A 31 2.29 -8.88 0.41
N GLY A 32 2.78 -8.39 1.54
CA GLY A 32 3.36 -9.25 2.55
C GLY A 32 4.83 -9.52 2.29
N GLY A 33 5.21 -9.56 1.01
CA GLY A 33 6.61 -9.68 0.67
C GLY A 33 7.34 -8.38 0.92
N ALA A 34 8.65 -8.41 0.67
CA ALA A 34 9.45 -7.23 0.86
C ALA A 34 9.27 -6.28 -0.33
N PRO A 35 9.49 -4.99 -0.14
CA PRO A 35 9.72 -4.28 1.12
C PRO A 35 8.41 -3.83 1.74
N PHE A 36 8.38 -3.52 3.03
CA PHE A 36 7.19 -2.98 3.67
C PHE A 36 7.22 -1.47 3.52
N VAL A 37 6.51 -0.95 2.52
CA VAL A 37 6.64 0.44 2.12
C VAL A 37 6.12 1.36 3.22
N LEU A 38 6.79 2.49 3.38
CA LEU A 38 6.41 3.56 4.31
C LEU A 38 6.18 4.89 3.61
N SER A 39 6.99 5.20 2.62
CA SER A 39 6.79 6.38 1.79
C SER A 39 7.30 6.06 0.39
N SER A 40 6.68 6.67 -0.61
CA SER A 40 7.04 6.42 -2.00
C SER A 40 7.14 7.73 -2.75
N LEU A 41 8.00 7.76 -3.76
CA LEU A 41 8.16 8.94 -4.58
C LEU A 41 8.77 8.54 -5.92
N LEU A 42 8.38 9.26 -6.97
CA LEU A 42 8.92 9.07 -8.30
C LEU A 42 10.19 9.89 -8.47
N HIS A 43 11.11 9.37 -9.27
CA HIS A 43 12.39 10.00 -9.51
C HIS A 43 12.76 9.80 -10.97
N GLN A 44 13.54 10.73 -11.51
CA GLN A 44 14.02 10.63 -12.87
C GLN A 44 15.39 11.27 -12.98
N ASP A 45 16.31 10.59 -13.67
CA ASP A 45 17.63 11.14 -13.94
C ASP A 45 17.52 12.09 -15.13
N PRO A 46 17.87 13.37 -14.98
CA PRO A 46 17.70 14.29 -16.12
C PRO A 46 18.54 13.92 -17.33
N SER A 47 19.62 13.17 -17.14
CA SER A 47 20.54 12.89 -18.24
C SER A 47 20.18 11.63 -19.02
N THR A 48 19.31 10.78 -18.49
CA THR A 48 18.99 9.52 -19.13
C THR A 48 17.49 9.27 -19.31
N ASN A 49 16.64 10.04 -18.63
CA ASN A 49 15.19 9.93 -18.76
C ASN A 49 14.65 8.59 -18.25
N GLN A 50 15.41 7.89 -17.43
CA GLN A 50 14.86 6.75 -16.70
C GLN A 50 14.10 7.24 -15.49
N THR A 51 12.97 6.60 -15.21
CA THR A 51 12.14 6.93 -14.06
C THR A 51 12.09 5.71 -13.15
N TRP A 52 12.44 5.90 -11.88
CA TRP A 52 12.39 4.86 -10.87
C TRP A 52 11.35 5.22 -9.81
N LEU A 53 10.97 4.21 -9.03
CA LEU A 53 10.06 4.42 -7.91
C LEU A 53 10.79 4.06 -6.63
N LEU A 54 11.17 5.06 -5.85
CA LEU A 54 11.92 4.87 -4.62
C LEU A 54 10.94 4.69 -3.46
N VAL A 55 11.10 3.60 -2.72
CA VAL A 55 10.30 3.32 -1.54
C VAL A 55 11.24 3.15 -0.36
N THR A 56 10.72 3.43 0.83
CA THR A 56 11.48 3.29 2.07
C THR A 56 10.75 2.32 2.99
N SER A 57 11.50 1.43 3.61
CA SER A 57 10.93 0.39 4.46
C SER A 57 11.66 0.37 5.79
N PRO A 58 11.00 -0.09 6.85
CA PRO A 58 11.66 -0.23 8.14
C PRO A 58 12.59 -1.44 8.14
N ARG A 59 13.57 -1.40 9.04
CA ARG A 59 14.53 -2.48 9.15
C ARG A 59 13.83 -3.76 9.56
N THR A 60 14.13 -4.85 8.86
CA THR A 60 13.60 -6.16 9.19
C THR A 60 14.67 -7.20 8.87
N LYS A 61 14.43 -8.44 9.32
CA LYS A 61 15.39 -9.50 9.09
C LYS A 61 15.57 -9.76 7.60
N ARG A 62 14.47 -9.72 6.84
CA ARG A 62 14.55 -9.89 5.40
C ARG A 62 15.35 -8.77 4.76
N THR A 63 14.98 -7.52 5.04
CA THR A 63 15.54 -6.36 4.35
C THR A 63 16.32 -5.49 5.34
N PRO A 64 17.64 -5.37 5.21
CA PRO A 64 18.38 -4.43 6.07
C PRO A 64 18.23 -3.00 5.59
N GLY A 65 18.18 -2.82 4.27
CA GLY A 65 18.24 -1.51 3.66
C GLY A 65 17.03 -0.64 3.95
N PRO A 66 17.21 0.67 3.97
CA PRO A 66 16.07 1.57 4.15
C PRO A 66 15.51 2.14 2.85
N LEU A 67 16.17 1.90 1.72
CA LEU A 67 15.77 2.49 0.45
C LEU A 67 15.85 1.46 -0.67
N HIS A 68 14.83 1.45 -1.51
CA HIS A 68 14.72 0.52 -2.63
C HIS A 68 14.31 1.28 -3.87
N ARG A 69 14.82 0.86 -5.02
CA ARG A 69 14.40 1.39 -6.31
C ARG A 69 13.67 0.32 -7.09
N CYS A 70 12.48 0.65 -7.57
CA CYS A 70 11.58 -0.31 -8.16
C CYS A 70 11.25 0.12 -9.59
N SER A 71 10.92 -0.87 -10.41
CA SER A 71 10.61 -0.63 -11.82
C SER A 71 9.43 -1.50 -12.22
N LEU A 72 8.85 -1.18 -13.36
CA LEU A 72 7.66 -1.89 -13.85
C LEU A 72 8.10 -3.00 -14.79
N VAL A 73 8.07 -4.23 -14.32
CA VAL A 73 8.42 -5.40 -15.13
C VAL A 73 7.38 -6.49 -14.89
N GLN A 74 6.90 -7.08 -15.98
CA GLN A 74 5.87 -8.12 -15.92
C GLN A 74 4.67 -7.68 -15.10
N ASP A 75 4.17 -6.47 -15.40
CA ASP A 75 2.94 -5.97 -14.81
C ASP A 75 2.94 -6.06 -13.29
N GLU A 76 4.10 -5.84 -12.69
CA GLU A 76 4.24 -5.75 -11.25
C GLU A 76 5.29 -4.69 -10.96
N ILE A 77 5.56 -4.48 -9.67
CA ILE A 77 6.62 -3.57 -9.24
C ILE A 77 7.66 -4.37 -8.49
N LEU A 78 8.81 -4.60 -9.13
CA LEU A 78 9.93 -5.30 -8.51
C LEU A 78 10.93 -4.29 -7.99
N CYS A 79 11.47 -4.55 -6.80
CA CYS A 79 12.30 -3.60 -6.07
C CYS A 79 13.67 -4.20 -5.80
N HIS A 80 14.70 -3.37 -5.95
CA HIS A 80 16.09 -3.72 -5.67
C HIS A 80 16.69 -2.65 -4.76
N PRO A 81 17.35 -3.04 -3.67
CA PRO A 81 17.88 -2.05 -2.75
C PRO A 81 18.95 -1.18 -3.38
N VAL A 82 19.04 0.05 -2.89
CA VAL A 82 20.09 0.98 -3.28
C VAL A 82 21.33 0.71 -2.43
N GLU A 83 22.50 1.00 -2.98
CA GLU A 83 23.74 0.42 -2.46
C GLU A 83 24.28 1.20 -1.26
N HIS A 84 24.62 2.47 -1.45
CA HIS A 84 25.46 3.20 -0.49
C HIS A 84 24.67 4.07 0.47
N VAL A 85 23.50 3.63 0.91
CA VAL A 85 22.71 4.38 1.87
C VAL A 85 23.05 3.88 3.28
N PRO A 86 22.89 4.70 4.32
CA PRO A 86 23.17 4.23 5.68
C PRO A 86 22.27 3.07 6.07
N ILE A 87 22.83 2.14 6.83
CA ILE A 87 22.15 0.92 7.22
C ILE A 87 21.75 1.03 8.68
N PRO A 88 20.47 1.13 9.01
CA PRO A 88 20.08 1.23 10.41
C PRO A 88 20.30 -0.07 11.16
N LYS A 89 20.55 0.07 12.46
CA LYS A 89 20.75 -1.05 13.37
C LYS A 89 19.67 -1.04 14.44
N GLY A 90 19.11 -2.22 14.71
CA GLY A 90 18.14 -2.33 15.76
C GLY A 90 16.79 -1.75 15.38
N ARG A 91 16.11 -1.19 16.38
CA ARG A 91 14.76 -0.68 16.24
C ARG A 91 14.65 0.33 15.11
N HIS A 92 13.44 0.55 14.60
CA HIS A 92 13.20 1.60 13.63
C HIS A 92 13.06 2.93 14.35
N ARG A 93 13.85 3.91 13.92
CA ARG A 93 13.86 5.22 14.57
C ARG A 93 13.57 6.37 13.62
N GLY A 94 13.37 6.10 12.33
CA GLY A 94 13.02 7.14 11.39
C GLY A 94 13.82 7.11 10.11
N VAL A 95 13.13 7.20 8.99
CA VAL A 95 13.75 7.27 7.67
C VAL A 95 13.08 8.41 6.91
N THR A 96 13.88 9.22 6.24
CA THR A 96 13.38 10.37 5.48
C THR A 96 14.08 10.41 4.13
N VAL A 97 13.29 10.49 3.06
CA VAL A 97 13.84 10.57 1.72
C VAL A 97 13.11 11.65 0.96
N VAL A 98 13.82 12.73 0.62
CA VAL A 98 13.33 13.77 -0.27
C VAL A 98 14.12 13.68 -1.57
N ARG A 99 13.73 14.49 -2.54
CA ARG A 99 14.29 14.38 -3.88
C ARG A 99 14.11 15.69 -4.63
N SER A 100 15.06 16.00 -5.50
CA SER A 100 14.96 17.09 -6.45
C SER A 100 15.83 16.75 -7.64
N HIS A 101 15.87 17.66 -8.63
CA HIS A 101 16.68 17.39 -9.81
C HIS A 101 18.16 17.49 -9.53
N HIS A 102 18.56 17.75 -8.29
CA HIS A 102 19.97 17.76 -7.91
C HIS A 102 20.41 16.49 -7.21
N GLY A 103 19.50 15.55 -6.97
CA GLY A 103 19.86 14.29 -6.38
C GLY A 103 18.80 13.81 -5.41
N VAL A 104 19.13 12.74 -4.69
CA VAL A 104 18.25 12.11 -3.72
C VAL A 104 18.92 12.16 -2.36
N LEU A 105 18.20 12.59 -1.34
CA LEU A 105 18.71 12.71 0.01
C LEU A 105 18.00 11.72 0.91
N ILE A 106 18.76 10.98 1.71
CA ILE A 106 18.23 9.98 2.63
C ILE A 106 18.83 10.21 4.01
N CYS A 107 17.98 10.27 5.02
CA CYS A 107 18.39 10.58 6.39
C CYS A 107 17.84 9.52 7.33
N ILE A 108 18.71 8.98 8.18
CA ILE A 108 18.36 7.92 9.11
C ILE A 108 18.62 8.42 10.52
N GLN A 109 17.73 8.08 11.45
CA GLN A 109 17.94 8.41 12.86
C GLN A 109 18.71 7.29 13.56
N VAL A 110 19.66 7.68 14.40
CA VAL A 110 20.59 6.75 15.02
C VAL A 110 20.63 7.00 16.52
N LEU A 111 21.02 5.96 17.26
CA LEU A 111 21.22 6.01 18.70
C LEU A 111 22.70 5.82 19.01
N VAL A 112 23.22 6.67 19.91
CA VAL A 112 24.61 6.57 20.35
C VAL A 112 24.67 6.78 21.85
N ARG A 113 25.55 6.03 22.51
CA ARG A 113 25.81 6.17 23.94
C ARG A 113 27.27 6.52 24.15
N ARG A 114 27.52 7.68 24.76
CA ARG A 114 28.88 8.07 25.08
C ARG A 114 29.34 7.36 26.35
N PRO A 115 30.65 7.18 26.53
CA PRO A 115 31.14 6.51 27.73
C PRO A 115 30.72 7.25 28.99
N HIS A 116 30.36 6.48 30.03
CA HIS A 116 29.99 7.01 31.33
C HIS A 116 28.90 8.07 31.23
N SER A 117 28.05 7.99 30.22
CA SER A 117 26.91 8.88 30.07
C SER A 117 25.65 8.08 30.32
N LEU A 118 24.83 8.53 31.25
CA LEU A 118 23.60 7.84 31.60
C LEU A 118 22.44 8.20 30.69
N SER A 119 22.70 8.90 29.60
CA SER A 119 21.66 9.30 28.65
C SER A 119 22.17 9.10 27.24
N SER A 120 21.26 9.09 26.28
CA SER A 120 21.57 8.75 24.91
C SER A 120 21.51 9.97 24.00
N GLU A 121 22.01 9.81 22.78
CA GLU A 121 21.99 10.83 21.75
C GLU A 121 21.21 10.31 20.56
N LEU A 122 20.38 11.15 19.96
CA LEU A 122 19.46 10.75 18.89
C LEU A 122 19.47 11.84 17.82
N THR A 123 20.34 11.70 16.83
CA THR A 123 20.36 12.60 15.69
C THR A 123 20.40 11.77 14.40
N GLY A 124 20.67 12.39 13.27
CA GLY A 124 20.60 11.73 11.98
C GLY A 124 21.94 11.61 11.29
N THR A 125 22.12 10.50 10.57
CA THR A 125 23.22 10.33 9.62
C THR A 125 22.63 10.27 8.23
N CYS A 126 23.10 11.14 7.35
CA CYS A 126 22.50 11.35 6.04
C CYS A 126 23.49 11.03 4.93
N SER A 127 22.96 10.77 3.74
CA SER A 127 23.76 10.56 2.56
C SER A 127 23.05 11.22 1.38
N LEU A 128 23.81 12.01 0.62
CA LEU A 128 23.29 12.68 -0.57
C LEU A 128 23.81 11.93 -1.79
N LEU A 129 22.91 11.63 -2.71
CA LEU A 129 23.23 10.91 -3.93
C LEU A 129 23.00 11.82 -5.12
N GLY A 130 23.63 11.48 -6.24
CA GLY A 130 23.51 12.28 -7.42
C GLY A 130 22.18 12.02 -8.11
N PRO A 131 21.98 12.67 -9.26
CA PRO A 131 20.76 12.44 -10.01
C PRO A 131 20.60 11.00 -10.45
N ASP A 132 21.68 10.22 -10.49
CA ASP A 132 21.65 8.84 -10.94
C ASP A 132 21.99 7.85 -9.82
N LEU A 133 21.79 8.24 -8.56
CA LEU A 133 21.92 7.33 -7.44
C LEU A 133 23.35 6.85 -7.26
N ARG A 134 24.29 7.78 -7.29
CA ARG A 134 25.66 7.47 -6.88
C ARG A 134 26.05 8.34 -5.69
N PRO A 135 26.82 7.83 -4.74
CA PRO A 135 27.13 8.62 -3.54
C PRO A 135 27.83 9.92 -3.91
N GLN A 136 27.50 10.97 -3.17
CA GLN A 136 28.12 12.27 -3.34
C GLN A 136 28.61 12.83 -2.01
N ALA A 137 27.91 12.54 -0.93
CA ALA A 137 28.24 13.14 0.35
C ALA A 137 27.70 12.27 1.47
N GLN A 138 28.43 12.27 2.59
CA GLN A 138 27.99 11.66 3.84
C GLN A 138 28.07 12.70 4.93
N ALA A 139 27.15 12.61 5.90
CA ALA A 139 27.12 13.56 7.00
C ALA A 139 26.67 12.86 8.27
N ASN A 140 27.45 13.01 9.33
CA ASN A 140 27.05 12.62 10.67
C ASN A 140 26.82 13.88 11.49
N PHE A 141 25.73 13.91 12.25
CA PHE A 141 25.35 15.09 13.01
C PHE A 141 25.45 14.87 14.51
N PHE A 142 26.36 14.00 14.93
CA PHE A 142 26.86 14.01 16.29
C PHE A 142 27.90 15.11 16.43
N ASP A 143 28.33 15.37 17.67
CA ASP A 143 29.30 16.41 18.00
C ASP A 143 29.12 17.63 17.09
N LEU A 144 27.91 18.19 17.14
CA LEU A 144 27.52 19.23 16.20
C LEU A 144 28.40 20.46 16.34
N GLU A 145 29.03 20.66 17.50
CA GLU A 145 29.76 21.90 17.74
C GLU A 145 30.87 22.12 16.72
N ASN A 146 31.47 21.06 16.22
CA ASN A 146 32.58 21.20 15.29
C ASN A 146 32.15 21.48 13.86
N LEU A 147 30.87 21.31 13.53
CA LEU A 147 30.34 21.68 12.21
C LEU A 147 29.79 23.10 12.17
N LEU A 148 29.19 23.56 13.27
CA LEU A 148 28.48 24.83 13.24
C LEU A 148 29.39 25.99 12.91
N ASP A 149 28.88 26.92 12.12
CA ASP A 149 29.60 28.11 11.67
C ASP A 149 28.61 29.26 11.76
N PRO A 150 28.56 29.97 12.88
CA PRO A 150 27.49 30.97 13.06
C PRO A 150 27.51 32.10 12.06
N ASP A 151 28.59 32.27 11.30
CA ASP A 151 28.69 33.34 10.32
C ASP A 151 28.32 32.89 8.92
N ALA A 152 27.99 31.62 8.71
CA ALA A 152 27.75 31.11 7.37
C ALA A 152 26.63 31.88 6.69
N ARG A 153 26.96 32.53 5.58
CA ARG A 153 26.00 33.36 4.87
C ARG A 153 24.81 32.52 4.41
N VAL A 154 23.61 33.01 4.66
CA VAL A 154 22.38 32.36 4.22
C VAL A 154 22.05 32.92 2.84
N ASP A 155 21.92 32.04 1.85
CA ASP A 155 21.69 32.47 0.48
C ASP A 155 20.21 32.62 0.21
N THR A 156 19.81 33.81 -0.20
CA THR A 156 18.42 34.12 -0.51
C THR A 156 18.23 34.68 -1.90
N GLY A 157 19.16 34.45 -2.81
CA GLY A 157 19.06 34.96 -4.17
C GLY A 157 19.23 36.47 -4.24
N ALA A 199 27.13 -2.76 30.85
CA ALA A 199 27.06 -2.95 32.30
C ALA A 199 28.06 -2.05 33.02
N GLY A 200 27.76 -1.71 34.27
CA GLY A 200 28.55 -0.75 35.01
C GLY A 200 29.64 -1.39 35.86
N THR A 201 29.51 -1.29 37.17
CA THR A 201 30.52 -1.77 38.10
C THR A 201 29.87 -2.66 39.15
N GLU A 202 30.60 -3.69 39.57
CA GLU A 202 30.18 -4.59 40.63
C GLU A 202 31.27 -4.62 41.69
N ILE A 203 30.88 -4.54 42.96
CA ILE A 203 31.81 -4.51 44.07
C ILE A 203 31.44 -5.62 45.04
N ALA A 204 32.29 -6.63 45.14
CA ALA A 204 32.12 -7.71 46.09
C ALA A 204 32.95 -7.43 47.33
N ILE A 205 32.34 -7.61 48.49
CA ILE A 205 32.98 -7.31 49.77
C ILE A 205 33.19 -8.63 50.50
N ILE A 206 34.32 -8.75 51.18
CA ILE A 206 34.67 -9.97 51.89
C ILE A 206 34.84 -9.63 53.36
N LEU A 207 33.76 -9.69 54.11
CA LEU A 207 33.75 -9.27 55.50
C LEU A 207 34.39 -10.35 56.37
N ASP A 208 35.29 -9.93 57.25
CA ASP A 208 35.94 -10.86 58.17
C ASP A 208 35.35 -10.66 59.56
N GLY A 209 34.62 -11.66 60.05
CA GLY A 209 34.20 -11.71 61.44
C GLY A 209 34.68 -13.00 62.07
N SER A 210 35.86 -13.46 61.64
CA SER A 210 36.33 -14.80 61.94
C SER A 210 37.28 -14.81 63.14
N GLY A 211 36.69 -14.72 64.33
CA GLY A 211 37.47 -14.67 65.54
C GLY A 211 38.46 -13.53 65.48
N SER A 212 39.35 -13.43 66.46
CA SER A 212 40.35 -12.37 66.50
C SER A 212 39.73 -11.01 66.22
N ILE A 213 38.43 -10.86 66.49
CA ILE A 213 37.69 -9.64 66.20
C ILE A 213 36.67 -9.46 67.32
N ASP A 214 36.86 -8.42 68.13
CA ASP A 214 35.95 -8.13 69.23
C ASP A 214 34.66 -7.53 68.72
N PRO A 215 33.59 -7.57 69.51
CA PRO A 215 32.31 -6.99 69.07
C PRO A 215 32.44 -5.52 68.69
N PRO A 216 33.23 -4.73 69.42
CA PRO A 216 33.42 -3.33 68.99
C PRO A 216 34.03 -3.18 67.61
N ASP A 217 35.11 -3.92 67.32
CA ASP A 217 35.73 -3.82 66.01
C ASP A 217 34.79 -4.31 64.91
N PHE A 218 34.03 -5.37 65.20
CA PHE A 218 33.05 -5.87 64.24
C PHE A 218 31.98 -4.82 63.95
N GLN A 219 31.48 -4.14 64.99
CA GLN A 219 30.49 -3.10 64.80
C GLN A 219 31.06 -1.94 64.00
N ARG A 220 32.31 -1.56 64.29
CA ARG A 220 32.96 -0.52 63.49
C ARG A 220 33.01 -0.93 62.02
N ALA A 221 33.38 -2.18 61.76
CA ALA A 221 33.45 -2.65 60.38
C ALA A 221 32.08 -2.61 59.71
N LYS A 222 31.03 -2.99 60.43
CA LYS A 222 29.69 -2.95 59.86
C LYS A 222 29.31 -1.50 59.53
N ASP A 223 29.60 -0.56 60.42
CA ASP A 223 29.31 0.84 60.12
C ASP A 223 30.08 1.30 58.90
N PHE A 224 31.35 0.91 58.80
CA PHE A 224 32.17 1.31 57.67
C PHE A 224 31.57 0.80 56.36
N ILE A 225 31.23 -0.48 56.33
CA ILE A 225 30.71 -1.06 55.09
C ILE A 225 29.38 -0.43 54.72
N SER A 226 28.50 -0.17 55.70
CA SER A 226 27.21 0.42 55.40
C SER A 226 27.38 1.83 54.85
N ASN A 227 28.24 2.63 55.48
CA ASN A 227 28.46 3.99 54.99
C ASN A 227 29.07 3.96 53.60
N MET A 228 30.01 3.04 53.35
CA MET A 228 30.61 2.92 52.03
C MET A 228 29.58 2.57 50.97
N MET A 229 28.69 1.61 51.28
CA MET A 229 27.66 1.24 50.32
C MET A 229 26.75 2.41 50.01
N ARG A 230 26.30 3.13 51.04
CA ARG A 230 25.40 4.26 50.81
C ARG A 230 26.09 5.33 49.99
N ASN A 231 27.34 5.64 50.32
CA ASN A 231 28.06 6.69 49.62
C ASN A 231 28.22 6.30 48.15
N PHE A 232 28.54 5.03 47.90
CA PHE A 232 28.77 4.59 46.52
C PHE A 232 27.48 4.57 45.73
N TYR A 233 26.34 4.30 46.39
CA TYR A 233 25.08 4.34 45.68
C TYR A 233 24.72 5.77 45.33
N GLU A 234 25.06 6.72 46.19
CA GLU A 234 24.77 8.12 45.90
C GLU A 234 25.64 8.65 44.76
N LYS A 235 26.94 8.43 44.82
CA LYS A 235 27.82 8.98 43.79
C LYS A 235 27.93 8.08 42.56
N CYS A 236 27.50 6.83 42.63
CA CYS A 236 27.44 5.92 41.51
C CYS A 236 26.01 5.44 41.30
N PHE A 237 25.56 5.46 40.06
CA PHE A 237 24.22 4.97 39.77
C PHE A 237 24.24 3.50 39.42
N GLU A 238 25.00 3.12 38.41
CA GLU A 238 25.10 1.72 37.99
C GLU A 238 26.29 1.04 38.66
N CYS A 239 26.24 1.01 39.99
CA CYS A 239 27.19 0.30 40.82
C CYS A 239 26.42 -0.56 41.81
N ASN A 240 26.57 -1.88 41.69
CA ASN A 240 25.90 -2.83 42.57
C ASN A 240 26.90 -3.45 43.52
N PHE A 241 26.41 -4.29 44.43
CA PHE A 241 27.22 -4.84 45.50
C PHE A 241 26.87 -6.29 45.77
N ALA A 242 27.83 -7.00 46.37
CA ALA A 242 27.64 -8.31 46.94
C ALA A 242 28.50 -8.40 48.18
N LEU A 243 28.20 -9.36 49.06
CA LEU A 243 28.92 -9.47 50.33
C LEU A 243 29.10 -10.93 50.69
N VAL A 244 30.12 -11.22 51.48
CA VAL A 244 30.44 -12.57 51.89
C VAL A 244 31.12 -12.52 53.25
N GLN A 245 30.58 -13.24 54.22
CA GLN A 245 31.23 -13.43 55.51
C GLN A 245 31.83 -14.83 55.54
N TYR A 246 33.10 -14.91 55.91
CA TYR A 246 33.91 -16.11 55.71
C TYR A 246 34.57 -16.56 57.00
N GLY A 247 33.84 -16.53 58.11
CA GLY A 247 34.40 -17.04 59.34
C GLY A 247 34.21 -18.53 59.49
N GLY A 248 35.25 -19.28 59.13
CA GLY A 248 35.18 -20.73 59.17
C GLY A 248 34.42 -21.25 57.97
N VAL A 249 33.11 -21.02 57.97
CA VAL A 249 32.30 -21.27 56.80
C VAL A 249 32.30 -20.03 55.93
N ILE A 250 31.83 -20.18 54.70
CA ILE A 250 31.62 -19.07 53.77
C ILE A 250 30.13 -18.93 53.53
N GLN A 251 29.63 -17.70 53.59
CA GLN A 251 28.20 -17.43 53.57
C GLN A 251 27.93 -16.14 52.80
N THR A 252 27.30 -16.28 51.64
CA THR A 252 27.00 -15.15 50.77
C THR A 252 25.84 -14.37 51.39
N GLU A 253 26.19 -13.40 52.23
CA GLU A 253 25.16 -12.68 52.99
C GLU A 253 24.13 -12.06 52.05
N PHE A 254 24.57 -11.45 50.95
CA PHE A 254 23.63 -10.97 49.95
C PHE A 254 24.31 -10.91 48.60
N ASP A 255 23.48 -10.95 47.56
CA ASP A 255 23.92 -11.22 46.19
C ASP A 255 23.56 -10.04 45.29
N LEU A 256 24.06 -10.09 44.05
CA LEU A 256 23.92 -8.95 43.16
C LEU A 256 22.47 -8.69 42.79
N ARG A 257 21.68 -9.75 42.66
CA ARG A 257 20.26 -9.55 42.36
C ARG A 257 19.57 -8.74 43.45
N ASP A 258 19.90 -8.99 44.71
CA ASP A 258 19.32 -8.22 45.80
C ASP A 258 19.83 -6.79 45.81
N SER A 259 20.94 -6.52 45.13
CA SER A 259 21.50 -5.18 45.12
C SER A 259 20.59 -4.18 44.42
N GLN A 260 19.61 -4.66 43.65
CA GLN A 260 18.69 -3.75 42.98
C GLN A 260 17.80 -3.01 43.98
N ASP A 261 17.41 -3.66 45.07
CA ASP A 261 16.66 -3.02 46.16
C ASP A 261 17.68 -2.49 47.16
N VAL A 262 18.00 -1.20 47.05
CA VAL A 262 19.05 -0.63 47.88
C VAL A 262 18.67 -0.73 49.36
N MET A 263 17.42 -0.41 49.68
CA MET A 263 17.01 -0.38 51.08
C MET A 263 17.14 -1.74 51.73
N ALA A 264 16.72 -2.80 51.03
CA ALA A 264 16.81 -4.13 51.60
C ALA A 264 18.27 -4.50 51.88
N SER A 265 19.15 -4.23 50.93
CA SER A 265 20.56 -4.57 51.11
C SER A 265 21.17 -3.78 52.26
N LEU A 266 20.85 -2.50 52.36
CA LEU A 266 21.39 -1.69 53.46
C LEU A 266 20.90 -2.21 54.80
N ALA A 267 19.60 -2.50 54.90
CA ALA A 267 19.08 -3.04 56.15
C ALA A 267 19.75 -4.37 56.49
N ARG A 268 20.00 -5.19 55.48
CA ARG A 268 20.63 -6.48 55.72
C ARG A 268 22.08 -6.31 56.17
N VAL A 269 22.75 -5.26 55.70
CA VAL A 269 24.13 -5.04 56.11
C VAL A 269 24.21 -4.91 57.62
N GLN A 270 23.31 -4.13 58.22
CA GLN A 270 23.30 -3.97 59.66
C GLN A 270 22.80 -5.23 60.38
N ASN A 271 22.08 -6.10 59.68
CA ASN A 271 21.42 -7.23 60.31
C ASN A 271 22.25 -8.50 60.32
N ILE A 272 23.49 -8.46 59.83
CA ILE A 272 24.33 -9.64 59.80
C ILE A 272 25.05 -9.78 61.13
N THR A 273 25.22 -11.03 61.57
CA THR A 273 25.86 -11.33 62.85
C THR A 273 27.17 -12.05 62.61
N GLN A 274 28.13 -11.79 63.51
CA GLN A 274 29.44 -12.39 63.39
C GLN A 274 29.34 -13.90 63.43
N VAL A 275 30.17 -14.57 62.63
CA VAL A 275 30.15 -16.03 62.53
C VAL A 275 31.29 -16.62 63.34
N GLY A 276 32.36 -15.85 63.52
CA GLY A 276 33.45 -16.29 64.37
C GLY A 276 34.33 -17.35 63.71
N SER A 277 34.97 -18.16 64.56
CA SER A 277 35.85 -19.25 64.15
C SER A 277 37.13 -18.74 63.50
N VAL A 278 37.57 -19.36 62.40
CA VAL A 278 38.92 -19.16 61.89
C VAL A 278 38.88 -18.41 60.56
N THR A 279 40.00 -17.77 60.24
CA THR A 279 40.09 -16.85 59.11
C THR A 279 40.55 -17.60 57.86
N LYS A 280 39.58 -18.06 57.07
CA LYS A 280 39.86 -18.74 55.80
C LYS A 280 39.65 -17.75 54.65
N THR A 281 40.61 -16.84 54.51
CA THR A 281 40.44 -15.72 53.59
C THR A 281 40.59 -16.16 52.13
N ALA A 282 41.59 -16.99 51.84
CA ALA A 282 41.75 -17.48 50.48
C ALA A 282 40.53 -18.27 50.03
N SER A 283 40.00 -19.11 50.91
CA SER A 283 38.75 -19.80 50.62
C SER A 283 37.63 -18.79 50.37
N ALA A 284 37.65 -17.67 51.10
CA ALA A 284 36.65 -16.64 50.88
C ALA A 284 36.75 -16.08 49.46
N MET A 285 37.97 -15.82 49.00
CA MET A 285 38.14 -15.32 47.64
C MET A 285 37.64 -16.34 46.62
N GLN A 286 38.04 -17.60 46.80
CA GLN A 286 37.63 -18.63 45.85
C GLN A 286 36.11 -18.77 45.83
N HIS A 287 35.46 -18.63 46.99
CA HIS A 287 34.01 -18.67 47.03
C HIS A 287 33.40 -17.47 46.33
N VAL A 288 33.98 -16.28 46.53
CA VAL A 288 33.47 -15.09 45.85
C VAL A 288 33.55 -15.27 44.35
N LEU A 289 34.55 -16.04 43.90
CA LEU A 289 34.73 -16.23 42.47
C LEU A 289 33.89 -17.39 41.94
N ASP A 290 33.52 -18.33 42.82
CA ASP A 290 32.66 -19.43 42.40
C ASP A 290 31.17 -19.11 42.53
N SER A 291 30.80 -18.04 43.24
CA SER A 291 29.40 -17.68 43.41
C SER A 291 29.04 -16.30 42.88
N ILE A 292 29.94 -15.32 42.97
CA ILE A 292 29.67 -13.97 42.50
C ILE A 292 30.66 -13.66 41.38
N PHE A 293 30.23 -12.80 40.46
CA PHE A 293 30.81 -12.60 39.13
C PHE A 293 30.36 -13.67 38.14
N THR A 294 29.56 -14.64 38.59
CA THR A 294 29.07 -15.70 37.72
C THR A 294 27.68 -15.34 37.24
N SER A 295 27.46 -15.45 35.92
CA SER A 295 26.26 -14.88 35.33
C SER A 295 25.00 -15.58 35.81
N SER A 296 25.13 -16.75 36.43
CA SER A 296 23.95 -17.46 36.93
C SER A 296 23.28 -16.68 38.05
N HIS A 297 24.06 -16.07 38.95
CA HIS A 297 23.51 -15.37 40.10
C HIS A 297 23.11 -13.94 39.80
N GLY A 298 23.39 -13.43 38.61
CA GLY A 298 22.99 -12.09 38.21
C GLY A 298 24.09 -11.22 37.66
N SER A 299 25.36 -11.60 37.82
CA SER A 299 26.46 -10.76 37.35
C SER A 299 26.42 -10.61 35.84
N ARG A 300 26.95 -9.48 35.37
CA ARG A 300 27.05 -9.18 33.95
C ARG A 300 28.51 -9.21 33.54
N ARG A 301 28.78 -9.84 32.39
CA ARG A 301 30.16 -10.02 31.95
C ARG A 301 30.85 -8.70 31.68
N LYS A 302 30.12 -7.73 31.13
CA LYS A 302 30.73 -6.47 30.72
C LYS A 302 31.18 -5.63 31.91
N ALA A 303 30.49 -5.69 33.04
CA ALA A 303 30.75 -4.77 34.14
C ALA A 303 32.15 -4.95 34.69
N SER A 304 32.71 -3.86 35.20
CA SER A 304 33.95 -3.92 35.93
C SER A 304 33.76 -4.75 37.20
N LYS A 305 34.88 -5.10 37.83
CA LYS A 305 34.88 -6.00 38.97
C LYS A 305 35.86 -5.51 40.02
N VAL A 306 35.37 -5.28 41.23
CA VAL A 306 36.19 -4.79 42.34
C VAL A 306 35.99 -5.73 43.52
N MET A 307 36.90 -5.62 44.48
CA MET A 307 36.78 -6.36 45.74
C MET A 307 37.33 -5.51 46.88
N VAL A 308 36.81 -5.74 48.08
CA VAL A 308 37.23 -5.04 49.28
C VAL A 308 37.29 -6.08 50.41
N VAL A 309 38.48 -6.32 50.94
CA VAL A 309 38.74 -7.46 51.81
C VAL A 309 39.00 -6.93 53.21
N LEU A 310 38.04 -7.12 54.12
CA LEU A 310 38.15 -6.59 55.47
C LEU A 310 38.78 -7.61 56.40
N THR A 311 39.93 -8.13 55.97
CA THR A 311 40.63 -9.16 56.72
C THR A 311 41.39 -8.55 57.90
N ASP A 312 41.56 -9.36 58.94
CA ASP A 312 42.40 -8.98 60.08
C ASP A 312 43.84 -9.47 59.94
N GLY A 313 44.14 -10.27 58.92
CA GLY A 313 45.49 -10.75 58.69
C GLY A 313 45.84 -12.04 59.39
N GLY A 314 44.97 -12.55 60.25
CA GLY A 314 45.24 -13.79 60.97
C GLY A 314 44.79 -15.02 60.20
N ILE A 315 45.27 -15.16 58.97
CA ILE A 315 44.90 -16.31 58.16
C ILE A 315 45.45 -17.58 58.79
N PHE A 316 44.63 -18.63 58.82
CA PHE A 316 45.02 -19.89 59.43
C PHE A 316 43.98 -20.94 59.08
N GLU A 317 44.43 -22.20 59.01
CA GLU A 317 43.54 -23.32 58.71
C GLU A 317 42.85 -23.14 57.36
N ASP A 318 43.52 -22.47 56.43
CA ASP A 318 42.92 -22.20 55.13
C ASP A 318 43.02 -23.44 54.25
N PRO A 319 41.90 -24.03 53.81
CA PRO A 319 41.99 -25.23 52.98
C PRO A 319 42.71 -25.00 51.65
N LEU A 320 42.82 -23.77 51.19
CA LEU A 320 43.39 -23.46 49.90
C LEU A 320 44.71 -22.69 50.06
N ASN A 321 45.54 -22.75 49.03
CA ASN A 321 46.83 -22.06 49.03
C ASN A 321 46.62 -20.62 48.60
N LEU A 322 47.04 -19.68 49.45
CA LEU A 322 46.78 -18.27 49.18
C LEU A 322 47.47 -17.82 47.89
N THR A 323 48.73 -18.18 47.71
CA THR A 323 49.51 -17.62 46.61
C THR A 323 48.91 -18.02 45.26
N THR A 324 48.50 -19.28 45.12
CA THR A 324 47.97 -19.73 43.83
C THR A 324 46.59 -19.15 43.58
N VAL A 325 45.78 -19.01 44.64
CA VAL A 325 44.45 -18.45 44.48
C VAL A 325 44.54 -16.98 44.06
N ILE A 326 45.45 -16.23 44.68
CA ILE A 326 45.47 -14.78 44.48
C ILE A 326 45.84 -14.46 43.03
N ASN A 327 46.82 -15.15 42.47
CA ASN A 327 47.32 -14.85 41.13
C ASN A 327 46.62 -15.67 40.05
N SER A 328 45.61 -16.44 40.42
CA SER A 328 45.03 -17.39 39.49
C SER A 328 44.45 -16.67 38.28
N PRO A 329 44.40 -17.33 37.11
CA PRO A 329 43.88 -16.65 35.92
C PRO A 329 42.47 -16.12 36.11
N LYS A 330 41.63 -16.83 36.87
CA LYS A 330 40.28 -16.35 37.13
C LYS A 330 40.31 -15.01 37.87
N MET A 331 41.15 -14.90 38.90
CA MET A 331 41.32 -13.63 39.60
C MET A 331 41.77 -12.50 38.67
N GLN A 332 42.44 -12.82 37.58
CA GLN A 332 42.92 -11.78 36.67
C GLN A 332 41.74 -10.99 36.12
N GLY A 333 41.88 -9.66 36.12
CA GLY A 333 40.85 -8.78 35.65
C GLY A 333 39.98 -8.17 36.72
N VAL A 334 40.28 -8.42 38.00
CA VAL A 334 39.49 -7.93 39.12
C VAL A 334 40.42 -7.18 40.06
N GLU A 335 40.00 -5.99 40.48
CA GLU A 335 40.81 -5.21 41.40
C GLU A 335 40.75 -5.80 42.79
N ARG A 336 41.75 -5.49 43.60
CA ARG A 336 41.90 -6.07 44.94
C ARG A 336 42.27 -4.97 45.92
N PHE A 337 41.28 -4.45 46.64
CA PHE A 337 41.50 -3.45 47.66
C PHE A 337 41.49 -4.12 49.03
N ALA A 338 42.51 -3.85 49.83
CA ALA A 338 42.70 -4.56 51.08
C ALA A 338 42.74 -3.59 52.25
N ILE A 339 41.85 -3.83 53.22
CA ILE A 339 41.74 -3.03 54.43
C ILE A 339 42.17 -3.90 55.60
N GLY A 340 43.02 -3.35 56.47
CA GLY A 340 43.53 -4.12 57.59
C GLY A 340 42.78 -3.84 58.87
N VAL A 341 42.35 -4.91 59.54
CA VAL A 341 41.52 -4.81 60.73
C VAL A 341 42.35 -5.19 61.94
N GLY A 342 42.27 -4.38 63.00
CA GLY A 342 42.91 -4.69 64.27
C GLY A 342 44.29 -4.08 64.39
N GLU A 343 44.72 -3.94 65.64
CA GLU A 343 46.06 -3.44 65.96
C GLU A 343 47.13 -4.51 65.81
N GLU A 344 46.74 -5.79 65.75
CA GLU A 344 47.72 -6.87 65.66
C GLU A 344 48.29 -7.05 64.27
N PHE A 345 48.07 -6.10 63.36
CA PHE A 345 48.65 -6.15 62.02
C PHE A 345 49.92 -5.29 61.98
N LYS A 346 50.96 -5.81 62.65
CA LYS A 346 52.25 -5.14 62.66
C LYS A 346 53.40 -6.14 62.52
N SER A 347 53.12 -7.32 61.99
CA SER A 347 54.14 -8.33 61.75
C SER A 347 54.64 -8.24 60.31
N ALA A 348 55.88 -8.65 60.11
CA ALA A 348 56.44 -8.66 58.76
C ALA A 348 55.67 -9.62 57.86
N ARG A 349 55.37 -10.82 58.36
CA ARG A 349 54.65 -11.81 57.55
C ARG A 349 53.26 -11.30 57.20
N THR A 350 52.54 -10.74 58.17
CA THR A 350 51.20 -10.23 57.90
C THR A 350 51.26 -9.08 56.91
N ALA A 351 52.26 -8.20 57.05
CA ALA A 351 52.39 -7.09 56.12
C ALA A 351 52.62 -7.61 54.70
N ARG A 352 53.55 -8.55 54.54
CA ARG A 352 53.81 -9.09 53.21
C ARG A 352 52.59 -9.81 52.67
N GLU A 353 51.82 -10.45 53.54
CA GLU A 353 50.58 -11.08 53.10
C GLU A 353 49.63 -10.04 52.52
N LEU A 354 49.39 -8.96 53.27
CA LEU A 354 48.58 -7.88 52.74
C LEU A 354 49.12 -7.42 51.39
N ASN A 355 50.43 -7.19 51.31
CA ASN A 355 51.01 -6.68 50.07
C ASN A 355 50.73 -7.62 48.91
N LEU A 356 50.79 -8.92 49.16
CA LEU A 356 50.44 -9.90 48.13
C LEU A 356 48.97 -9.79 47.75
N ILE A 357 48.10 -9.61 48.74
CA ILE A 357 46.66 -9.59 48.47
C ILE A 357 46.29 -8.38 47.62
N ALA A 358 46.84 -7.22 47.96
CA ALA A 358 46.43 -5.98 47.32
C ALA A 358 46.93 -5.91 45.89
N SER A 359 46.33 -5.00 45.13
CA SER A 359 46.67 -4.83 43.73
C SER A 359 48.17 -4.56 43.57
N ASP A 360 48.64 -4.66 42.33
CA ASP A 360 50.07 -4.49 42.06
C ASP A 360 50.61 -3.16 42.55
N PRO A 361 49.99 -2.00 42.27
CA PRO A 361 50.44 -0.76 42.93
C PRO A 361 49.93 -0.71 44.36
N ASP A 362 50.68 -1.37 45.26
CA ASP A 362 50.19 -1.55 46.62
C ASP A 362 49.75 -0.24 47.24
N GLU A 363 50.53 0.81 47.08
CA GLU A 363 50.07 2.13 47.50
C GLU A 363 48.85 2.52 46.67
N THR A 364 47.85 3.09 47.36
CA THR A 364 46.50 3.43 46.89
C THR A 364 45.56 2.23 46.90
N HIS A 365 45.99 1.06 47.36
CA HIS A 365 45.11 -0.10 47.52
C HIS A 365 45.20 -0.73 48.90
N ALA A 366 46.39 -0.75 49.51
CA ALA A 366 46.58 -1.37 50.82
C ALA A 366 46.39 -0.33 51.91
N PHE A 367 45.84 -0.76 53.05
CA PHE A 367 45.49 0.14 54.14
C PHE A 367 45.58 -0.61 55.46
N LYS A 368 45.65 0.16 56.55
CA LYS A 368 45.77 -0.38 57.90
C LYS A 368 44.60 -0.01 58.79
N VAL A 369 43.88 1.06 58.50
CA VAL A 369 42.76 1.52 59.31
C VAL A 369 41.59 1.79 58.38
N THR A 370 40.38 1.77 58.95
CA THR A 370 39.16 2.09 58.21
C THR A 370 38.97 3.59 58.09
N ASN A 371 39.75 4.18 57.18
CA ASN A 371 39.55 5.57 56.81
C ASN A 371 38.37 5.68 55.86
N TYR A 372 37.45 6.59 56.17
CA TYR A 372 36.15 6.57 55.50
C TYR A 372 36.18 7.26 54.14
N MET A 373 37.33 7.79 53.74
CA MET A 373 37.51 8.32 52.38
C MET A 373 38.67 7.63 51.67
N ALA A 374 39.03 6.43 52.10
CA ALA A 374 40.12 5.69 51.46
C ALA A 374 39.75 5.23 50.05
N LEU A 375 38.46 5.18 49.72
CA LEU A 375 37.98 4.71 48.43
C LEU A 375 37.66 5.87 47.50
N ASP A 376 38.44 6.96 47.59
CA ASP A 376 38.23 8.10 46.73
C ASP A 376 38.43 7.73 45.26
N GLY A 377 39.36 6.82 44.97
CA GLY A 377 39.72 6.56 43.59
C GLY A 377 38.55 6.10 42.76
N LEU A 378 37.81 5.11 43.25
CA LEU A 378 36.65 4.62 42.51
C LEU A 378 35.51 5.61 42.57
N LEU A 379 35.35 6.30 43.71
CA LEU A 379 34.30 7.30 43.83
C LEU A 379 34.44 8.40 42.79
N SER A 380 35.67 8.74 42.40
CA SER A 380 35.91 9.76 41.38
C SER A 380 35.94 9.18 39.97
N LYS A 381 36.57 8.02 39.78
CA LYS A 381 36.68 7.43 38.44
C LYS A 381 35.30 7.09 37.89
N LEU A 382 34.41 6.59 38.74
CA LEU A 382 33.13 6.04 38.32
C LEU A 382 32.04 7.09 38.20
N ARG A 383 32.36 8.37 38.42
CA ARG A 383 31.35 9.41 38.35
C ARG A 383 30.73 9.46 36.96
N TYR A 384 29.42 9.73 36.93
CA TYR A 384 28.64 9.74 35.70
C TYR A 384 28.07 11.13 35.50
N ASN A 385 27.40 11.30 34.35
CA ASN A 385 26.73 12.54 34.00
C ASN A 385 25.32 12.24 33.55
N ILE A 386 24.36 13.06 33.98
CA ILE A 386 22.95 12.86 33.70
C ILE A 386 22.43 14.10 32.98
N ILE A 387 21.77 13.88 31.84
CA ILE A 387 21.12 14.96 31.13
C ILE A 387 19.82 15.30 31.84
N SER A 388 19.58 16.60 32.05
CA SER A 388 18.37 17.04 32.73
C SER A 388 17.15 16.39 32.11
N MET A 389 16.32 15.78 32.95
CA MET A 389 15.13 15.06 32.52
C MET A 389 13.93 15.60 33.27
N GLU A 390 12.76 15.06 32.93
CA GLU A 390 11.49 15.54 33.49
C GLU A 390 11.51 15.48 35.02
N GLY A 391 11.44 16.64 35.65
CA GLY A 391 11.36 16.73 37.09
C GLY A 391 12.67 16.61 37.82
N THR A 392 13.81 16.62 37.12
CA THR A 392 15.11 16.48 37.75
C THR A 392 16.09 17.47 37.12
N VAL A 393 17.18 17.73 37.85
CA VAL A 393 18.21 18.64 37.40
C VAL A 393 19.28 17.86 36.65
N GLY A 394 19.97 18.52 35.74
CA GLY A 394 21.00 17.88 34.96
C GLY A 394 21.56 18.82 33.91
N ASP A 395 22.37 18.23 33.02
CA ASP A 395 22.96 19.00 31.93
C ASP A 395 21.90 19.40 30.92
N ALA A 396 21.92 20.67 30.53
CA ALA A 396 20.88 21.21 29.66
C ALA A 396 20.88 20.48 28.31
N LEU A 397 19.68 20.32 27.76
CA LEU A 397 19.48 19.65 26.47
C LEU A 397 19.66 20.68 25.37
N HIS A 398 20.81 20.65 24.71
CA HIS A 398 21.12 21.59 23.63
C HIS A 398 20.98 20.97 22.26
N TYR A 399 21.74 19.90 21.99
CA TYR A 399 21.71 19.23 20.70
C TYR A 399 21.71 17.71 20.82
N GLN A 400 21.67 17.16 22.02
CA GLN A 400 21.85 15.72 22.18
C GLN A 400 20.74 14.95 21.48
N LEU A 401 19.50 15.38 21.64
CA LEU A 401 18.35 14.75 21.01
C LEU A 401 17.82 15.63 19.87
N ALA A 402 18.74 16.28 19.15
CA ALA A 402 18.34 17.24 18.13
C ALA A 402 17.54 16.60 17.01
N GLN A 403 17.82 15.34 16.70
CA GLN A 403 17.13 14.64 15.61
C GLN A 403 17.24 15.44 14.31
N ILE A 404 18.45 15.88 14.01
CA ILE A 404 18.68 16.58 12.75
C ILE A 404 18.43 15.64 11.60
N GLY A 405 17.80 16.15 10.55
CA GLY A 405 17.37 15.33 9.44
C GLY A 405 15.99 14.75 9.58
N PHE A 406 15.21 15.23 10.54
CA PHE A 406 13.84 14.76 10.71
C PHE A 406 13.00 15.11 9.48
N SER A 407 13.20 16.30 8.94
CA SER A 407 12.66 16.71 7.65
C SER A 407 13.82 17.27 6.84
N ALA A 408 13.72 17.18 5.52
CA ALA A 408 14.84 17.53 4.65
C ALA A 408 14.35 18.27 3.41
N GLN A 409 15.30 18.86 2.69
CA GLN A 409 15.01 19.61 1.48
C GLN A 409 16.33 19.89 0.79
N ILE A 410 16.36 19.76 -0.53
CA ILE A 410 17.59 19.96 -1.31
C ILE A 410 17.50 21.31 -2.00
N LEU A 411 18.49 22.17 -1.74
CA LEU A 411 18.49 23.52 -2.27
C LEU A 411 19.30 23.65 -3.57
N ASP A 412 20.54 23.18 -3.57
CA ASP A 412 21.35 23.21 -4.78
C ASP A 412 22.30 22.02 -4.72
N GLU A 413 23.33 22.03 -5.57
CA GLU A 413 24.21 20.88 -5.68
C GLU A 413 24.87 20.53 -4.35
N ARG A 414 25.04 21.51 -3.47
CA ARG A 414 25.77 21.32 -2.22
C ARG A 414 24.86 21.42 -1.00
N GLN A 415 24.09 22.49 -0.88
CA GLN A 415 23.42 22.81 0.37
C GLN A 415 22.11 22.06 0.51
N VAL A 416 21.77 21.76 1.77
CA VAL A 416 20.54 21.08 2.12
C VAL A 416 19.93 21.83 3.30
N LEU A 417 18.68 21.51 3.59
CA LEU A 417 17.96 22.07 4.72
C LEU A 417 17.38 20.94 5.55
N LEU A 418 17.60 21.00 6.85
CA LEU A 418 17.25 19.89 7.74
C LEU A 418 16.44 20.41 8.91
N GLY A 419 15.59 19.53 9.45
CA GLY A 419 14.79 19.87 10.61
C GLY A 419 15.41 19.33 11.88
N ALA A 420 15.33 20.13 12.93
CA ALA A 420 15.95 19.84 14.21
C ALA A 420 14.93 19.91 15.33
N VAL A 421 13.84 19.16 15.17
CA VAL A 421 12.68 19.24 16.05
C VAL A 421 13.07 19.21 17.53
N GLY A 422 14.10 18.45 17.87
CA GLY A 422 14.49 18.24 19.24
C GLY A 422 15.57 19.14 19.78
N ALA A 423 15.84 20.27 19.13
CA ALA A 423 16.95 21.11 19.54
C ALA A 423 16.52 22.09 20.62
N PHE A 424 17.30 22.16 21.70
CA PHE A 424 17.06 23.09 22.79
C PHE A 424 15.68 22.85 23.42
N ASP A 425 15.55 21.67 24.00
CA ASP A 425 14.36 21.31 24.77
C ASP A 425 13.13 21.25 23.88
N TRP A 426 13.31 20.72 22.67
CA TRP A 426 12.23 20.56 21.69
C TRP A 426 11.65 21.89 21.26
N SER A 427 12.43 22.96 21.34
CA SER A 427 12.05 24.19 20.64
C SER A 427 12.07 23.98 19.15
N GLY A 428 13.14 23.38 18.63
CA GLY A 428 13.25 23.09 17.21
C GLY A 428 14.24 23.98 16.52
N GLY A 429 14.17 23.94 15.20
CA GLY A 429 15.01 24.75 14.35
C GLY A 429 15.26 24.06 13.04
N ALA A 430 16.31 24.50 12.36
CA ALA A 430 16.73 23.89 11.11
C ALA A 430 18.21 24.14 10.91
N LEU A 431 18.86 23.23 10.22
CA LEU A 431 20.28 23.32 9.93
C LEU A 431 20.46 23.48 8.43
N LEU A 432 21.10 24.57 8.02
CA LEU A 432 21.43 24.83 6.63
C LEU A 432 22.84 24.31 6.41
N TYR A 433 22.94 23.07 5.95
CA TYR A 433 24.18 22.33 5.90
C TYR A 433 24.79 22.45 4.50
N ASP A 434 26.10 22.67 4.45
CA ASP A 434 26.86 22.74 3.20
C ASP A 434 27.65 21.45 3.08
N THR A 435 27.26 20.59 2.14
CA THR A 435 27.79 19.23 2.11
C THR A 435 29.24 19.19 1.69
N ARG A 436 29.64 20.02 0.73
CA ARG A 436 31.00 19.97 0.22
C ARG A 436 32.01 20.54 1.20
N SER A 437 31.63 21.56 1.98
CA SER A 437 32.51 22.13 2.99
C SER A 437 32.31 21.53 4.37
N ARG A 438 31.23 20.77 4.57
CA ARG A 438 30.94 20.14 5.85
C ARG A 438 30.80 21.17 6.97
N ARG A 439 30.14 22.28 6.66
CA ARG A 439 29.85 23.31 7.65
C ARG A 439 28.41 23.72 7.54
N GLY A 440 27.74 23.81 8.70
CA GLY A 440 26.33 24.15 8.73
C GLY A 440 26.10 25.36 9.61
N ARG A 441 24.90 25.91 9.50
CA ARG A 441 24.44 27.00 10.36
C ARG A 441 23.08 26.64 10.94
N PHE A 442 22.93 26.81 12.25
CA PHE A 442 21.68 26.52 12.92
C PHE A 442 20.81 27.76 12.94
N LEU A 443 19.52 27.58 12.70
CA LEU A 443 18.57 28.68 12.57
C LEU A 443 17.33 28.34 13.39
N ASN A 444 17.00 29.18 14.37
CA ASN A 444 15.85 28.96 15.22
C ASN A 444 15.21 30.29 15.58
N GLN A 445 14.21 30.22 16.44
CA GLN A 445 13.51 31.41 16.90
C GLN A 445 14.33 32.13 17.97
N THR A 446 14.37 33.45 17.90
CA THR A 446 15.14 34.23 18.86
C THR A 446 14.41 34.32 20.20
N ALA A 447 15.18 34.26 21.28
CA ALA A 447 14.66 34.42 22.63
C ALA A 447 15.46 35.53 23.31
N ALA A 448 14.75 36.51 23.88
CA ALA A 448 15.39 37.65 24.51
C ALA A 448 15.56 37.48 26.01
N ALA A 449 14.77 36.62 26.64
CA ALA A 449 14.84 36.40 28.08
C ALA A 449 14.43 34.97 28.39
N ALA A 450 14.69 34.55 29.62
CA ALA A 450 14.37 33.19 30.02
C ALA A 450 12.89 32.87 29.79
N ALA A 451 12.01 33.86 30.01
CA ALA A 451 10.59 33.63 29.81
C ALA A 451 10.31 33.28 28.35
N ASP A 452 10.93 34.00 27.41
CA ASP A 452 10.72 33.69 26.00
C ASP A 452 11.23 32.31 25.66
N ALA A 453 12.41 31.94 26.19
CA ALA A 453 12.97 30.63 25.90
C ALA A 453 12.07 29.52 26.42
N GLU A 454 11.57 29.65 27.65
CA GLU A 454 10.72 28.62 28.22
C GLU A 454 9.33 28.61 27.59
N ALA A 455 8.90 29.72 27.00
CA ALA A 455 7.60 29.75 26.35
C ALA A 455 7.61 29.04 25.01
N ALA A 456 8.76 28.98 24.33
CA ALA A 456 8.85 28.40 23.01
C ALA A 456 9.22 26.92 23.03
N GLN A 457 9.40 26.33 24.20
CA GLN A 457 9.75 24.92 24.27
C GLN A 457 8.60 24.04 23.81
N TYR A 458 8.94 22.86 23.31
CA TYR A 458 7.96 21.86 22.88
C TYR A 458 7.03 22.42 21.80
N SER A 459 7.60 23.17 20.87
CA SER A 459 6.87 23.62 19.68
C SER A 459 7.10 22.73 18.49
N TYR A 460 8.18 21.95 18.48
CA TYR A 460 8.51 21.06 17.37
C TYR A 460 8.71 21.85 16.08
N LEU A 461 9.48 22.93 16.15
CA LEU A 461 9.85 23.64 14.93
C LEU A 461 10.85 22.81 14.16
N GLY A 462 10.72 22.80 12.84
CA GLY A 462 11.48 21.90 12.00
C GLY A 462 10.83 20.56 11.77
N TYR A 463 9.58 20.37 12.22
CA TYR A 463 8.85 19.15 11.92
C TYR A 463 8.73 18.96 10.41
N ALA A 464 8.41 20.04 9.68
CA ALA A 464 8.38 20.03 8.23
C ALA A 464 9.08 21.28 7.74
N VAL A 465 9.85 21.14 6.67
CA VAL A 465 10.58 22.25 6.07
C VAL A 465 10.24 22.33 4.60
N ALA A 466 10.29 23.53 4.06
CA ALA A 466 10.00 23.76 2.65
C ALA A 466 10.71 25.03 2.21
N VAL A 467 10.52 25.37 0.94
CA VAL A 467 11.16 26.53 0.34
C VAL A 467 10.17 27.21 -0.60
N LEU A 468 10.26 28.53 -0.71
CA LEU A 468 9.36 29.31 -1.54
C LEU A 468 10.18 30.12 -2.54
N HIS A 469 9.76 30.10 -3.80
CA HIS A 469 10.44 30.81 -4.88
C HIS A 469 9.66 32.08 -5.18
N LYS A 470 10.26 33.22 -4.89
CA LYS A 470 9.68 34.51 -5.20
C LYS A 470 10.22 34.98 -6.55
N THR A 471 9.97 36.25 -6.89
CA THR A 471 10.37 36.76 -8.19
C THR A 471 11.86 36.57 -8.43
N CYS A 472 12.70 37.01 -7.49
CA CYS A 472 14.15 36.93 -7.65
C CYS A 472 14.83 36.56 -6.35
N SER A 473 14.15 35.81 -5.48
CA SER A 473 14.69 35.48 -4.17
C SER A 473 14.10 34.16 -3.69
N LEU A 474 14.57 33.72 -2.53
CA LEU A 474 14.11 32.51 -1.87
C LEU A 474 13.62 32.84 -0.46
N SER A 475 12.89 31.91 0.12
CA SER A 475 12.40 32.06 1.50
C SER A 475 12.16 30.67 2.07
N TYR A 476 12.88 30.35 3.14
CA TYR A 476 12.68 29.09 3.83
C TYR A 476 11.55 29.22 4.86
N ILE A 477 10.77 28.15 5.00
CA ILE A 477 9.68 28.11 5.96
C ILE A 477 9.74 26.78 6.70
N ALA A 478 9.15 26.76 7.90
CA ALA A 478 9.16 25.58 8.74
C ALA A 478 7.80 25.41 9.39
N GLY A 479 7.54 24.21 9.89
CA GLY A 479 6.30 23.92 10.59
C GLY A 479 6.56 23.70 12.07
N ALA A 480 5.65 24.20 12.90
CA ALA A 480 5.71 24.06 14.34
C ALA A 480 4.34 23.62 14.82
N PRO A 481 3.98 22.35 14.62
CA PRO A 481 2.61 21.92 14.88
C PRO A 481 2.16 22.13 16.31
N ARG A 482 3.07 22.12 17.27
CA ARG A 482 2.72 22.27 18.68
C ARG A 482 2.86 23.70 19.17
N TYR A 483 3.14 24.65 18.29
CA TYR A 483 3.36 26.03 18.70
C TYR A 483 2.14 26.54 19.45
N LYS A 484 2.38 27.28 20.52
CA LYS A 484 1.33 27.54 21.50
C LYS A 484 0.65 26.20 21.76
N HIS A 485 -0.53 25.96 21.20
CA HIS A 485 -1.09 24.63 21.22
C HIS A 485 -1.83 24.24 19.96
N HIS A 486 -1.84 25.08 18.92
CA HIS A 486 -2.61 24.81 17.72
C HIS A 486 -1.75 24.68 16.47
N GLY A 487 -0.50 25.12 16.50
CA GLY A 487 0.38 25.03 15.35
C GLY A 487 0.67 26.39 14.75
N ALA A 488 1.71 26.42 13.92
CA ALA A 488 2.11 27.65 13.24
C ALA A 488 3.06 27.28 12.10
N VAL A 489 3.29 28.25 11.22
CA VAL A 489 4.26 28.15 10.15
C VAL A 489 5.18 29.35 10.27
N PHE A 490 6.48 29.12 10.22
CA PHE A 490 7.49 30.15 10.39
C PHE A 490 8.13 30.49 9.05
N GLU A 491 8.84 31.62 9.01
CA GLU A 491 9.57 32.04 7.83
C GLU A 491 10.87 32.69 8.26
N LEU A 492 11.94 32.45 7.51
CA LEU A 492 13.26 32.95 7.88
C LEU A 492 13.38 34.39 7.41
N GLN A 493 13.28 35.34 8.34
CA GLN A 493 13.31 36.76 8.02
C GLN A 493 14.71 37.29 8.27
N LYS A 494 15.60 36.98 7.33
CA LYS A 494 16.93 37.54 7.32
C LYS A 494 16.86 39.07 7.36
N GLU A 495 17.48 39.66 8.37
CA GLU A 495 17.50 41.11 8.52
C GLU A 495 18.90 41.70 8.37
N GLY A 496 19.93 40.87 8.36
CA GLY A 496 21.31 41.33 8.26
C GLY A 496 22.25 40.19 8.55
N ARG A 497 23.17 40.38 9.49
CA ARG A 497 24.00 39.26 9.94
C ARG A 497 23.17 38.15 10.57
N GLU A 498 22.08 38.48 11.25
CA GLU A 498 21.28 37.51 11.98
C GLU A 498 20.03 37.15 11.19
N ALA A 499 19.74 35.85 11.12
CA ALA A 499 18.54 35.35 10.47
C ALA A 499 17.81 34.43 11.43
N SER A 500 16.50 34.65 11.60
CA SER A 500 15.74 33.92 12.59
C SER A 500 14.35 33.63 12.05
N PHE A 501 13.72 32.60 12.60
CA PHE A 501 12.37 32.23 12.21
C PHE A 501 11.36 33.06 12.99
N LEU A 502 10.43 33.67 12.25
CA LEU A 502 9.36 34.45 12.86
C LEU A 502 8.01 33.96 12.35
N PRO A 503 7.04 33.77 13.25
CA PRO A 503 5.80 33.10 12.84
C PRO A 503 4.91 33.98 11.97
N VAL A 504 4.41 33.38 10.90
CA VAL A 504 3.58 34.10 9.93
C VAL A 504 2.16 33.55 9.81
N LEU A 505 1.93 32.27 10.12
CA LEU A 505 0.59 31.69 10.07
C LEU A 505 0.37 30.87 11.32
N GLU A 506 -0.87 30.91 11.83
CA GLU A 506 -1.20 30.20 13.05
C GLU A 506 -2.49 29.40 12.84
N GLY A 507 -2.54 28.22 13.45
CA GLY A 507 -3.75 27.44 13.45
C GLY A 507 -4.77 27.98 14.43
N GLU A 508 -5.95 27.36 14.45
CA GLU A 508 -7.04 27.85 15.26
C GLU A 508 -7.53 26.85 16.30
N GLN A 509 -7.20 25.58 16.18
CA GLN A 509 -7.72 24.56 17.10
C GLN A 509 -6.58 23.84 17.79
N MET A 510 -6.83 23.47 19.04
CA MET A 510 -5.84 22.74 19.82
C MET A 510 -5.72 21.31 19.33
N GLY A 511 -4.49 20.84 19.14
CA GLY A 511 -4.25 19.48 18.75
C GLY A 511 -4.49 19.18 17.29
N SER A 512 -4.83 20.18 16.49
CA SER A 512 -5.05 19.98 15.06
C SER A 512 -3.75 19.78 14.30
N TYR A 513 -2.60 20.11 14.90
CA TYR A 513 -1.31 19.93 14.27
C TYR A 513 -1.21 20.74 12.98
N PHE A 514 -1.62 22.00 13.06
CA PHE A 514 -1.43 22.92 11.95
C PHE A 514 0.04 23.10 11.66
N GLY A 515 0.41 23.01 10.39
CA GLY A 515 1.79 23.13 9.99
C GLY A 515 2.57 21.85 9.99
N SER A 516 1.91 20.70 10.12
CA SER A 516 2.61 19.43 10.05
C SER A 516 2.98 19.06 8.62
N GLU A 517 2.29 19.64 7.64
CA GLU A 517 2.56 19.40 6.23
C GLU A 517 2.57 20.71 5.48
N LEU A 518 3.55 20.89 4.61
CA LEU A 518 3.68 22.07 3.77
C LEU A 518 3.74 21.64 2.32
N CYS A 519 3.21 22.47 1.43
CA CYS A 519 3.14 22.11 0.02
C CYS A 519 3.00 23.34 -0.86
N PRO A 520 4.08 24.02 -1.20
CA PRO A 520 3.99 25.11 -2.17
C PRO A 520 3.60 24.59 -3.55
N VAL A 521 2.90 25.43 -4.29
CA VAL A 521 2.40 25.08 -5.61
C VAL A 521 2.68 26.23 -6.56
N ASP A 522 3.31 25.92 -7.69
CA ASP A 522 3.56 26.89 -8.75
C ASP A 522 2.67 26.51 -9.92
N ILE A 523 1.46 27.06 -9.94
CA ILE A 523 0.44 26.59 -10.86
C ILE A 523 0.91 26.75 -12.31
N ASP A 524 1.46 27.91 -12.63
CA ASP A 524 1.87 28.17 -14.01
C ASP A 524 3.27 27.68 -14.33
N MET A 525 4.01 27.17 -13.35
CA MET A 525 5.34 26.61 -13.58
C MET A 525 6.30 27.64 -14.15
N ASP A 526 6.17 28.89 -13.73
CA ASP A 526 7.04 29.97 -14.20
C ASP A 526 8.26 30.17 -13.32
N GLY A 527 8.39 29.43 -12.22
CA GLY A 527 9.49 29.60 -11.29
C GLY A 527 9.18 30.45 -10.07
N SER A 528 7.91 30.76 -9.81
CA SER A 528 7.52 31.54 -8.65
C SER A 528 6.29 30.91 -8.02
N THR A 529 6.38 30.57 -6.74
CA THR A 529 5.28 29.94 -6.04
C THR A 529 4.08 30.87 -6.01
N ASP A 530 2.89 30.30 -6.21
CA ASP A 530 1.66 31.05 -6.25
C ASP A 530 0.70 30.72 -5.12
N PHE A 531 0.88 29.58 -4.46
CA PHE A 531 0.05 29.20 -3.32
C PHE A 531 0.91 28.40 -2.35
N LEU A 532 0.41 28.27 -1.12
CA LEU A 532 1.03 27.45 -0.10
C LEU A 532 -0.05 26.69 0.66
N LEU A 533 -0.06 25.38 0.53
CA LEU A 533 -1.02 24.53 1.21
C LEU A 533 -0.44 24.11 2.55
N VAL A 534 -1.22 24.30 3.61
CA VAL A 534 -0.82 23.95 4.97
C VAL A 534 -1.90 23.07 5.57
N ALA A 535 -1.51 21.91 6.09
CA ALA A 535 -2.45 20.89 6.51
C ALA A 535 -2.62 20.87 8.03
N ALA A 536 -3.80 20.42 8.46
CA ALA A 536 -4.14 20.23 9.86
C ALA A 536 -4.82 18.87 9.99
N PRO A 537 -4.03 17.79 9.94
CA PRO A 537 -4.63 16.48 9.70
C PRO A 537 -5.62 16.03 10.76
N PHE A 538 -5.50 16.53 11.98
CA PHE A 538 -6.26 16.02 13.12
C PHE A 538 -7.39 16.95 13.53
N TYR A 539 -7.79 17.86 12.64
CA TYR A 539 -8.87 18.79 12.97
C TYR A 539 -10.13 18.01 13.35
N HIS A 540 -10.86 18.52 14.34
CA HIS A 540 -11.95 17.78 14.97
C HIS A 540 -13.25 18.53 14.79
N VAL A 541 -14.25 17.86 14.22
CA VAL A 541 -15.63 18.32 14.16
C VAL A 541 -16.56 17.34 14.84
N HIS A 542 -16.44 16.06 14.50
CA HIS A 542 -17.00 14.95 15.25
C HIS A 542 -15.98 13.88 15.58
N GLY A 543 -15.02 13.64 14.68
CA GLY A 543 -13.89 12.79 14.96
C GLY A 543 -12.60 13.49 14.63
N GLU A 544 -11.77 12.91 13.76
CA GLU A 544 -10.58 13.58 13.23
C GLU A 544 -10.77 13.67 11.73
N GLU A 545 -11.45 14.73 11.29
CA GLU A 545 -11.75 14.89 9.87
C GLU A 545 -10.56 15.40 9.09
N GLY A 546 -9.76 16.29 9.68
CA GLY A 546 -8.72 16.97 8.95
C GLY A 546 -9.22 18.22 8.26
N ARG A 547 -8.27 19.03 7.79
CA ARG A 547 -8.59 20.28 7.14
C ARG A 547 -7.31 20.83 6.51
N VAL A 548 -7.45 21.43 5.33
CA VAL A 548 -6.31 21.99 4.60
C VAL A 548 -6.60 23.46 4.35
N TYR A 549 -5.56 24.28 4.41
CA TYR A 549 -5.66 25.72 4.21
C TYR A 549 -4.86 26.11 2.98
N VAL A 550 -5.47 26.86 2.07
CA VAL A 550 -4.80 27.34 0.87
C VAL A 550 -4.51 28.81 1.08
N TYR A 551 -3.26 29.21 0.87
CA TYR A 551 -2.83 30.57 1.06
C TYR A 551 -2.30 31.12 -0.24
N ARG A 552 -2.62 32.37 -0.54
CA ARG A 552 -2.18 33.02 -1.77
C ARG A 552 -1.04 33.97 -1.45
N LEU A 553 0.09 33.77 -2.12
CA LEU A 553 1.28 34.58 -1.89
C LEU A 553 1.20 35.81 -2.79
N SER A 554 1.12 36.99 -2.16
CA SER A 554 1.09 38.22 -2.93
C SER A 554 2.34 38.33 -3.79
N GLU A 555 2.17 38.86 -5.00
CA GLU A 555 3.27 38.94 -5.95
C GLU A 555 4.26 40.04 -5.59
N GLN A 556 3.86 41.00 -4.75
CA GLN A 556 4.70 42.14 -4.41
C GLN A 556 5.35 41.99 -3.04
N ASP A 557 4.55 41.72 -2.01
CA ASP A 557 5.04 41.70 -0.64
C ASP A 557 5.47 40.31 -0.17
N GLY A 558 5.00 39.25 -0.82
CA GLY A 558 5.23 37.91 -0.33
C GLY A 558 4.36 37.53 0.84
N SER A 559 3.31 38.30 1.12
CA SER A 559 2.44 38.03 2.23
C SER A 559 1.49 36.88 1.93
N PHE A 560 0.88 36.33 2.97
CA PHE A 560 -0.04 35.21 2.87
C PHE A 560 -1.45 35.71 3.17
N SER A 561 -2.39 35.38 2.28
CA SER A 561 -3.78 35.71 2.47
C SER A 561 -4.62 34.45 2.26
N LEU A 562 -5.43 34.11 3.26
CA LEU A 562 -6.26 32.92 3.16
C LEU A 562 -7.15 33.01 1.94
N ALA A 563 -7.23 31.92 1.20
CA ALA A 563 -8.03 31.85 -0.02
C ALA A 563 -9.15 30.84 0.07
N ARG A 564 -8.92 29.69 0.70
CA ARG A 564 -9.95 28.67 0.81
C ARG A 564 -9.59 27.72 1.94
N ILE A 565 -10.56 26.92 2.35
CA ILE A 565 -10.37 25.86 3.33
C ILE A 565 -10.93 24.58 2.73
N LEU A 566 -10.05 23.67 2.33
CA LEU A 566 -10.45 22.41 1.73
C LEU A 566 -10.84 21.43 2.83
N SER A 567 -11.93 20.70 2.60
CA SER A 567 -12.38 19.66 3.51
C SER A 567 -12.78 18.45 2.71
N GLY A 568 -12.68 17.28 3.33
CA GLY A 568 -12.93 16.04 2.65
C GLY A 568 -14.40 15.79 2.41
N HIS A 569 -14.68 14.61 1.89
CA HIS A 569 -16.04 14.25 1.53
C HIS A 569 -16.91 14.17 2.79
N PRO A 570 -18.07 14.80 2.82
CA PRO A 570 -18.93 14.70 3.99
C PRO A 570 -19.39 13.27 4.22
N GLY A 571 -19.56 12.92 5.50
CA GLY A 571 -20.00 11.60 5.89
C GLY A 571 -18.94 10.75 6.55
N PHE A 572 -17.69 11.16 6.54
CA PHE A 572 -16.60 10.43 7.17
C PHE A 572 -16.03 11.28 8.30
N THR A 573 -16.20 10.81 9.52
CA THR A 573 -15.72 11.53 10.70
C THR A 573 -14.29 11.17 11.06
N ASN A 574 -13.67 10.25 10.33
CA ASN A 574 -12.32 9.78 10.61
C ASN A 574 -11.46 9.78 9.35
N ALA A 575 -11.43 10.91 8.63
CA ALA A 575 -10.72 10.94 7.35
C ALA A 575 -9.22 11.17 7.54
N ARG A 576 -8.83 12.19 8.30
CA ARG A 576 -7.45 12.67 8.34
C ARG A 576 -7.05 13.33 7.01
N PHE A 577 -7.96 14.12 6.47
CA PHE A 577 -7.70 14.88 5.26
C PHE A 577 -6.54 15.83 5.48
N GLY A 578 -5.54 15.75 4.61
CA GLY A 578 -4.37 16.60 4.69
C GLY A 578 -3.15 15.96 5.29
N PHE A 579 -3.19 14.66 5.59
CA PHE A 579 -2.04 14.01 6.19
C PHE A 579 -0.87 13.95 5.21
N ALA A 580 -1.18 13.77 3.93
CA ALA A 580 -0.18 13.74 2.87
C ALA A 580 -0.63 14.62 1.72
N MET A 581 0.30 15.39 1.18
CA MET A 581 0.01 16.34 0.13
C MET A 581 1.21 16.43 -0.80
N ALA A 582 0.93 16.61 -2.09
CA ALA A 582 2.00 16.68 -3.06
C ALA A 582 1.54 17.43 -4.30
N ALA A 583 2.45 18.13 -4.93
CA ALA A 583 2.21 18.75 -6.23
C ALA A 583 2.59 17.75 -7.31
N MET A 584 1.59 17.25 -8.03
CA MET A 584 1.74 16.11 -8.92
C MET A 584 2.14 16.51 -10.33
N GLY A 585 2.83 17.64 -10.51
CA GLY A 585 3.16 18.05 -11.85
C GLY A 585 1.88 18.27 -12.63
N ASP A 586 1.99 18.18 -13.95
CA ASP A 586 0.85 18.40 -14.84
C ASP A 586 0.35 17.05 -15.34
N LEU A 587 -0.83 16.66 -14.88
CA LEU A 587 -1.47 15.43 -15.33
C LEU A 587 -2.46 15.65 -16.46
N SER A 588 -3.28 16.68 -16.38
CA SER A 588 -4.37 16.88 -17.33
C SER A 588 -3.92 17.57 -18.61
N GLN A 589 -2.63 17.54 -18.92
CA GLN A 589 -2.09 18.04 -20.18
C GLN A 589 -2.38 19.52 -20.40
N ASP A 590 -2.75 20.27 -19.37
CA ASP A 590 -3.16 21.66 -19.52
C ASP A 590 -2.05 22.65 -19.18
N LYS A 591 -0.84 22.19 -18.90
CA LYS A 591 0.30 23.03 -18.59
C LYS A 591 0.14 23.75 -17.25
N LEU A 592 -0.79 23.33 -16.42
CA LEU A 592 -1.00 23.88 -15.08
C LEU A 592 -0.86 22.77 -14.06
N THR A 593 -0.17 23.06 -12.96
CA THR A 593 0.11 22.05 -11.95
C THR A 593 -1.16 21.62 -11.24
N ASP A 594 -1.25 20.32 -10.99
CA ASP A 594 -2.36 19.74 -10.24
C ASP A 594 -1.81 19.21 -8.91
N VAL A 595 -2.71 19.11 -7.93
CA VAL A 595 -2.34 18.77 -6.56
C VAL A 595 -3.15 17.56 -6.12
N ALA A 596 -2.62 16.84 -5.14
CA ALA A 596 -3.28 15.68 -4.57
C ALA A 596 -3.19 15.74 -3.06
N ILE A 597 -4.31 15.44 -2.39
CA ILE A 597 -4.39 15.39 -0.94
C ILE A 597 -4.74 13.97 -0.54
N GLY A 598 -4.35 13.57 0.66
CA GLY A 598 -4.56 12.21 1.12
C GLY A 598 -5.36 12.14 2.41
N ALA A 599 -6.28 11.19 2.46
CA ALA A 599 -7.14 10.95 3.62
C ALA A 599 -7.07 9.47 3.98
N PRO A 600 -6.00 9.06 4.67
CA PRO A 600 -5.76 7.62 4.83
C PRO A 600 -6.80 6.90 5.68
N LEU A 601 -7.51 7.57 6.57
CA LEU A 601 -8.42 6.90 7.49
C LEU A 601 -9.85 6.86 6.98
N GLU A 602 -10.09 7.19 5.72
CA GLU A 602 -11.45 7.24 5.21
C GLU A 602 -12.01 5.83 5.03
N GLY A 603 -13.04 5.49 5.80
CA GLY A 603 -13.66 4.18 5.69
C GLY A 603 -13.07 3.11 6.58
N PHE A 604 -12.36 3.50 7.64
CA PHE A 604 -11.76 2.53 8.54
C PHE A 604 -12.83 1.98 9.48
N GLY A 605 -13.03 0.66 9.43
CA GLY A 605 -13.94 0.03 10.37
C GLY A 605 -15.37 -0.08 9.89
N ALA A 606 -15.87 0.99 9.26
CA ALA A 606 -17.24 0.99 8.77
C ALA A 606 -17.43 -0.10 7.73
N ASP A 607 -18.61 -0.72 7.77
CA ASP A 607 -18.96 -1.78 6.83
C ASP A 607 -17.93 -2.92 6.90
N ASP A 608 -17.58 -3.50 5.76
CA ASP A 608 -16.61 -4.59 5.75
C ASP A 608 -15.26 -4.11 6.26
N GLY A 609 -14.82 -2.93 5.82
CA GLY A 609 -13.53 -2.41 6.24
C GLY A 609 -12.34 -3.12 5.63
N ALA A 610 -12.52 -3.83 4.52
CA ALA A 610 -11.41 -4.55 3.92
C ALA A 610 -10.31 -3.59 3.47
N SER A 611 -10.71 -2.48 2.85
CA SER A 611 -9.76 -1.47 2.40
C SER A 611 -10.27 -0.10 2.79
N PHE A 612 -9.37 0.85 3.00
CA PHE A 612 -9.79 2.19 3.34
C PHE A 612 -8.69 3.17 2.95
N GLY A 613 -9.08 4.43 2.87
CA GLY A 613 -8.22 5.51 2.41
C GLY A 613 -8.77 6.16 1.16
N SER A 614 -8.30 7.38 0.90
CA SER A 614 -8.74 8.13 -0.27
C SER A 614 -7.62 9.07 -0.71
N VAL A 615 -7.68 9.47 -1.96
CA VAL A 615 -6.83 10.52 -2.50
C VAL A 615 -7.69 11.42 -3.37
N TYR A 616 -7.57 12.72 -3.17
CA TYR A 616 -8.36 13.72 -3.88
C TYR A 616 -7.47 14.45 -4.86
N ILE A 617 -7.88 14.50 -6.13
CA ILE A 617 -7.14 15.20 -7.17
C ILE A 617 -7.82 16.53 -7.41
N TYR A 618 -7.09 17.62 -7.17
CA TYR A 618 -7.52 18.97 -7.47
C TYR A 618 -6.72 19.47 -8.66
N ASN A 619 -7.38 20.17 -9.57
CA ASN A 619 -6.71 20.65 -10.77
C ASN A 619 -6.31 22.11 -10.62
N GLY A 620 -5.39 22.54 -11.48
CA GLY A 620 -4.92 23.91 -11.46
C GLY A 620 -5.66 24.77 -12.46
N HIS A 621 -5.88 26.02 -12.08
CA HIS A 621 -6.53 27.02 -12.91
C HIS A 621 -5.73 28.30 -12.85
N TRP A 622 -5.90 29.14 -13.87
CA TRP A 622 -5.21 30.42 -13.87
C TRP A 622 -5.50 31.19 -12.58
N ASP A 623 -6.75 31.11 -12.11
CA ASP A 623 -7.12 31.70 -10.83
C ASP A 623 -6.37 31.04 -9.68
N GLY A 624 -6.25 29.71 -9.67
CA GLY A 624 -5.67 28.97 -8.58
C GLY A 624 -6.26 27.59 -8.52
N LEU A 625 -6.33 27.04 -7.31
CA LEU A 625 -6.85 25.70 -7.15
C LEU A 625 -8.35 25.67 -7.35
N SER A 626 -8.87 24.50 -7.69
CA SER A 626 -10.29 24.34 -7.94
C SER A 626 -11.08 24.49 -6.64
N ALA A 627 -12.40 24.42 -6.78
CA ALA A 627 -13.28 24.51 -5.62
C ALA A 627 -13.64 23.13 -5.08
N SER A 628 -13.75 22.14 -5.95
CA SER A 628 -14.04 20.77 -5.57
C SER A 628 -13.10 19.82 -6.29
N PRO A 629 -12.84 18.65 -5.72
CA PRO A 629 -11.92 17.71 -6.37
C PRO A 629 -12.48 17.15 -7.66
N SER A 630 -11.61 17.10 -8.68
CA SER A 630 -11.97 16.53 -9.97
C SER A 630 -11.94 15.01 -9.98
N GLN A 631 -11.41 14.38 -8.93
CA GLN A 631 -11.47 12.94 -8.82
C GLN A 631 -11.30 12.55 -7.35
N ARG A 632 -11.91 11.44 -6.96
CA ARG A 632 -11.73 10.86 -5.64
C ARG A 632 -11.48 9.38 -5.80
N ILE A 633 -10.27 8.95 -5.47
CA ILE A 633 -9.85 7.56 -5.62
C ILE A 633 -10.01 6.86 -4.28
N ARG A 634 -10.92 5.90 -4.23
CA ARG A 634 -11.18 5.14 -3.02
C ARG A 634 -10.39 3.85 -3.03
N ALA A 635 -9.85 3.48 -1.87
CA ALA A 635 -8.98 2.32 -1.81
C ALA A 635 -9.75 1.03 -2.07
N SER A 636 -11.05 1.02 -1.76
CA SER A 636 -11.84 -0.17 -1.99
C SER A 636 -11.93 -0.52 -3.47
N THR A 637 -12.03 0.50 -4.32
CA THR A 637 -12.11 0.29 -5.75
C THR A 637 -10.75 0.00 -6.39
N VAL A 638 -9.66 0.15 -5.66
CA VAL A 638 -8.31 -0.01 -6.22
C VAL A 638 -7.90 -1.47 -6.14
N ALA A 639 -7.92 -2.03 -4.95
CA ALA A 639 -7.58 -3.43 -4.74
C ALA A 639 -7.99 -3.82 -3.34
N PRO A 640 -8.17 -5.11 -3.07
CA PRO A 640 -8.50 -5.54 -1.70
C PRO A 640 -7.28 -5.54 -0.80
N GLY A 641 -7.53 -5.27 0.48
CA GLY A 641 -6.49 -5.36 1.49
C GLY A 641 -5.63 -4.13 1.65
N LEU A 642 -5.96 -3.02 1.00
CA LEU A 642 -5.17 -1.80 1.15
C LEU A 642 -5.52 -1.11 2.45
N GLN A 643 -4.50 -0.78 3.23
CA GLN A 643 -4.67 -0.12 4.52
C GLN A 643 -3.96 1.22 4.51
N TYR A 644 -4.65 2.24 5.01
CA TYR A 644 -4.11 3.59 5.09
C TYR A 644 -3.68 4.09 3.71
N PHE A 645 -4.47 3.76 2.71
CA PHE A 645 -4.25 4.25 1.36
C PHE A 645 -4.28 5.76 1.35
N GLY A 646 -3.19 6.37 0.91
CA GLY A 646 -3.11 7.81 0.77
C GLY A 646 -2.28 8.54 1.80
N MET A 647 -1.27 7.90 2.38
CA MET A 647 -0.38 8.57 3.32
C MET A 647 0.93 8.98 2.68
N SER A 648 1.04 8.90 1.37
CA SER A 648 2.19 9.42 0.65
C SER A 648 1.87 9.43 -0.84
N MET A 649 2.27 10.48 -1.55
CA MET A 649 1.96 10.60 -2.96
C MET A 649 3.07 11.34 -3.67
N ALA A 650 3.24 11.02 -4.95
CA ALA A 650 4.21 11.70 -5.81
C ALA A 650 3.72 11.59 -7.24
N GLY A 651 4.30 12.40 -8.11
CA GLY A 651 3.91 12.35 -9.51
C GLY A 651 4.81 13.19 -10.37
N GLY A 652 4.40 13.36 -11.62
CA GLY A 652 5.08 14.21 -12.56
C GLY A 652 6.08 13.52 -13.46
N PHE A 653 6.26 12.21 -13.35
CA PHE A 653 7.23 11.48 -14.15
C PHE A 653 6.58 10.27 -14.80
N ASP A 654 6.92 10.05 -16.06
CA ASP A 654 6.34 8.98 -16.84
C ASP A 654 6.97 7.65 -16.46
N ILE A 655 6.13 6.65 -16.21
CA ILE A 655 6.60 5.33 -15.79
C ILE A 655 5.91 4.24 -16.60
N SER A 656 4.94 4.61 -17.43
CA SER A 656 4.20 3.66 -18.25
C SER A 656 4.69 3.58 -19.68
N GLY A 657 5.45 4.57 -20.15
CA GLY A 657 6.01 4.56 -21.48
C GLY A 657 5.40 5.56 -22.44
N ASP A 658 4.16 5.99 -22.21
CA ASP A 658 3.63 7.11 -22.97
C ASP A 658 4.36 8.39 -22.56
N GLY A 659 3.99 9.50 -23.17
CA GLY A 659 4.56 10.77 -22.80
C GLY A 659 3.90 11.44 -21.62
N LEU A 660 2.94 10.77 -20.99
CA LEU A 660 2.07 11.39 -20.00
C LEU A 660 2.54 11.06 -18.60
N ALA A 661 2.65 12.09 -17.76
CA ALA A 661 3.09 11.92 -16.39
C ALA A 661 2.11 11.07 -15.61
N ASP A 662 2.64 10.30 -14.67
CA ASP A 662 1.87 9.36 -13.88
C ASP A 662 1.92 9.75 -12.41
N ILE A 663 1.37 8.87 -11.56
CA ILE A 663 1.13 9.15 -10.16
C ILE A 663 1.39 7.90 -9.35
N THR A 664 1.84 8.08 -8.12
CA THR A 664 2.07 6.99 -7.17
C THR A 664 1.43 7.34 -5.84
N VAL A 665 0.64 6.41 -5.32
CA VAL A 665 0.01 6.54 -4.00
C VAL A 665 0.47 5.38 -3.14
N GLY A 666 1.10 5.70 -2.02
CA GLY A 666 1.68 4.71 -1.14
C GLY A 666 0.80 4.49 0.09
N THR A 667 0.38 3.25 0.27
CA THR A 667 -0.32 2.84 1.48
C THR A 667 0.71 2.53 2.56
N LEU A 668 0.25 1.94 3.66
CA LEU A 668 1.12 1.57 4.77
C LEU A 668 1.49 0.10 4.61
N GLY A 669 2.43 -0.15 3.69
CA GLY A 669 2.91 -1.49 3.44
C GLY A 669 2.98 -1.84 1.96
N GLN A 670 2.36 -1.01 1.12
CA GLN A 670 2.38 -1.22 -0.32
C GLN A 670 2.43 0.12 -1.02
N ALA A 671 2.85 0.08 -2.28
CA ALA A 671 2.83 1.24 -3.16
C ALA A 671 2.00 0.91 -4.38
N VAL A 672 1.34 1.93 -4.93
CA VAL A 672 0.51 1.77 -6.11
C VAL A 672 0.98 2.77 -7.16
N VAL A 673 0.77 2.43 -8.42
CA VAL A 673 1.13 3.29 -9.54
C VAL A 673 -0.05 3.32 -10.52
N PHE A 674 -0.46 4.52 -10.90
CA PHE A 674 -1.56 4.72 -11.84
C PHE A 674 -1.07 5.46 -13.07
N ARG A 675 -1.42 4.93 -14.23
CA ARG A 675 -1.20 5.67 -15.47
C ARG A 675 -2.01 6.96 -15.46
N SER A 676 -1.75 7.81 -16.44
CA SER A 676 -2.55 9.00 -16.68
C SER A 676 -3.09 8.94 -18.10
N ARG A 677 -4.40 9.06 -18.24
CA ARG A 677 -5.08 8.94 -19.51
C ARG A 677 -4.88 10.20 -20.36
N PRO A 678 -4.96 10.07 -21.69
CA PRO A 678 -4.86 11.27 -22.54
C PRO A 678 -6.18 12.03 -22.59
N VAL A 679 -6.10 13.34 -22.44
CA VAL A 679 -7.29 14.17 -22.43
C VAL A 679 -7.53 14.70 -23.83
N VAL A 680 -8.72 14.46 -24.36
CA VAL A 680 -9.06 14.73 -25.75
C VAL A 680 -10.01 15.92 -25.82
N ARG A 681 -9.76 16.82 -26.75
CA ARG A 681 -10.55 18.03 -26.93
C ARG A 681 -11.13 17.99 -28.34
N LEU A 682 -12.46 17.92 -28.43
CA LEU A 682 -13.13 17.74 -29.71
C LEU A 682 -13.67 19.08 -30.21
N LYS A 683 -13.28 19.46 -31.42
CA LYS A 683 -13.87 20.59 -32.11
C LYS A 683 -14.92 20.06 -33.09
N VAL A 684 -16.12 20.62 -33.01
CA VAL A 684 -17.27 20.15 -33.78
C VAL A 684 -17.74 21.28 -34.69
N SER A 685 -17.90 20.96 -35.97
CA SER A 685 -18.41 21.91 -36.95
C SER A 685 -19.42 21.20 -37.83
N MET A 686 -20.35 21.97 -38.40
CA MET A 686 -21.35 21.44 -39.31
C MET A 686 -21.63 22.46 -40.39
N ALA A 687 -21.97 21.97 -41.58
CA ALA A 687 -22.30 22.79 -42.73
C ALA A 687 -23.73 22.49 -43.15
N PHE A 688 -24.56 23.54 -43.24
CA PHE A 688 -25.95 23.37 -43.64
C PHE A 688 -26.10 23.58 -45.14
N THR A 689 -27.21 23.06 -45.67
CA THR A 689 -27.57 23.25 -47.07
C THR A 689 -29.08 23.12 -47.21
N PRO A 690 -29.80 24.19 -47.58
CA PRO A 690 -29.34 25.53 -47.96
C PRO A 690 -28.78 26.35 -46.80
N SER A 691 -27.99 27.38 -47.09
CA SER A 691 -27.35 28.16 -46.03
C SER A 691 -28.37 28.82 -45.11
N ALA A 692 -29.57 29.11 -45.63
CA ALA A 692 -30.63 29.69 -44.83
C ALA A 692 -31.92 28.94 -45.13
N LEU A 693 -32.96 29.24 -44.35
CA LEU A 693 -34.26 28.61 -44.53
C LEU A 693 -35.15 29.50 -45.36
N PRO A 694 -35.48 29.15 -46.61
CA PRO A 694 -36.36 30.00 -47.39
C PRO A 694 -37.74 30.11 -46.76
N ILE A 695 -38.38 31.26 -46.98
CA ILE A 695 -39.70 31.50 -46.42
C ILE A 695 -40.67 30.47 -46.99
N GLY A 696 -41.36 29.76 -46.12
CA GLY A 696 -42.26 28.71 -46.55
C GLY A 696 -41.56 27.56 -47.25
N PHE A 697 -40.35 27.24 -46.82
CA PHE A 697 -39.60 26.16 -47.46
C PHE A 697 -40.23 24.81 -47.15
N ASN A 698 -40.12 23.89 -48.11
CA ASN A 698 -40.68 22.55 -47.94
C ASN A 698 -39.76 21.45 -48.45
N GLY A 699 -38.52 21.76 -48.81
CA GLY A 699 -37.58 20.75 -49.26
C GLY A 699 -36.82 20.11 -48.11
N VAL A 700 -35.86 19.27 -48.47
CA VAL A 700 -35.07 18.54 -47.49
C VAL A 700 -33.74 19.26 -47.26
N VAL A 701 -33.31 19.29 -46.01
CA VAL A 701 -32.08 19.98 -45.60
C VAL A 701 -30.98 18.96 -45.44
N ASN A 702 -29.87 19.17 -46.15
CA ASN A 702 -28.70 18.29 -46.10
C ASN A 702 -27.73 18.82 -45.05
N VAL A 703 -27.22 17.92 -44.21
CA VAL A 703 -26.37 18.26 -43.07
C VAL A 703 -25.09 17.44 -43.15
N ARG A 704 -23.96 18.10 -42.95
CA ARG A 704 -22.66 17.45 -42.85
C ARG A 704 -22.04 17.83 -41.51
N LEU A 705 -21.68 16.83 -40.71
CA LEU A 705 -21.15 17.03 -39.37
C LEU A 705 -19.78 16.38 -39.25
N CYS A 706 -18.78 17.17 -38.86
CA CYS A 706 -17.41 16.71 -38.78
C CYS A 706 -16.82 17.10 -37.43
N PHE A 707 -16.26 16.12 -36.72
CA PHE A 707 -15.53 16.34 -35.48
C PHE A 707 -14.03 16.33 -35.74
N GLU A 708 -13.27 16.87 -34.81
CA GLU A 708 -11.82 16.91 -34.93
C GLU A 708 -11.18 16.84 -33.55
N ILE A 709 -9.96 16.32 -33.50
CA ILE A 709 -9.22 16.24 -32.25
C ILE A 709 -8.24 17.42 -32.20
N SER A 710 -8.64 18.50 -31.55
CA SER A 710 -7.79 19.67 -31.37
C SER A 710 -6.75 19.47 -30.29
N SER A 711 -6.68 18.29 -29.70
CA SER A 711 -5.71 18.01 -28.65
C SER A 711 -4.51 17.27 -29.23
N VAL A 712 -3.31 17.73 -28.86
CA VAL A 712 -2.08 17.16 -29.38
C VAL A 712 -1.53 16.13 -28.39
N THR A 713 -2.33 15.76 -27.39
CA THR A 713 -1.89 14.84 -26.36
C THR A 713 -1.70 13.42 -26.88
N THR A 714 -2.22 13.10 -28.06
CA THR A 714 -2.13 11.77 -28.63
C THR A 714 -1.65 11.86 -30.06
N ALA A 715 -0.92 10.84 -30.50
CA ALA A 715 -0.54 10.75 -31.90
C ALA A 715 -1.79 10.60 -32.75
N SER A 716 -1.79 11.25 -33.91
CA SER A 716 -2.99 11.28 -34.73
C SER A 716 -3.39 9.87 -35.16
N GLU A 717 -2.41 9.05 -35.52
CA GLU A 717 -2.72 7.72 -36.05
C GLU A 717 -2.96 6.73 -34.92
N SER A 718 -3.79 7.13 -33.96
CA SER A 718 -4.35 6.22 -32.97
C SER A 718 -5.81 6.53 -32.71
N GLY A 719 -6.35 7.59 -33.29
CA GLY A 719 -7.75 7.90 -33.14
C GLY A 719 -8.15 7.99 -31.69
N LEU A 720 -9.20 7.26 -31.34
CA LEU A 720 -9.75 7.24 -30.00
C LEU A 720 -9.58 5.88 -29.32
N ARG A 721 -8.63 5.07 -29.79
CA ARG A 721 -8.40 3.75 -29.22
C ARG A 721 -9.66 2.89 -29.33
N GLU A 722 -10.04 2.22 -28.25
CA GLU A 722 -11.27 1.44 -28.19
C GLU A 722 -12.44 2.28 -27.69
N ALA A 723 -12.24 3.56 -27.45
CA ALA A 723 -13.34 4.44 -27.08
C ALA A 723 -14.17 4.77 -28.31
N LEU A 724 -15.49 4.70 -28.15
CA LEU A 724 -16.43 4.96 -29.22
C LEU A 724 -17.09 6.31 -29.00
N LEU A 725 -17.35 7.01 -30.11
CA LEU A 725 -18.02 8.30 -30.04
C LEU A 725 -19.53 8.11 -30.13
N ASN A 726 -20.25 8.66 -29.16
CA ASN A 726 -21.70 8.55 -29.07
C ASN A 726 -22.28 9.95 -29.05
N PHE A 727 -22.97 10.33 -30.13
CA PHE A 727 -23.50 11.67 -30.29
C PHE A 727 -24.99 11.62 -30.61
N THR A 728 -25.67 12.72 -30.31
CA THR A 728 -27.10 12.86 -30.56
C THR A 728 -27.39 14.25 -31.07
N LEU A 729 -28.54 14.40 -31.71
CA LEU A 729 -28.97 15.67 -32.30
C LEU A 729 -30.30 16.10 -31.71
N ASP A 730 -30.42 17.40 -31.45
CA ASP A 730 -31.66 18.01 -31.00
C ASP A 730 -31.98 19.16 -31.96
N VAL A 731 -33.19 19.13 -32.53
CA VAL A 731 -33.58 20.05 -33.59
C VAL A 731 -34.47 21.13 -32.99
N ASP A 732 -34.20 22.38 -33.34
CA ASP A 732 -34.98 23.53 -32.88
C ASP A 732 -35.11 23.53 -31.35
N VAL A 733 -33.95 23.52 -30.69
CA VAL A 733 -33.94 23.55 -29.24
C VAL A 733 -34.59 24.82 -28.74
N GLY A 734 -35.39 24.70 -27.68
CA GLY A 734 -35.98 25.83 -27.02
C GLY A 734 -37.35 26.23 -27.53
N LYS A 735 -37.74 25.76 -28.72
CA LYS A 735 -39.04 26.09 -29.28
C LYS A 735 -40.08 25.08 -28.81
N GLN A 736 -41.29 25.57 -28.52
CA GLN A 736 -42.34 24.71 -28.02
C GLN A 736 -42.67 23.62 -29.04
N ARG A 737 -42.76 23.97 -30.32
CA ARG A 737 -42.98 23.04 -31.40
C ARG A 737 -41.83 23.16 -32.39
N ARG A 738 -41.21 22.04 -32.72
CA ARG A 738 -40.00 22.05 -33.54
C ARG A 738 -40.37 22.23 -35.01
N ARG A 739 -39.73 23.21 -35.67
CA ARG A 739 -40.01 23.46 -37.07
C ARG A 739 -39.52 22.33 -37.96
N LEU A 740 -38.39 21.72 -37.63
CA LEU A 740 -37.81 20.64 -38.42
C LEU A 740 -37.76 19.38 -37.57
N GLN A 741 -37.29 18.29 -38.17
CA GLN A 741 -37.18 17.02 -37.48
C GLN A 741 -36.14 16.16 -38.20
N CYS A 742 -35.74 15.08 -37.53
CA CYS A 742 -34.77 14.15 -38.09
C CYS A 742 -35.45 13.14 -39.00
N SER A 743 -34.74 12.76 -40.05
CA SER A 743 -35.26 11.78 -41.01
C SER A 743 -35.09 10.34 -40.53
N ASP A 744 -34.32 10.11 -39.47
CA ASP A 744 -34.12 8.76 -38.96
C ASP A 744 -33.75 8.86 -37.48
N VAL A 745 -34.58 8.25 -36.63
CA VAL A 745 -34.31 8.29 -35.19
C VAL A 745 -32.99 7.59 -34.87
N ARG A 746 -32.69 6.50 -35.59
CA ARG A 746 -31.42 5.81 -35.36
C ARG A 746 -30.24 6.72 -35.65
N SER A 747 -30.29 7.44 -36.77
CA SER A 747 -29.15 8.26 -37.18
C SER A 747 -28.97 9.52 -36.34
N CYS A 748 -29.85 9.77 -35.36
CA CYS A 748 -29.74 10.97 -34.53
C CYS A 748 -29.87 10.72 -33.03
N LEU A 749 -30.23 9.51 -32.61
CA LEU A 749 -30.32 9.17 -31.20
C LEU A 749 -29.39 7.99 -30.93
N GLY A 750 -28.51 8.15 -29.94
CA GLY A 750 -27.57 7.09 -29.61
C GLY A 750 -26.69 6.68 -30.76
N CYS A 751 -26.39 7.59 -31.67
CA CYS A 751 -25.56 7.26 -32.83
C CYS A 751 -24.15 6.90 -32.37
N LEU A 752 -23.75 5.66 -32.64
CA LEU A 752 -22.46 5.14 -32.19
C LEU A 752 -21.56 4.94 -33.40
N ARG A 753 -20.35 5.51 -33.32
CA ARG A 753 -19.40 5.46 -34.43
C ARG A 753 -18.02 5.16 -33.87
N GLU A 754 -17.16 4.63 -34.74
CA GLU A 754 -15.79 4.29 -34.38
C GLU A 754 -14.84 5.26 -35.09
N TRP A 755 -13.97 5.91 -34.30
CA TRP A 755 -13.02 6.85 -34.88
C TRP A 755 -12.04 6.11 -35.78
N SER A 756 -11.84 6.62 -36.98
CA SER A 756 -10.92 6.02 -37.93
C SER A 756 -9.50 6.47 -37.61
N SER A 757 -8.55 6.09 -38.45
CA SER A 757 -7.18 6.58 -38.30
C SER A 757 -7.10 8.04 -38.72
N GLY A 758 -6.50 8.85 -37.88
CA GLY A 758 -6.42 10.28 -38.08
C GLY A 758 -7.14 11.05 -36.99
N SER A 759 -7.29 12.35 -37.23
CA SER A 759 -7.89 13.26 -36.25
C SER A 759 -9.23 13.81 -36.70
N GLN A 760 -9.79 13.31 -37.80
CA GLN A 760 -11.06 13.81 -38.32
C GLN A 760 -12.03 12.67 -38.56
N LEU A 761 -13.28 12.91 -38.20
CA LEU A 761 -14.39 12.02 -38.51
C LEU A 761 -15.55 12.86 -39.03
N CYS A 762 -16.34 12.28 -39.93
CA CYS A 762 -17.42 13.03 -40.58
C CYS A 762 -18.61 12.13 -40.80
N GLU A 763 -19.78 12.75 -40.96
CA GLU A 763 -21.04 12.05 -41.14
C GLU A 763 -21.97 12.91 -41.98
N ASP A 764 -23.01 12.28 -42.52
CA ASP A 764 -24.02 12.96 -43.31
C ASP A 764 -25.41 12.56 -42.83
N LEU A 765 -26.28 13.55 -42.67
CA LEU A 765 -27.63 13.35 -42.15
C LEU A 765 -28.60 14.22 -42.91
N LEU A 766 -29.89 13.92 -42.76
CA LEU A 766 -30.95 14.64 -43.45
C LEU A 766 -32.04 15.04 -42.46
N LEU A 767 -32.64 16.20 -42.70
CA LEU A 767 -33.73 16.71 -41.89
C LEU A 767 -34.94 17.00 -42.78
N MET A 768 -36.12 16.72 -42.24
CA MET A 768 -37.38 16.87 -42.95
C MET A 768 -38.24 17.91 -42.24
N PRO A 769 -39.11 18.61 -42.98
CA PRO A 769 -40.06 19.50 -42.32
C PRO A 769 -40.95 18.75 -41.34
N THR A 770 -41.28 19.42 -40.24
CA THR A 770 -42.15 18.81 -39.24
C THR A 770 -43.60 18.81 -39.73
N GLU A 771 -44.34 17.78 -39.34
CA GLU A 771 -45.72 17.62 -39.76
C GLU A 771 -46.62 18.62 -39.05
N GLY A 772 -47.80 18.84 -39.63
CA GLY A 772 -48.79 19.71 -39.04
C GLY A 772 -48.75 21.13 -39.59
N GLU A 773 -49.70 21.94 -39.10
CA GLU A 773 -49.81 23.31 -39.55
C GLU A 773 -48.57 24.11 -39.19
N LEU A 774 -48.22 25.05 -40.06
CA LEU A 774 -46.99 25.82 -39.86
C LEU A 774 -47.06 26.62 -38.56
N CYS A 775 -45.99 26.53 -37.77
CA CYS A 775 -45.85 27.32 -36.55
C CYS A 775 -45.08 28.59 -36.90
N GLU A 776 -45.80 29.54 -37.49
CA GLU A 776 -45.22 30.77 -38.00
C GLU A 776 -44.82 31.73 -36.88
N GLU A 777 -45.08 31.37 -35.62
CA GLU A 777 -45.00 32.34 -34.53
C GLU A 777 -43.60 32.94 -34.41
N ASP A 778 -42.56 32.12 -34.55
CA ASP A 778 -41.17 32.55 -34.38
C ASP A 778 -40.32 32.06 -35.54
N CYS A 779 -40.81 32.26 -36.77
CA CYS A 779 -40.08 31.82 -37.95
C CYS A 779 -38.78 32.59 -38.11
N PHE A 780 -38.82 33.92 -37.90
CA PHE A 780 -37.67 34.77 -38.18
C PHE A 780 -36.47 34.49 -37.28
N SER A 781 -36.66 33.84 -36.15
CA SER A 781 -35.55 33.54 -35.25
C SER A 781 -34.71 32.40 -35.80
N ASN A 782 -33.40 32.47 -35.58
CA ASN A 782 -32.51 31.42 -36.06
C ASN A 782 -32.87 30.09 -35.41
N ALA A 783 -32.81 29.02 -36.22
CA ALA A 783 -33.11 27.68 -35.75
C ALA A 783 -31.89 27.08 -35.07
N SER A 784 -32.09 26.50 -33.90
CA SER A 784 -31.01 25.99 -33.07
C SER A 784 -30.90 24.48 -33.18
N VAL A 785 -29.73 23.99 -33.54
CA VAL A 785 -29.42 22.56 -33.59
C VAL A 785 -28.28 22.29 -32.62
N LYS A 786 -28.47 21.32 -31.75
CA LYS A 786 -27.51 21.00 -30.68
C LYS A 786 -26.96 19.60 -30.87
N VAL A 787 -25.68 19.42 -30.53
CA VAL A 787 -25.00 18.14 -30.63
C VAL A 787 -24.34 17.87 -29.29
N SER A 788 -24.65 16.73 -28.68
CA SER A 788 -24.06 16.30 -27.42
C SER A 788 -23.37 14.96 -27.63
N TYR A 789 -22.16 14.83 -27.08
CA TYR A 789 -21.32 13.67 -27.36
C TYR A 789 -20.61 13.21 -26.09
N GLN A 790 -20.19 11.94 -26.13
CA GLN A 790 -19.51 11.29 -25.02
C GLN A 790 -18.50 10.30 -25.59
N LEU A 791 -17.97 9.45 -24.71
CA LEU A 791 -17.10 8.34 -25.10
C LEU A 791 -17.53 7.09 -24.35
N GLN A 792 -17.51 5.96 -25.03
CA GLN A 792 -17.95 4.68 -24.46
C GLN A 792 -16.72 3.80 -24.29
N THR A 793 -16.03 3.96 -23.17
CA THR A 793 -14.75 3.35 -22.92
C THR A 793 -14.90 1.92 -22.44
N PRO A 794 -14.13 0.98 -22.97
CA PRO A 794 -14.29 -0.42 -22.57
C PRO A 794 -14.14 -0.61 -21.07
N GLU A 795 -14.46 -1.83 -20.63
CA GLU A 795 -14.75 -2.07 -19.20
C GLU A 795 -13.49 -2.46 -18.44
N GLY A 796 -12.88 -3.59 -18.79
CA GLY A 796 -11.82 -4.17 -17.99
C GLY A 796 -10.50 -3.47 -18.17
N GLN A 797 -9.46 -4.08 -17.61
CA GLN A 797 -8.10 -3.57 -17.81
C GLN A 797 -7.77 -3.58 -19.30
N THR A 798 -7.04 -2.56 -19.73
CA THR A 798 -6.68 -2.40 -21.13
C THR A 798 -5.18 -2.18 -21.24
N ASP A 799 -4.62 -2.58 -22.38
CA ASP A 799 -3.19 -2.41 -22.60
C ASP A 799 -2.82 -0.94 -22.68
N HIS A 800 -3.68 -0.12 -23.27
CA HIS A 800 -3.47 1.31 -23.43
C HIS A 800 -4.47 2.09 -22.58
N PRO A 801 -4.06 3.22 -22.01
CA PRO A 801 -5.01 4.04 -21.25
C PRO A 801 -5.95 4.79 -22.18
N GLN A 802 -7.23 4.47 -22.08
CA GLN A 802 -8.20 5.00 -23.03
C GLN A 802 -8.38 6.50 -22.83
N PRO A 803 -8.71 7.24 -23.87
CA PRO A 803 -8.87 8.69 -23.74
C PRO A 803 -10.11 9.05 -22.95
N ILE A 804 -10.08 10.27 -22.41
CA ILE A 804 -11.16 10.81 -21.59
C ILE A 804 -11.45 12.22 -22.07
N LEU A 805 -12.74 12.56 -22.17
CA LEU A 805 -13.12 13.93 -22.50
C LEU A 805 -12.66 14.88 -21.40
N ASP A 806 -12.39 16.13 -21.79
CA ASP A 806 -11.93 17.11 -20.83
C ASP A 806 -13.08 17.54 -19.93
N ARG A 807 -12.81 17.59 -18.63
CA ARG A 807 -13.87 17.81 -17.65
C ARG A 807 -14.32 19.26 -17.62
N TYR A 808 -13.55 20.16 -18.24
CA TYR A 808 -13.81 21.60 -18.14
C TYR A 808 -14.16 22.22 -19.48
N THR A 809 -14.47 21.40 -20.49
CA THR A 809 -14.98 21.88 -21.76
C THR A 809 -16.34 21.26 -22.01
N GLU A 810 -17.32 22.09 -22.31
CA GLU A 810 -18.68 21.60 -22.48
C GLU A 810 -18.71 20.54 -23.58
N PRO A 811 -19.28 19.35 -23.31
CA PRO A 811 -19.35 18.30 -24.33
C PRO A 811 -20.53 18.46 -25.28
N PHE A 812 -20.70 19.67 -25.80
CA PHE A 812 -21.77 19.93 -26.76
C PHE A 812 -21.48 21.25 -27.46
N ALA A 813 -22.16 21.47 -28.58
CA ALA A 813 -22.06 22.70 -29.34
C ALA A 813 -23.42 22.98 -29.98
N ILE A 814 -23.67 24.26 -30.23
CA ILE A 814 -24.93 24.71 -30.82
C ILE A 814 -24.61 25.52 -32.07
N PHE A 815 -25.26 25.18 -33.18
CA PHE A 815 -25.06 25.86 -34.46
C PHE A 815 -26.38 26.48 -34.88
N GLN A 816 -26.33 27.74 -35.33
CA GLN A 816 -27.52 28.48 -35.69
C GLN A 816 -27.71 28.50 -37.19
N LEU A 817 -28.95 28.33 -37.63
CA LEU A 817 -29.31 28.38 -39.04
C LEU A 817 -30.27 29.54 -39.28
N PRO A 818 -29.82 30.63 -39.89
CA PRO A 818 -30.70 31.80 -40.04
C PRO A 818 -31.91 31.50 -40.91
N TYR A 819 -33.00 32.17 -40.60
CA TYR A 819 -34.24 32.10 -41.38
C TYR A 819 -34.38 33.38 -42.19
N GLU A 820 -34.65 33.22 -43.49
CA GLU A 820 -34.72 34.38 -44.37
C GLU A 820 -35.76 35.37 -43.87
N LYS A 821 -35.36 36.63 -43.80
CA LYS A 821 -36.24 37.69 -43.32
C LYS A 821 -37.20 38.15 -44.42
N ALA A 822 -38.28 38.79 -44.00
CA ALA A 822 -39.26 39.34 -44.93
C ALA A 822 -38.96 40.78 -45.33
N CYS A 823 -37.90 41.38 -44.77
CA CYS A 823 -37.54 42.75 -45.09
C CYS A 823 -36.85 42.80 -46.45
N LYS A 824 -36.35 43.98 -46.81
CA LYS A 824 -35.66 44.15 -48.08
C LYS A 824 -34.42 43.28 -48.15
N ASN A 825 -33.66 43.23 -47.06
CA ASN A 825 -32.44 42.42 -46.99
C ASN A 825 -32.74 41.16 -46.18
N LYS A 826 -32.63 40.00 -46.84
CA LYS A 826 -32.97 38.74 -46.19
C LYS A 826 -32.04 38.45 -45.02
N LEU A 827 -30.75 38.68 -45.19
CA LEU A 827 -29.77 38.42 -44.14
C LEU A 827 -28.93 39.66 -43.85
N PRO B 99 -57.42 32.29 22.14
CA PRO B 99 -57.52 30.92 22.66
C PRO B 99 -56.66 30.70 23.90
N ARG B 100 -56.91 29.60 24.62
CA ARG B 100 -56.10 29.25 25.77
C ARG B 100 -56.23 27.76 26.03
N GLY B 101 -55.27 27.22 26.77
CA GLY B 101 -55.22 25.80 27.08
C GLY B 101 -55.82 25.46 28.42
N GLN B 102 -55.66 24.20 28.80
CA GLN B 102 -56.18 23.69 30.07
C GLN B 102 -55.29 22.56 30.55
N GLN B 103 -55.35 22.30 31.86
CA GLN B 103 -54.59 21.22 32.45
C GLN B 103 -55.35 20.68 33.66
N GLU B 104 -55.12 19.41 33.97
CA GLU B 104 -55.84 18.76 35.05
C GLU B 104 -55.12 17.48 35.44
N VAL B 105 -55.34 17.04 36.68
CA VAL B 105 -54.87 15.75 37.17
C VAL B 105 -56.08 14.85 37.37
N LEU B 106 -56.05 13.66 36.78
CA LEU B 106 -57.23 12.82 36.65
C LEU B 106 -57.20 11.60 37.55
N GLN B 107 -56.29 11.53 38.51
CA GLN B 107 -56.23 10.37 39.38
C GLN B 107 -55.62 10.74 40.72
N ASP B 108 -55.90 9.92 41.73
CA ASP B 108 -55.30 10.02 43.05
C ASP B 108 -54.68 8.68 43.41
N GLN B 109 -53.55 8.74 44.14
CA GLN B 109 -52.79 7.54 44.44
C GLN B 109 -52.22 7.62 45.85
N PRO B 110 -52.47 6.63 46.72
CA PRO B 110 -51.80 6.62 48.02
C PRO B 110 -50.30 6.44 47.86
N LEU B 111 -49.56 7.03 48.79
CA LEU B 111 -48.11 7.05 48.69
C LEU B 111 -47.49 6.92 50.08
N SER B 112 -46.22 6.53 50.09
CA SER B 112 -45.47 6.39 51.34
C SER B 112 -44.00 6.68 51.04
N GLN B 113 -43.23 6.90 52.11
CA GLN B 113 -41.82 7.20 51.99
C GLN B 113 -41.05 6.44 53.08
N GLY B 114 -39.81 6.09 52.76
CA GLY B 114 -38.95 5.39 53.71
C GLY B 114 -37.62 6.10 53.86
N ALA B 115 -36.82 5.59 54.79
CA ALA B 115 -35.50 6.17 55.02
C ALA B 115 -34.57 5.93 53.83
N ARG B 116 -34.77 4.81 53.11
CA ARG B 116 -33.95 4.47 51.96
C ARG B 116 -34.85 4.16 50.78
N GLY B 117 -34.24 3.94 49.61
CA GLY B 117 -34.98 3.79 48.38
C GLY B 117 -35.79 2.51 48.30
N GLU B 118 -35.50 1.53 49.15
CA GLU B 118 -36.25 0.29 49.13
C GLU B 118 -37.71 0.49 49.53
N GLY B 119 -38.03 1.62 50.16
CA GLY B 119 -39.41 1.93 50.51
C GLY B 119 -40.06 2.87 49.52
N ALA B 120 -39.49 2.98 48.33
CA ALA B 120 -40.02 3.89 47.32
C ALA B 120 -41.40 3.45 46.86
N THR B 121 -42.25 4.43 46.54
CA THR B 121 -43.62 4.18 46.10
C THR B 121 -43.83 4.58 44.65
N GLN B 122 -42.77 4.76 43.89
CA GLN B 122 -42.86 4.96 42.44
C GLN B 122 -43.51 6.32 42.15
N LEU B 123 -44.18 6.44 41.01
CA LEU B 123 -44.58 7.73 40.47
C LEU B 123 -45.84 8.27 41.14
N ALA B 124 -46.21 9.49 40.76
CA ALA B 124 -47.40 10.18 41.22
C ALA B 124 -48.64 9.56 40.58
N PRO B 125 -49.85 10.02 40.92
CA PRO B 125 -51.05 9.51 40.25
C PRO B 125 -50.85 9.38 38.75
N GLN B 126 -51.38 8.29 38.20
CA GLN B 126 -51.08 7.90 36.82
C GLN B 126 -51.59 8.93 35.82
N ARG B 127 -52.88 9.26 35.90
CA ARG B 127 -53.58 9.93 34.81
C ARG B 127 -53.48 11.45 34.94
N VAL B 128 -53.27 12.12 33.81
CA VAL B 128 -53.29 13.57 33.70
C VAL B 128 -53.82 13.94 32.33
N ARG B 129 -54.18 15.21 32.16
CA ARG B 129 -54.78 15.68 30.92
C ARG B 129 -54.26 17.08 30.61
N VAL B 130 -54.17 17.37 29.31
CA VAL B 130 -53.74 18.67 28.82
C VAL B 130 -54.44 18.96 27.50
N THR B 131 -54.81 20.22 27.30
CA THR B 131 -55.36 20.70 26.03
C THR B 131 -54.62 21.99 25.65
N LEU B 132 -54.36 22.15 24.36
CA LEU B 132 -53.53 23.24 23.88
C LEU B 132 -54.13 23.87 22.62
N ARG B 133 -53.84 25.15 22.45
CA ARG B 133 -54.14 25.91 21.25
C ARG B 133 -52.91 26.71 20.86
N PRO B 134 -52.79 27.12 19.60
CA PRO B 134 -51.56 27.78 19.15
C PRO B 134 -51.23 29.01 19.99
N GLY B 135 -49.95 29.14 20.33
CA GLY B 135 -49.48 30.31 21.05
C GLY B 135 -49.86 30.39 22.50
N GLU B 136 -50.18 29.26 23.14
CA GLU B 136 -50.58 29.24 24.54
C GLU B 136 -50.16 27.91 25.16
N PRO B 137 -49.03 27.86 25.87
CA PRO B 137 -48.62 26.62 26.53
C PRO B 137 -49.44 26.34 27.78
N GLN B 138 -49.24 25.13 28.31
CA GLN B 138 -49.86 24.70 29.56
C GLN B 138 -48.85 23.89 30.35
N GLN B 139 -49.16 23.64 31.63
CA GLN B 139 -48.23 22.97 32.52
C GLN B 139 -48.98 22.05 33.47
N LEU B 140 -48.24 21.09 34.03
CA LEU B 140 -48.75 20.14 35.01
C LEU B 140 -47.67 19.91 36.07
N GLN B 141 -48.00 19.08 37.06
CA GLN B 141 -47.06 18.72 38.11
C GLN B 141 -47.09 17.22 38.35
N VAL B 142 -45.93 16.66 38.67
CA VAL B 142 -45.76 15.23 38.91
C VAL B 142 -44.80 15.08 40.09
N ARG B 143 -44.86 13.91 40.74
CA ARG B 143 -43.99 13.60 41.87
C ARG B 143 -43.51 12.17 41.79
N PHE B 144 -42.33 11.92 42.37
CA PHE B 144 -41.77 10.58 42.48
C PHE B 144 -41.31 10.38 43.92
N LEU B 145 -41.70 9.25 44.52
CA LEU B 145 -41.41 8.98 45.92
C LEU B 145 -40.13 8.15 46.03
N ARG B 146 -39.00 8.84 45.88
CA ARG B 146 -37.68 8.25 46.08
C ARG B 146 -36.84 9.22 46.89
N ALA B 147 -36.08 8.69 47.86
CA ALA B 147 -35.35 9.50 48.83
C ALA B 147 -33.92 8.99 48.99
N GLU B 148 -33.23 8.76 47.88
CA GLU B 148 -31.82 8.40 47.92
C GLU B 148 -31.23 8.56 46.53
N GLY B 149 -29.90 8.41 46.45
CA GLY B 149 -29.18 8.60 45.21
C GLY B 149 -29.13 7.34 44.37
N TYR B 150 -28.46 7.46 43.24
CA TYR B 150 -28.41 6.45 42.20
C TYR B 150 -26.97 6.07 41.91
N PRO B 151 -26.74 4.90 41.34
CA PRO B 151 -25.37 4.37 41.26
C PRO B 151 -24.39 5.33 40.61
N VAL B 152 -23.10 5.02 40.79
CA VAL B 152 -22.01 5.82 40.25
C VAL B 152 -20.79 4.92 40.05
N ASP B 153 -19.97 5.28 39.08
CA ASP B 153 -18.69 4.60 38.83
C ASP B 153 -17.62 5.65 38.61
N LEU B 154 -16.68 5.75 39.55
CA LEU B 154 -15.58 6.69 39.46
C LEU B 154 -14.31 5.93 39.17
N TYR B 155 -13.62 6.32 38.11
CA TYR B 155 -12.30 5.78 37.80
C TYR B 155 -11.26 6.85 38.07
N TYR B 156 -10.34 6.55 38.96
CA TYR B 156 -9.27 7.47 39.33
C TYR B 156 -8.05 7.17 38.48
N LEU B 157 -7.37 8.22 38.03
CA LEU B 157 -6.29 8.07 37.06
C LEU B 157 -5.24 9.12 37.37
N MET B 158 -4.15 8.70 38.00
CA MET B 158 -3.09 9.62 38.40
C MET B 158 -1.90 9.51 37.47
N ASP B 159 -1.29 10.66 37.18
CA ASP B 159 0.03 10.68 36.60
C ASP B 159 1.07 10.37 37.68
N LEU B 160 2.02 9.49 37.35
CA LEU B 160 3.05 9.09 38.29
C LEU B 160 4.44 9.51 37.83
N SER B 161 4.55 10.59 37.06
CA SER B 161 5.86 11.07 36.67
C SER B 161 6.58 11.64 37.88
N TYR B 162 7.89 11.85 37.74
CA TYR B 162 8.67 12.30 38.87
C TYR B 162 8.30 13.71 39.31
N SER B 163 7.75 14.50 38.40
CA SER B 163 7.31 15.84 38.75
C SER B 163 6.14 15.83 39.72
N MET B 164 5.48 14.68 39.88
CA MET B 164 4.31 14.56 40.74
C MET B 164 4.65 14.09 42.15
N LYS B 165 5.93 13.98 42.48
CA LYS B 165 6.30 13.51 43.81
C LYS B 165 5.72 14.43 44.88
N ASP B 166 5.85 15.75 44.69
CA ASP B 166 5.30 16.71 45.63
C ASP B 166 3.78 16.73 45.61
N ASP B 167 3.16 16.45 44.47
CA ASP B 167 1.72 16.53 44.32
C ASP B 167 1.00 15.23 44.65
N LEU B 168 1.74 14.21 45.10
CA LEU B 168 1.13 12.90 45.35
C LEU B 168 0.20 12.96 46.56
N GLU B 169 0.61 13.66 47.62
CA GLU B 169 -0.23 13.76 48.81
C GLU B 169 -1.54 14.47 48.50
N ARG B 170 -1.48 15.50 47.65
CA ARG B 170 -2.70 16.17 47.21
C ARG B 170 -3.65 15.19 46.52
N VAL B 171 -3.09 14.27 45.72
CA VAL B 171 -3.92 13.30 45.02
C VAL B 171 -4.52 12.30 46.00
N ARG B 172 -3.76 11.87 47.00
CA ARG B 172 -4.29 10.95 47.98
C ARG B 172 -5.43 11.59 48.79
N GLN B 173 -5.22 12.82 49.26
CA GLN B 173 -6.29 13.52 49.95
C GLN B 173 -7.50 13.70 49.05
N LEU B 174 -7.27 14.04 47.79
CA LEU B 174 -8.39 14.24 46.88
C LEU B 174 -9.19 12.96 46.73
N GLY B 175 -8.52 11.82 46.59
CA GLY B 175 -9.24 10.56 46.45
C GLY B 175 -10.08 10.22 47.67
N HIS B 176 -9.51 10.40 48.86
CA HIS B 176 -10.30 10.15 50.06
C HIS B 176 -11.51 11.08 50.12
N ALA B 177 -11.31 12.36 49.79
CA ALA B 177 -12.42 13.29 49.78
C ALA B 177 -13.48 12.85 48.78
N LEU B 178 -13.05 12.42 47.60
CA LEU B 178 -13.94 11.92 46.57
C LEU B 178 -14.88 10.88 47.16
N LEU B 179 -14.28 9.82 47.70
CA LEU B 179 -15.05 8.70 48.19
C LEU B 179 -15.97 9.12 49.32
N VAL B 180 -15.48 9.94 50.25
CA VAL B 180 -16.26 10.27 51.44
C VAL B 180 -17.44 11.17 51.08
N ARG B 181 -17.24 12.11 50.17
CA ARG B 181 -18.35 12.97 49.77
C ARG B 181 -19.38 12.19 48.96
N LEU B 182 -18.93 11.32 48.07
CA LEU B 182 -19.89 10.54 47.28
C LEU B 182 -20.72 9.65 48.18
N GLN B 183 -20.10 8.97 49.15
CA GLN B 183 -20.80 7.95 49.90
C GLN B 183 -21.91 8.54 50.77
N GLU B 184 -21.92 9.84 50.97
CA GLU B 184 -22.93 10.50 51.79
C GLU B 184 -24.12 11.00 50.97
N VAL B 185 -24.19 10.62 49.69
CA VAL B 185 -25.34 10.95 48.87
C VAL B 185 -25.90 9.75 48.11
N THR B 186 -25.19 8.63 48.05
CA THR B 186 -25.65 7.44 47.37
C THR B 186 -25.18 6.22 48.13
N HIS B 187 -25.89 5.11 47.91
CA HIS B 187 -25.58 3.84 48.56
C HIS B 187 -24.80 2.89 47.66
N SER B 188 -24.65 3.20 46.38
CA SER B 188 -24.17 2.28 45.36
C SER B 188 -23.01 2.88 44.59
N VAL B 189 -22.01 3.37 45.30
CA VAL B 189 -20.85 3.98 44.67
C VAL B 189 -19.78 2.93 44.45
N ARG B 190 -19.26 2.89 43.22
CA ARG B 190 -18.13 2.04 42.86
C ARG B 190 -16.97 2.94 42.50
N ILE B 191 -15.76 2.50 42.83
CA ILE B 191 -14.56 3.31 42.62
C ILE B 191 -13.44 2.42 42.09
N GLY B 192 -12.61 2.97 41.22
CA GLY B 192 -11.56 2.23 40.55
C GLY B 192 -10.23 2.94 40.65
N PHE B 193 -9.25 2.58 39.82
CA PHE B 193 -7.94 3.18 39.97
C PHE B 193 -7.05 2.77 38.80
N GLY B 194 -6.16 3.68 38.40
CA GLY B 194 -5.18 3.42 37.36
C GLY B 194 -4.13 4.50 37.35
N SER B 195 -3.11 4.30 36.53
CA SER B 195 -1.98 5.22 36.48
C SER B 195 -1.41 5.26 35.08
N PHE B 196 -0.41 6.12 34.88
CA PHE B 196 0.25 6.28 33.58
C PHE B 196 1.45 7.19 33.73
N VAL B 197 2.49 6.96 32.91
CA VAL B 197 3.56 7.94 32.78
C VAL B 197 3.83 8.34 31.32
N ASP B 198 4.24 7.40 30.48
CA ASP B 198 4.58 7.74 29.09
C ASP B 198 4.93 6.48 28.30
N LYS B 199 5.24 6.68 27.03
CA LYS B 199 5.66 5.61 26.14
C LYS B 199 7.14 5.30 26.33
N THR B 200 7.47 4.01 26.24
CA THR B 200 8.82 3.54 26.55
C THR B 200 9.66 3.44 25.28
N VAL B 201 9.81 4.60 24.63
CA VAL B 201 10.74 4.75 23.51
C VAL B 201 11.53 6.03 23.75
N LEU B 202 12.69 6.11 23.09
CA LEU B 202 13.77 6.98 23.56
C LEU B 202 13.32 8.39 23.89
N PRO B 203 12.86 9.20 22.94
CA PRO B 203 12.70 10.63 23.24
C PRO B 203 11.74 10.92 24.38
N PHE B 204 10.83 9.99 24.68
CA PHE B 204 9.88 10.17 25.77
C PHE B 204 10.34 9.55 27.07
N VAL B 205 11.06 8.44 27.02
CA VAL B 205 11.57 7.74 28.20
C VAL B 205 12.99 7.31 27.93
N SER B 206 13.88 7.55 28.90
CA SER B 206 15.26 7.12 28.76
C SER B 206 15.34 5.60 28.69
N THR B 207 16.12 5.09 27.74
CA THR B 207 16.11 3.67 27.41
C THR B 207 17.30 2.92 27.98
N VAL B 208 18.24 3.59 28.61
CA VAL B 208 19.37 2.87 29.20
C VAL B 208 18.84 1.85 30.19
N PRO B 209 19.35 0.62 30.23
CA PRO B 209 18.75 -0.38 31.12
C PRO B 209 18.70 0.05 32.57
N SER B 210 19.78 0.67 33.06
CA SER B 210 19.81 1.11 34.44
C SER B 210 18.75 2.16 34.70
N LYS B 211 18.61 3.11 33.79
CA LYS B 211 17.62 4.16 33.95
C LYS B 211 16.24 3.72 33.51
N LEU B 212 16.12 2.51 32.95
CA LEU B 212 14.80 1.96 32.64
C LEU B 212 14.28 1.10 33.77
N ARG B 213 15.18 0.61 34.63
CA ARG B 213 14.77 -0.08 35.85
C ARG B 213 14.54 0.86 37.02
N HIS B 214 15.30 1.94 37.11
CA HIS B 214 15.19 2.90 38.22
C HIS B 214 15.23 4.30 37.65
N PRO B 215 14.11 4.77 37.08
CA PRO B 215 14.11 6.09 36.45
C PRO B 215 14.41 7.23 37.40
N CYS B 216 14.23 7.03 38.70
CA CYS B 216 14.38 8.12 39.64
C CYS B 216 15.84 8.58 39.71
N PRO B 217 16.08 9.85 40.07
CA PRO B 217 17.45 10.37 39.99
C PRO B 217 18.43 9.68 40.91
N THR B 218 18.04 9.34 42.14
CA THR B 218 18.93 8.70 43.09
C THR B 218 18.40 7.31 43.41
N ARG B 219 19.31 6.39 43.71
CA ARG B 219 18.92 5.00 43.90
C ARG B 219 18.29 4.72 45.26
N LEU B 220 18.47 5.60 46.23
CA LEU B 220 17.78 5.42 47.51
C LEU B 220 16.30 5.71 47.41
N GLU B 221 15.89 6.50 46.43
CA GLU B 221 14.48 6.80 46.24
C GLU B 221 13.69 5.53 45.92
N ARG B 222 12.42 5.54 46.28
CA ARG B 222 11.51 4.46 45.91
C ARG B 222 10.89 4.78 44.57
N CYS B 223 11.08 3.89 43.59
CA CYS B 223 10.71 4.18 42.23
C CYS B 223 9.90 3.02 41.64
N GLN B 224 9.68 3.08 40.34
CA GLN B 224 8.87 2.11 39.61
C GLN B 224 9.17 2.28 38.13
N SER B 225 9.30 1.17 37.43
CA SER B 225 9.73 1.25 36.04
C SER B 225 8.65 1.94 35.19
N PRO B 226 9.06 2.63 34.12
CA PRO B 226 8.09 3.36 33.31
C PRO B 226 7.13 2.44 32.59
N PHE B 227 5.94 2.98 32.30
CA PHE B 227 4.90 2.26 31.59
C PHE B 227 3.99 3.29 30.93
N SER B 228 3.07 2.81 30.10
CA SER B 228 2.15 3.71 29.42
C SER B 228 0.79 3.80 30.12
N PHE B 229 0.24 2.68 30.57
CA PHE B 229 -0.99 2.66 31.33
C PHE B 229 -0.98 1.40 32.18
N HIS B 230 -1.54 1.49 33.38
CA HIS B 230 -1.60 0.34 34.29
C HIS B 230 -2.92 0.40 35.05
N HIS B 231 -3.86 -0.45 34.66
CA HIS B 231 -5.11 -0.60 35.39
C HIS B 231 -4.84 -1.41 36.64
N VAL B 232 -5.09 -0.83 37.81
CA VAL B 232 -4.68 -1.43 39.06
C VAL B 232 -5.88 -2.07 39.76
N LEU B 233 -6.84 -1.25 40.14
CA LEU B 233 -8.00 -1.69 40.90
C LEU B 233 -9.25 -1.50 40.05
N SER B 234 -9.96 -2.60 39.80
CA SER B 234 -11.22 -2.53 39.08
C SER B 234 -12.31 -1.94 39.97
N LEU B 235 -13.32 -1.37 39.32
CA LEU B 235 -14.39 -0.71 40.06
C LEU B 235 -15.00 -1.66 41.09
N THR B 236 -15.05 -1.20 42.34
CA THR B 236 -15.51 -2.03 43.44
C THR B 236 -16.12 -1.14 44.51
N GLY B 237 -17.03 -1.73 45.30
CA GLY B 237 -17.69 -1.02 46.36
C GLY B 237 -16.92 -0.98 47.67
N ASP B 238 -15.70 -1.49 47.68
CA ASP B 238 -14.89 -1.46 48.89
C ASP B 238 -14.06 -0.18 48.93
N ALA B 239 -14.04 0.46 50.09
CA ALA B 239 -13.32 1.71 50.26
C ALA B 239 -11.88 1.47 50.70
N GLN B 240 -11.69 0.67 51.75
CA GLN B 240 -10.34 0.44 52.25
C GLN B 240 -9.46 -0.19 51.18
N ALA B 241 -10.04 -0.99 50.28
CA ALA B 241 -9.25 -1.54 49.19
C ALA B 241 -8.67 -0.43 48.33
N PHE B 242 -9.51 0.54 47.94
CA PHE B 242 -9.03 1.66 47.14
C PHE B 242 -8.00 2.48 47.91
N GLU B 243 -8.26 2.75 49.18
CA GLU B 243 -7.29 3.48 49.99
C GLU B 243 -5.93 2.79 49.95
N ARG B 244 -5.90 1.49 50.25
CA ARG B 244 -4.63 0.77 50.33
C ARG B 244 -3.93 0.76 48.97
N GLU B 245 -4.68 0.47 47.91
CA GLU B 245 -4.05 0.41 46.59
C GLU B 245 -3.47 1.75 46.19
N VAL B 246 -4.20 2.83 46.45
CA VAL B 246 -3.70 4.15 46.08
C VAL B 246 -2.45 4.49 46.88
N GLY B 247 -2.47 4.21 48.19
CA GLY B 247 -1.34 4.56 49.03
C GLY B 247 -0.07 3.82 48.70
N ARG B 248 -0.18 2.66 48.07
CA ARG B 248 0.99 1.83 47.82
C ARG B 248 1.81 2.32 46.64
N GLN B 249 1.25 3.16 45.78
CA GLN B 249 1.89 3.47 44.51
C GLN B 249 3.18 4.27 44.70
N SER B 250 4.10 4.08 43.76
CA SER B 250 5.40 4.74 43.77
C SER B 250 5.57 5.54 42.49
N VAL B 251 6.43 6.55 42.56
CA VAL B 251 6.59 7.48 41.45
C VAL B 251 7.61 6.95 40.45
N SER B 252 7.25 6.99 39.17
CA SER B 252 8.13 6.63 38.07
C SER B 252 8.86 7.87 37.55
N GLY B 253 9.61 7.70 36.45
CA GLY B 253 10.34 8.80 35.86
C GLY B 253 10.00 8.95 34.38
N ASN B 254 10.75 9.83 33.72
CA ASN B 254 10.49 10.19 32.33
C ASN B 254 11.63 11.03 31.80
N LEU B 255 11.55 11.39 30.52
CA LEU B 255 12.52 12.27 29.87
C LEU B 255 11.96 13.66 29.61
N ASP B 256 10.84 13.74 28.90
CA ASP B 256 10.28 15.01 28.46
C ASP B 256 8.97 15.31 29.18
N SER B 257 8.65 16.59 29.27
CA SER B 257 7.58 17.03 30.16
C SER B 257 6.20 16.47 29.78
N PRO B 258 5.75 16.56 28.53
CA PRO B 258 4.42 16.03 28.21
C PRO B 258 4.33 14.54 28.51
N GLU B 259 3.18 14.12 29.04
CA GLU B 259 2.95 12.75 29.46
C GLU B 259 1.90 12.10 28.56
N GLY B 260 1.85 10.78 28.62
CA GLY B 260 0.94 10.02 27.79
C GLY B 260 -0.37 9.65 28.45
N GLY B 261 -1.08 10.63 29.00
CA GLY B 261 -2.36 10.34 29.64
C GLY B 261 -3.47 10.04 28.67
N PHE B 262 -3.35 10.48 27.43
CA PHE B 262 -4.40 10.22 26.44
C PHE B 262 -4.52 8.73 26.15
N ASP B 263 -3.38 8.03 26.09
CA ASP B 263 -3.41 6.58 25.94
C ASP B 263 -4.22 5.95 27.07
N ALA B 264 -3.98 6.40 28.29
CA ALA B 264 -4.70 5.86 29.44
C ALA B 264 -6.20 6.14 29.33
N ILE B 265 -6.57 7.36 28.96
CA ILE B 265 -8.00 7.69 28.85
C ILE B 265 -8.67 6.83 27.80
N LEU B 266 -8.04 6.70 26.62
CA LEU B 266 -8.66 5.94 25.55
C LEU B 266 -8.75 4.45 25.91
N GLN B 267 -7.72 3.92 26.59
CA GLN B 267 -7.77 2.52 27.01
C GLN B 267 -8.85 2.31 28.07
N ALA B 268 -9.02 3.27 28.98
CA ALA B 268 -10.08 3.16 29.97
C ALA B 268 -11.45 3.20 29.30
N ALA B 269 -11.60 4.01 28.26
CA ALA B 269 -12.88 4.12 27.58
C ALA B 269 -13.18 2.86 26.77
N LEU B 270 -12.16 2.25 26.18
CA LEU B 270 -12.42 1.11 25.27
C LEU B 270 -12.53 -0.20 26.04
N CYS B 271 -11.76 -0.35 27.12
CA CYS B 271 -11.65 -1.62 27.83
C CYS B 271 -12.73 -1.71 28.91
N GLN B 272 -13.96 -1.93 28.44
CA GLN B 272 -15.10 -1.89 29.36
C GLN B 272 -15.21 -3.19 30.15
N GLU B 273 -15.05 -4.33 29.49
CA GLU B 273 -15.34 -5.60 30.13
C GLU B 273 -14.38 -5.90 31.28
N GLN B 274 -13.26 -5.19 31.36
CA GLN B 274 -12.27 -5.46 32.38
C GLN B 274 -11.88 -4.24 33.21
N ILE B 275 -12.44 -3.06 32.91
CA ILE B 275 -12.37 -1.95 33.85
C ILE B 275 -13.56 -1.96 34.79
N GLY B 276 -14.60 -2.74 34.49
CA GLY B 276 -15.71 -2.92 35.40
C GLY B 276 -16.80 -1.88 35.30
N TRP B 277 -16.89 -1.14 34.20
CA TRP B 277 -17.92 -0.13 34.09
C TRP B 277 -19.30 -0.77 34.13
N ARG B 278 -20.26 -0.04 34.69
CA ARG B 278 -21.65 -0.47 34.70
C ARG B 278 -22.47 0.46 33.80
N ASN B 279 -23.72 0.10 33.58
CA ASN B 279 -24.64 0.92 32.80
C ASN B 279 -25.22 2.00 33.72
N VAL B 280 -24.33 2.89 34.16
CA VAL B 280 -24.60 3.84 35.22
C VAL B 280 -23.80 5.11 34.94
N SER B 281 -24.17 6.19 35.62
CA SER B 281 -23.40 7.43 35.57
C SER B 281 -21.90 7.15 35.75
N ARG B 282 -21.13 7.49 34.74
CA ARG B 282 -19.69 7.22 34.71
C ARG B 282 -18.91 8.51 34.81
N LEU B 283 -17.95 8.56 35.72
CA LEU B 283 -17.06 9.70 35.89
C LEU B 283 -15.63 9.21 35.82
N LEU B 284 -14.78 9.95 35.12
CA LEU B 284 -13.35 9.68 35.07
C LEU B 284 -12.63 10.92 35.57
N VAL B 285 -11.94 10.80 36.69
CA VAL B 285 -11.19 11.91 37.29
C VAL B 285 -9.74 11.75 36.88
N PHE B 286 -9.25 12.71 36.10
CA PHE B 286 -7.92 12.67 35.50
C PHE B 286 -7.03 13.70 36.18
N THR B 287 -5.89 13.25 36.70
CA THR B 287 -4.98 14.11 37.44
C THR B 287 -3.64 14.17 36.72
N SER B 288 -3.09 15.38 36.61
CA SER B 288 -1.77 15.56 36.02
C SER B 288 -1.27 16.95 36.39
N ASP B 289 0.00 17.20 36.11
CA ASP B 289 0.62 18.50 36.34
C ASP B 289 1.50 18.93 35.18
N ASP B 290 1.15 18.55 33.96
CA ASP B 290 1.93 18.90 32.79
C ASP B 290 1.10 18.73 31.54
N THR B 291 1.67 19.14 30.42
CA THR B 291 0.99 19.03 29.13
C THR B 291 0.86 17.56 28.74
N PHE B 292 0.08 17.30 27.70
CA PHE B 292 -0.19 15.95 27.23
C PHE B 292 0.31 15.77 25.80
N HIS B 293 0.81 14.58 25.51
CA HIS B 293 1.15 14.20 24.15
C HIS B 293 -0.12 13.90 23.36
N THR B 294 -0.05 14.11 22.05
CA THR B 294 -1.20 13.93 21.18
C THR B 294 -0.75 13.20 19.92
N ALA B 295 -1.73 12.87 19.08
CA ALA B 295 -1.43 12.22 17.82
C ALA B 295 -0.49 13.09 17.00
N GLY B 296 0.44 12.43 16.31
CA GLY B 296 1.47 13.12 15.56
C GLY B 296 2.78 13.26 16.30
N ASP B 297 2.79 12.99 17.60
CA ASP B 297 4.03 13.11 18.37
C ASP B 297 4.86 11.84 18.30
N GLY B 298 4.23 10.69 18.08
CA GLY B 298 4.96 9.45 18.00
C GLY B 298 5.94 9.38 16.86
N LYS B 299 5.79 10.25 15.86
CA LYS B 299 6.72 10.28 14.75
C LYS B 299 8.15 10.46 15.24
N LEU B 300 8.34 11.23 16.30
CA LEU B 300 9.68 11.45 16.84
C LEU B 300 10.31 10.14 17.29
N GLY B 301 9.51 9.26 17.88
CA GLY B 301 9.99 8.00 18.39
C GLY B 301 9.95 6.85 17.41
N GLY B 302 9.63 7.11 16.15
CA GLY B 302 9.56 6.05 15.17
C GLY B 302 8.22 5.35 15.08
N ILE B 303 7.26 5.72 15.92
CA ILE B 303 5.93 5.11 15.88
C ILE B 303 5.18 5.70 14.70
N PHE B 304 4.74 4.84 13.78
CA PHE B 304 4.03 5.28 12.59
C PHE B 304 2.65 4.65 12.46
N MET B 305 2.30 3.68 13.29
CA MET B 305 0.99 3.05 13.21
C MET B 305 -0.01 3.84 14.03
N PRO B 306 -1.05 4.40 13.42
CA PRO B 306 -2.01 5.19 14.20
C PRO B 306 -2.75 4.35 15.21
N SER B 307 -3.25 5.00 16.25
CA SER B 307 -4.02 4.31 17.27
C SER B 307 -5.33 3.80 16.68
N ASP B 308 -5.64 2.55 16.97
CA ASP B 308 -6.92 1.95 16.60
C ASP B 308 -7.81 1.81 17.83
N GLY B 309 -9.11 1.77 17.59
CA GLY B 309 -10.06 1.65 18.67
C GLY B 309 -10.22 0.22 19.16
N HIS B 310 -9.16 -0.32 19.77
CA HIS B 310 -9.17 -1.68 20.29
C HIS B 310 -8.55 -1.69 21.67
N CYS B 311 -9.06 -2.58 22.52
CA CYS B 311 -8.50 -2.78 23.85
C CYS B 311 -7.21 -3.58 23.74
N HIS B 312 -6.11 -2.98 24.20
CA HIS B 312 -4.80 -3.60 24.11
C HIS B 312 -4.18 -3.87 25.47
N LEU B 313 -5.00 -4.02 26.51
CA LEU B 313 -4.47 -4.34 27.83
C LEU B 313 -4.08 -5.81 27.91
N ASP B 314 -3.22 -6.14 28.87
CA ASP B 314 -2.77 -7.50 29.07
C ASP B 314 -3.59 -8.19 30.16
N SER B 315 -3.26 -9.45 30.42
CA SER B 315 -3.92 -10.16 31.50
C SER B 315 -3.59 -9.55 32.85
N ASN B 316 -2.37 -9.03 33.00
CA ASN B 316 -1.97 -8.36 34.24
C ASN B 316 -2.36 -6.88 34.27
N GLY B 317 -2.78 -6.31 33.13
CA GLY B 317 -3.36 -4.99 33.12
C GLY B 317 -2.51 -3.89 32.53
N LEU B 318 -1.37 -4.21 31.93
CA LEU B 318 -0.49 -3.20 31.35
C LEU B 318 -0.81 -3.02 29.87
N TYR B 319 -0.66 -1.78 29.40
CA TYR B 319 -0.81 -1.46 27.98
C TYR B 319 0.52 -1.75 27.30
N SER B 320 0.78 -3.04 27.10
CA SER B 320 2.10 -3.48 26.65
C SER B 320 2.40 -3.04 25.23
N ARG B 321 1.39 -2.98 24.37
CA ARG B 321 1.58 -2.65 22.97
C ARG B 321 1.70 -1.14 22.72
N SER B 322 1.97 -0.34 23.74
CA SER B 322 1.97 1.11 23.56
C SER B 322 3.05 1.56 22.60
N THR B 323 4.17 0.84 22.54
CA THR B 323 5.28 1.23 21.69
C THR B 323 5.01 1.01 20.20
N GLU B 324 3.90 0.38 19.85
CA GLU B 324 3.59 0.08 18.46
C GLU B 324 2.48 0.94 17.89
N PHE B 325 1.77 1.71 18.71
CA PHE B 325 0.69 2.58 18.28
C PHE B 325 0.98 4.01 18.73
N ASP B 326 0.54 4.97 17.92
CA ASP B 326 0.77 6.37 18.19
C ASP B 326 -0.22 6.87 19.25
N TYR B 327 0.07 8.05 19.79
CA TYR B 327 -0.86 8.66 20.72
C TYR B 327 -2.17 8.96 20.01
N PRO B 328 -3.31 8.86 20.69
CA PRO B 328 -4.57 9.25 20.05
C PRO B 328 -4.71 10.75 19.95
N SER B 329 -5.52 11.18 19.00
CA SER B 329 -5.79 12.59 18.79
C SER B 329 -6.83 13.08 19.80
N VAL B 330 -6.98 14.41 19.88
CA VAL B 330 -8.01 14.97 20.75
C VAL B 330 -9.39 14.51 20.29
N GLY B 331 -9.61 14.49 18.98
CA GLY B 331 -10.90 14.05 18.47
C GLY B 331 -11.18 12.60 18.76
N GLN B 332 -10.15 11.75 18.73
CA GLN B 332 -10.34 10.34 19.03
C GLN B 332 -10.78 10.15 20.48
N VAL B 333 -10.13 10.86 21.41
CA VAL B 333 -10.51 10.78 22.81
C VAL B 333 -11.92 11.32 23.01
N ALA B 334 -12.23 12.45 22.37
CA ALA B 334 -13.56 13.03 22.50
C ALA B 334 -14.62 12.04 22.02
N GLN B 335 -14.39 11.42 20.86
CA GLN B 335 -15.36 10.49 20.31
C GLN B 335 -15.50 9.27 21.21
N ALA B 336 -14.40 8.74 21.72
CA ALA B 336 -14.48 7.57 22.59
C ALA B 336 -15.26 7.89 23.85
N LEU B 337 -14.94 9.01 24.50
CA LEU B 337 -15.64 9.37 25.72
C LEU B 337 -17.12 9.60 25.46
N SER B 338 -17.45 10.26 24.36
CA SER B 338 -18.86 10.46 24.02
C SER B 338 -19.57 9.13 23.81
N ALA B 339 -18.91 8.19 23.14
CA ALA B 339 -19.51 6.88 22.91
C ALA B 339 -19.74 6.16 24.22
N ALA B 340 -18.79 6.23 25.15
CA ALA B 340 -18.85 5.45 26.37
C ALA B 340 -19.63 6.12 27.50
N ASN B 341 -20.05 7.37 27.32
CA ASN B 341 -20.80 8.09 28.35
C ASN B 341 -19.97 8.31 29.61
N ILE B 342 -18.77 8.87 29.42
CA ILE B 342 -17.86 9.18 30.52
C ILE B 342 -17.68 10.69 30.56
N GLN B 343 -17.90 11.27 31.74
CA GLN B 343 -17.68 12.70 31.96
C GLN B 343 -16.29 12.87 32.57
N PRO B 344 -15.32 13.45 31.86
CA PRO B 344 -14.01 13.64 32.46
C PRO B 344 -13.91 14.94 33.24
N ILE B 345 -13.37 14.83 34.44
CA ILE B 345 -13.12 15.95 35.33
C ILE B 345 -11.62 16.05 35.54
N PHE B 346 -11.02 17.10 34.99
CA PHE B 346 -9.56 17.25 34.98
C PHE B 346 -9.14 18.03 36.20
N ALA B 347 -8.53 17.34 37.16
CA ALA B 347 -7.93 17.99 38.32
C ALA B 347 -6.43 18.09 38.07
N VAL B 348 -5.98 19.30 37.72
CA VAL B 348 -4.60 19.49 37.31
C VAL B 348 -4.00 20.65 38.08
N THR B 349 -2.67 20.71 38.10
CA THR B 349 -1.96 21.72 38.85
C THR B 349 -2.20 23.10 38.24
N SER B 350 -1.99 24.13 39.05
CA SER B 350 -2.23 25.49 38.58
C SER B 350 -1.40 25.82 37.35
N ALA B 351 -0.18 25.27 37.26
CA ALA B 351 0.67 25.56 36.13
C ALA B 351 0.03 25.09 34.82
N ALA B 352 -0.60 23.92 34.84
CA ALA B 352 -1.18 23.33 33.65
C ALA B 352 -2.66 23.63 33.49
N LEU B 353 -3.24 24.46 34.35
CA LEU B 353 -4.67 24.74 34.25
C LEU B 353 -5.06 25.33 32.90
N PRO B 354 -4.30 26.25 32.29
CA PRO B 354 -4.75 26.86 31.03
C PRO B 354 -4.91 25.88 29.88
N VAL B 355 -3.89 25.04 29.63
CA VAL B 355 -3.94 24.12 28.51
C VAL B 355 -5.11 23.16 28.65
N TYR B 356 -5.33 22.65 29.87
CA TYR B 356 -6.43 21.72 30.08
C TYR B 356 -7.78 22.42 29.99
N GLN B 357 -7.85 23.67 30.44
CA GLN B 357 -9.07 24.44 30.28
C GLN B 357 -9.39 24.62 28.80
N GLU B 358 -8.35 24.71 27.96
CA GLU B 358 -8.57 24.84 26.53
C GLU B 358 -9.01 23.52 25.92
N LEU B 359 -8.53 22.40 26.46
CA LEU B 359 -8.95 21.09 25.97
C LEU B 359 -10.39 20.79 26.35
N SER B 360 -10.81 21.22 27.54
CA SER B 360 -12.14 20.88 28.01
C SER B 360 -13.22 21.43 27.10
N LYS B 361 -12.95 22.53 26.40
CA LYS B 361 -13.96 23.11 25.53
C LYS B 361 -14.28 22.16 24.37
N LEU B 362 -13.31 21.34 23.96
CA LEU B 362 -13.56 20.36 22.91
C LEU B 362 -14.39 19.20 23.43
N ILE B 363 -14.08 18.70 24.63
CA ILE B 363 -14.83 17.61 25.23
C ILE B 363 -16.11 18.18 25.82
N PRO B 364 -17.29 17.75 25.37
CA PRO B 364 -18.51 18.49 25.72
C PRO B 364 -18.78 18.62 27.21
N LYS B 365 -18.92 17.49 27.92
CA LYS B 365 -19.42 17.49 29.29
C LYS B 365 -18.31 17.42 30.32
N SER B 366 -17.13 17.95 29.98
CA SER B 366 -15.98 17.87 30.87
C SER B 366 -15.89 19.10 31.75
N ALA B 367 -15.16 18.96 32.86
CA ALA B 367 -14.93 20.04 33.79
C ALA B 367 -13.44 20.09 34.09
N VAL B 368 -12.98 21.26 34.56
CA VAL B 368 -11.58 21.45 34.92
C VAL B 368 -11.53 22.21 36.24
N GLY B 369 -10.80 21.67 37.19
CA GLY B 369 -10.59 22.34 38.47
C GLY B 369 -9.16 22.20 38.90
N GLU B 370 -8.70 23.17 39.69
CA GLU B 370 -7.31 23.19 40.13
C GLU B 370 -7.10 22.14 41.21
N LEU B 371 -5.86 21.66 41.32
CA LEU B 371 -5.51 20.63 42.28
C LEU B 371 -4.65 21.25 43.36
N SER B 372 -5.28 21.58 44.50
CA SER B 372 -4.60 22.25 45.60
C SER B 372 -4.93 21.52 46.90
N GLU B 373 -4.36 22.01 48.00
CA GLU B 373 -4.55 21.37 49.29
C GLU B 373 -6.02 21.38 49.70
N ASP B 374 -6.69 22.52 49.51
CA ASP B 374 -8.12 22.61 49.76
C ASP B 374 -8.83 22.04 48.53
N SER B 375 -8.93 20.72 48.49
CA SER B 375 -9.42 20.02 47.30
C SER B 375 -10.92 20.11 47.13
N SER B 376 -11.62 20.92 47.92
CA SER B 376 -13.07 21.00 47.80
C SER B 376 -13.50 21.58 46.46
N ASN B 377 -12.60 22.21 45.72
CA ASN B 377 -12.96 22.77 44.42
C ASN B 377 -13.25 21.67 43.41
N VAL B 378 -12.38 20.67 43.33
CA VAL B 378 -12.60 19.55 42.40
C VAL B 378 -13.76 18.69 42.86
N VAL B 379 -13.85 18.43 44.17
CA VAL B 379 -14.97 17.65 44.69
C VAL B 379 -16.28 18.30 44.31
N GLN B 380 -16.32 19.63 44.23
CA GLN B 380 -17.55 20.30 43.84
C GLN B 380 -17.88 20.03 42.37
N LEU B 381 -16.87 20.10 41.50
CA LEU B 381 -17.11 19.73 40.11
C LEU B 381 -17.68 18.32 40.02
N ILE B 382 -17.17 17.42 40.86
CA ILE B 382 -17.61 16.02 40.78
C ILE B 382 -19.05 15.87 41.28
N MET B 383 -19.39 16.54 42.38
CA MET B 383 -20.77 16.49 42.84
C MET B 383 -21.70 17.09 41.80
N ASP B 384 -21.25 18.16 41.13
CA ASP B 384 -22.06 18.79 40.09
C ASP B 384 -22.22 17.88 38.88
N ALA B 385 -21.17 17.13 38.53
CA ALA B 385 -21.27 16.20 37.42
C ALA B 385 -22.18 15.03 37.76
N TYR B 386 -22.09 14.54 39.00
CA TYR B 386 -23.00 13.50 39.46
C TYR B 386 -24.45 13.97 39.39
N ASN B 387 -24.74 15.14 39.95
CA ASN B 387 -26.11 15.64 39.97
C ASN B 387 -26.59 15.98 38.56
N SER B 388 -25.73 16.57 37.73
CA SER B 388 -26.16 17.04 36.42
C SER B 388 -26.66 15.90 35.56
N LEU B 389 -25.93 14.79 35.54
CA LEU B 389 -26.45 13.56 34.94
C LEU B 389 -27.69 13.16 35.71
N SER B 390 -28.76 12.81 35.00
CA SER B 390 -30.05 12.60 35.64
C SER B 390 -30.05 11.30 36.43
N SER B 391 -31.16 11.07 37.13
CA SER B 391 -31.34 9.91 37.98
C SER B 391 -32.15 8.83 37.26
N THR B 392 -32.33 7.71 37.95
CA THR B 392 -33.17 6.65 37.40
C THR B 392 -34.61 7.12 37.25
N VAL B 393 -35.03 8.08 38.07
CA VAL B 393 -36.37 8.64 37.95
C VAL B 393 -36.47 9.35 36.61
N THR B 394 -37.44 8.96 35.79
CA THR B 394 -37.52 9.43 34.41
C THR B 394 -38.98 9.59 34.02
N LEU B 395 -39.21 10.45 33.03
CA LEU B 395 -40.53 10.68 32.44
C LEU B 395 -40.42 10.66 30.93
N GLU B 396 -39.77 9.64 30.39
CA GLU B 396 -39.57 9.54 28.95
C GLU B 396 -40.92 9.56 28.23
N HIS B 397 -40.99 10.38 27.18
CA HIS B 397 -42.25 10.67 26.51
C HIS B 397 -42.40 9.82 25.26
N SER B 398 -43.65 9.49 24.94
CA SER B 398 -43.98 8.82 23.69
C SER B 398 -44.06 9.84 22.56
N SER B 399 -44.28 9.34 21.35
CA SER B 399 -44.38 10.21 20.18
C SER B 399 -45.55 11.16 20.34
N LEU B 400 -45.26 12.45 20.48
CA LEU B 400 -46.30 13.44 20.62
C LEU B 400 -47.06 13.59 19.31
N PRO B 401 -48.32 14.02 19.35
CA PRO B 401 -49.03 14.34 18.11
C PRO B 401 -48.31 15.46 17.37
N PRO B 402 -48.14 15.34 16.05
CA PRO B 402 -47.49 16.42 15.30
C PRO B 402 -48.20 17.74 15.53
N GLY B 403 -47.42 18.80 15.73
CA GLY B 403 -47.93 20.10 16.08
C GLY B 403 -47.98 20.38 17.57
N VAL B 404 -47.48 19.45 18.40
CA VAL B 404 -47.43 19.63 19.84
C VAL B 404 -46.01 19.36 20.30
N HIS B 405 -45.61 20.03 21.37
CA HIS B 405 -44.26 19.95 21.92
C HIS B 405 -44.32 19.67 23.41
N ILE B 406 -43.25 19.09 23.93
CA ILE B 406 -43.15 18.72 25.33
C ILE B 406 -41.85 19.26 25.91
N SER B 407 -41.88 19.59 27.20
CA SER B 407 -40.72 20.11 27.91
C SER B 407 -40.87 19.74 29.39
N TYR B 408 -39.76 19.81 30.11
CA TYR B 408 -39.73 19.39 31.50
C TYR B 408 -38.90 20.36 32.33
N GLU B 409 -39.09 20.28 33.64
CA GLU B 409 -38.34 21.07 34.60
C GLU B 409 -38.35 20.32 35.93
N SER B 410 -37.22 19.68 36.25
CA SER B 410 -37.13 18.79 37.39
C SER B 410 -36.49 19.50 38.57
N GLN B 411 -36.98 19.18 39.77
CA GLN B 411 -36.46 19.75 41.01
C GLN B 411 -36.48 18.68 42.09
N CYS B 412 -35.34 18.48 42.75
CA CYS B 412 -35.30 17.54 43.87
C CYS B 412 -36.22 18.00 44.99
N GLU B 413 -36.19 19.29 45.31
CA GLU B 413 -37.00 19.86 46.37
C GLU B 413 -37.60 21.18 45.87
N GLY B 414 -38.36 21.83 46.74
CA GLY B 414 -39.02 23.07 46.39
C GLY B 414 -38.06 24.17 45.99
N PRO B 415 -37.05 24.43 46.84
CA PRO B 415 -36.11 25.53 46.56
C PRO B 415 -34.87 25.14 45.77
N GLU B 416 -34.69 23.87 45.44
CA GLU B 416 -33.50 23.41 44.71
C GLU B 416 -33.94 22.83 43.37
N LYS B 417 -33.25 23.25 42.30
CA LYS B 417 -33.55 22.80 40.95
C LYS B 417 -32.25 22.64 40.18
N ARG B 418 -32.35 21.93 39.05
CA ARG B 418 -31.20 21.76 38.18
C ARG B 418 -30.97 23.00 37.33
N GLU B 419 -29.75 23.14 36.83
CA GLU B 419 -29.37 24.28 36.00
C GLU B 419 -29.52 24.02 34.52
N GLY B 420 -30.07 22.87 34.12
CA GLY B 420 -30.22 22.55 32.73
C GLY B 420 -31.37 23.29 32.07
N LYS B 421 -31.43 23.19 30.74
CA LYS B 421 -32.47 23.84 29.95
C LYS B 421 -32.99 22.88 28.90
N ALA B 422 -34.28 23.05 28.57
CA ALA B 422 -34.93 22.30 27.50
C ALA B 422 -34.86 20.81 27.83
N GLU B 423 -34.25 19.97 27.00
CA GLU B 423 -34.26 18.53 27.23
C GLU B 423 -33.44 18.11 28.44
N ASP B 424 -32.59 18.99 28.97
CA ASP B 424 -31.76 18.63 30.11
C ASP B 424 -32.58 18.31 31.36
N ARG B 425 -33.81 18.79 31.44
CA ARG B 425 -34.65 18.62 32.62
C ARG B 425 -35.74 17.55 32.41
N GLY B 426 -35.58 16.69 31.42
CA GLY B 426 -36.52 15.59 31.22
C GLY B 426 -36.45 14.52 32.28
N GLN B 427 -35.45 14.57 33.15
CA GLN B 427 -35.26 13.59 34.20
C GLN B 427 -34.78 14.33 35.46
N CYS B 428 -35.00 13.70 36.61
CA CYS B 428 -34.73 14.36 37.88
C CYS B 428 -33.24 14.49 38.13
N ASN B 429 -32.90 15.44 39.01
CA ASN B 429 -31.51 15.78 39.28
C ASN B 429 -31.38 16.27 40.71
N HIS B 430 -30.13 16.32 41.18
CA HIS B 430 -29.80 16.86 42.50
C HIS B 430 -30.59 16.16 43.61
N VAL B 431 -30.74 14.84 43.48
CA VAL B 431 -31.49 14.08 44.47
C VAL B 431 -30.76 14.12 45.80
N ARG B 432 -31.54 14.24 46.89
CA ARG B 432 -31.00 14.29 48.24
C ARG B 432 -31.82 13.37 49.14
N ILE B 433 -31.26 13.07 50.31
CA ILE B 433 -31.86 12.11 51.23
C ILE B 433 -33.03 12.76 51.97
N ASN B 434 -34.04 11.95 52.26
CA ASN B 434 -35.20 12.28 53.10
C ASN B 434 -36.19 13.23 52.43
N GLN B 435 -35.95 13.64 51.19
CA GLN B 435 -36.89 14.49 50.46
C GLN B 435 -37.01 13.97 49.03
N THR B 436 -38.25 13.90 48.56
CA THR B 436 -38.56 13.27 47.28
C THR B 436 -38.57 14.30 46.15
N VAL B 437 -38.31 13.81 44.94
CA VAL B 437 -38.15 14.65 43.76
C VAL B 437 -39.49 14.93 43.09
N THR B 438 -39.50 15.89 42.17
CA THR B 438 -40.74 16.29 41.48
C THR B 438 -40.40 16.72 40.06
N PHE B 439 -41.44 16.74 39.22
CA PHE B 439 -41.35 17.19 37.85
C PHE B 439 -42.41 18.25 37.56
N TRP B 440 -42.08 19.19 36.68
CA TRP B 440 -43.04 20.07 36.04
C TRP B 440 -42.95 19.84 34.53
N VAL B 441 -44.08 19.51 33.91
CA VAL B 441 -44.13 19.18 32.48
C VAL B 441 -45.01 20.21 31.78
N SER B 442 -44.45 20.85 30.75
CA SER B 442 -45.15 21.88 30.00
C SER B 442 -45.17 21.51 28.52
N LEU B 443 -46.21 21.96 27.83
CA LEU B 443 -46.38 21.69 26.41
C LEU B 443 -46.79 22.97 25.69
N GLN B 444 -46.38 23.07 24.43
CA GLN B 444 -46.76 24.19 23.58
C GLN B 444 -47.23 23.65 22.23
N ALA B 445 -48.20 24.36 21.63
CA ALA B 445 -48.82 23.93 20.39
C ALA B 445 -48.54 24.94 19.29
N THR B 446 -48.13 24.43 18.12
CA THR B 446 -47.96 25.25 16.92
C THR B 446 -49.07 25.01 15.91
N HIS B 447 -49.27 23.76 15.49
CA HIS B 447 -50.37 23.41 14.60
C HIS B 447 -51.12 22.20 15.15
N CYS B 448 -52.04 21.64 14.37
CA CYS B 448 -52.98 20.64 14.86
C CYS B 448 -53.05 19.44 13.92
N LEU B 449 -53.52 18.33 14.47
CA LEU B 449 -53.74 17.09 13.76
C LEU B 449 -54.92 16.37 14.42
N PRO B 450 -55.35 15.19 13.93
CA PRO B 450 -56.52 14.52 14.52
C PRO B 450 -56.57 14.63 16.03
N GLU B 451 -57.72 15.08 16.55
CA GLU B 451 -57.84 15.44 17.95
C GLU B 451 -57.57 14.28 18.90
N PRO B 452 -58.21 13.12 18.76
CA PRO B 452 -58.06 12.07 19.78
C PRO B 452 -56.66 11.47 19.81
N HIS B 453 -55.91 11.72 20.89
CA HIS B 453 -54.57 11.20 21.05
C HIS B 453 -54.29 10.98 22.52
N LEU B 454 -53.50 9.93 22.81
CA LEU B 454 -53.08 9.64 24.18
C LEU B 454 -51.64 9.14 24.15
N LEU B 455 -50.94 9.36 25.27
CA LEU B 455 -49.55 9.01 25.40
C LEU B 455 -49.31 8.45 26.81
N ARG B 456 -48.03 8.19 27.12
CA ARG B 456 -47.62 7.72 28.43
C ARG B 456 -46.19 8.15 28.70
N LEU B 457 -45.93 8.56 29.94
CA LEU B 457 -44.59 8.96 30.38
C LEU B 457 -44.08 7.90 31.35
N ARG B 458 -43.00 7.21 30.97
CA ARG B 458 -42.51 6.05 31.69
C ARG B 458 -41.27 6.41 32.51
N ALA B 459 -41.14 5.77 33.66
CA ALA B 459 -39.97 5.91 34.53
C ALA B 459 -39.21 4.59 34.56
N LEU B 460 -37.94 4.68 34.92
CA LEU B 460 -37.06 3.52 34.96
C LEU B 460 -37.04 2.91 36.36
N GLY B 461 -36.85 1.60 36.41
CA GLY B 461 -36.73 0.89 37.66
C GLY B 461 -38.01 0.32 38.22
N PHE B 462 -39.17 0.64 37.64
CA PHE B 462 -40.43 0.10 38.10
C PHE B 462 -41.33 -0.18 36.90
N SER B 463 -42.24 -1.14 37.09
CA SER B 463 -43.13 -1.59 36.02
C SER B 463 -44.45 -0.81 36.05
N GLU B 464 -44.32 0.50 35.86
CA GLU B 464 -45.48 1.39 35.84
C GLU B 464 -45.11 2.65 35.07
N GLU B 465 -46.13 3.32 34.55
CA GLU B 465 -45.92 4.56 33.80
C GLU B 465 -47.18 5.41 33.86
N LEU B 466 -46.99 6.72 33.75
CA LEU B 466 -48.09 7.67 33.73
C LEU B 466 -48.85 7.59 32.41
N ILE B 467 -50.05 8.17 32.41
CA ILE B 467 -50.89 8.27 31.23
C ILE B 467 -51.29 9.73 31.05
N VAL B 468 -51.16 10.23 29.83
CA VAL B 468 -51.46 11.62 29.50
C VAL B 468 -52.44 11.63 28.33
N GLU B 469 -53.40 12.55 28.38
CA GLU B 469 -54.34 12.76 27.29
C GLU B 469 -54.10 14.14 26.68
N LEU B 470 -54.21 14.23 25.35
CA LEU B 470 -53.94 15.45 24.63
C LEU B 470 -55.06 15.78 23.67
N HIS B 471 -55.27 17.08 23.46
CA HIS B 471 -56.25 17.57 22.50
C HIS B 471 -55.75 18.90 21.96
N THR B 472 -55.76 19.05 20.64
CA THR B 472 -55.21 20.24 20.00
C THR B 472 -56.02 20.56 18.76
N LEU B 473 -56.08 21.85 18.42
CA LEU B 473 -56.79 22.31 17.23
C LEU B 473 -56.22 23.66 16.81
N CYS B 474 -56.32 23.95 15.51
CA CYS B 474 -55.83 25.20 14.96
C CYS B 474 -56.87 26.31 14.93
N ASP B 475 -58.12 26.01 15.22
CA ASP B 475 -59.20 26.98 15.10
C ASP B 475 -59.30 27.84 16.35
N CYS B 476 -60.03 28.94 16.22
CA CYS B 476 -60.27 29.85 17.33
C CYS B 476 -61.40 29.30 18.19
N ASN B 477 -61.81 30.07 19.19
CA ASN B 477 -62.89 29.65 20.08
C ASN B 477 -64.22 29.61 19.34
N MET C 1 4.95 2.38 -45.12
CA MET C 1 4.09 1.19 -44.83
C MET C 1 4.74 0.31 -43.76
N VAL C 2 3.92 -0.31 -42.91
CA VAL C 2 4.43 -1.10 -41.81
C VAL C 2 4.79 -2.49 -42.30
N GLN C 3 6.01 -2.93 -42.00
CA GLN C 3 6.47 -4.27 -42.36
C GLN C 3 7.52 -4.71 -41.35
N LEU C 4 7.67 -6.03 -41.24
CA LEU C 4 8.61 -6.62 -40.30
C LEU C 4 9.45 -7.69 -41.00
N GLN C 5 10.72 -7.77 -40.61
CA GLN C 5 11.66 -8.73 -41.16
C GLN C 5 12.33 -9.47 -40.01
N ARG C 6 12.87 -10.66 -40.32
CA ARG C 6 13.42 -11.53 -39.30
C ARG C 6 14.71 -12.17 -39.82
N ALA C 7 15.48 -12.74 -38.89
CA ALA C 7 16.79 -13.28 -39.21
C ALA C 7 16.75 -14.52 -40.09
N GLY C 8 15.60 -15.21 -40.14
CA GLY C 8 15.47 -16.40 -40.96
C GLY C 8 15.61 -17.67 -40.15
N PRO C 9 15.62 -18.81 -40.82
CA PRO C 9 15.65 -20.09 -40.11
C PRO C 9 16.96 -20.28 -39.35
N THR C 10 16.90 -21.09 -38.30
CA THR C 10 18.07 -21.43 -37.52
C THR C 10 18.03 -22.90 -37.13
N ILE C 11 19.21 -23.51 -37.04
CA ILE C 11 19.37 -24.90 -36.62
C ILE C 11 20.29 -24.90 -35.40
N VAL C 12 19.82 -25.45 -34.30
CA VAL C 12 20.55 -25.43 -33.04
C VAL C 12 20.50 -26.80 -32.39
N LYS C 13 21.50 -27.09 -31.58
CA LYS C 13 21.55 -28.35 -30.85
C LYS C 13 20.54 -28.32 -29.71
N PRO C 14 20.08 -29.48 -29.26
CA PRO C 14 19.22 -29.51 -28.06
C PRO C 14 19.95 -28.91 -26.86
N GLY C 15 19.19 -28.15 -26.07
CA GLY C 15 19.72 -27.53 -24.87
C GLY C 15 20.27 -26.13 -25.08
N SER C 16 20.38 -25.66 -26.31
CA SER C 16 20.90 -24.33 -26.59
C SER C 16 19.76 -23.31 -26.53
N ALA C 17 20.08 -22.05 -26.80
CA ALA C 17 19.08 -20.98 -26.79
C ALA C 17 19.21 -20.16 -28.06
N VAL C 18 18.06 -19.75 -28.59
CA VAL C 18 17.98 -18.99 -29.83
C VAL C 18 17.42 -17.61 -29.53
N LYS C 19 18.04 -16.59 -30.10
CA LYS C 19 17.59 -15.20 -29.95
C LYS C 19 17.09 -14.71 -31.30
N LEU C 20 15.80 -14.91 -31.54
CA LEU C 20 15.18 -14.45 -32.78
C LEU C 20 15.07 -12.92 -32.77
N SER C 21 14.94 -12.35 -33.97
CA SER C 21 14.84 -10.91 -34.14
C SER C 21 13.69 -10.58 -35.08
N CYS C 22 13.09 -9.40 -34.86
CA CYS C 22 11.97 -8.90 -35.66
C CYS C 22 12.16 -7.40 -35.82
N LYS C 23 12.86 -7.01 -36.87
CA LYS C 23 13.09 -5.60 -37.15
C LYS C 23 11.81 -4.96 -37.66
N ALA C 24 11.50 -3.77 -37.15
CA ALA C 24 10.28 -3.06 -37.48
C ALA C 24 10.61 -1.73 -38.15
N THR C 25 9.80 -1.35 -39.13
CA THR C 25 10.02 -0.13 -39.88
C THR C 25 8.68 0.49 -40.24
N GLY C 26 8.70 1.79 -40.52
CA GLY C 26 7.53 2.51 -40.98
C GLY C 26 6.63 3.07 -39.90
N PHE C 27 7.07 3.09 -38.65
CA PHE C 27 6.25 3.62 -37.57
C PHE C 27 7.14 3.95 -36.37
N ALA C 28 6.56 4.66 -35.41
CA ALA C 28 7.27 5.03 -34.18
C ALA C 28 7.35 3.81 -33.28
N TYR C 29 8.58 3.37 -32.98
CA TYR C 29 8.78 2.06 -32.38
C TYR C 29 8.44 2.03 -30.89
N GLU C 30 8.69 3.12 -30.16
CA GLU C 30 8.46 3.15 -28.73
C GLU C 30 6.99 3.31 -28.38
N ASP C 31 6.09 3.12 -29.35
CA ASP C 31 4.66 3.31 -29.17
C ASP C 31 3.87 2.01 -29.17
N TYR C 32 4.04 1.17 -30.17
CA TYR C 32 3.13 0.06 -30.39
C TYR C 32 3.70 -1.24 -29.87
N TYR C 33 2.81 -2.08 -29.34
CA TYR C 33 3.16 -3.36 -28.77
C TYR C 33 3.69 -4.31 -29.84
N ILE C 34 4.46 -5.30 -29.39
CA ILE C 34 4.94 -6.37 -30.24
C ILE C 34 4.50 -7.69 -29.62
N PHE C 35 3.72 -8.46 -30.36
CA PHE C 35 3.20 -9.74 -29.90
C PHE C 35 3.87 -10.88 -30.66
N TRP C 36 4.08 -11.99 -29.97
CA TRP C 36 4.70 -13.17 -30.55
C TRP C 36 3.73 -14.35 -30.48
N VAL C 37 3.80 -15.24 -31.47
CA VAL C 37 2.94 -16.40 -31.56
C VAL C 37 3.66 -17.48 -32.36
N ARG C 38 3.47 -18.73 -31.95
CA ARG C 38 4.11 -19.87 -32.61
C ARG C 38 3.04 -20.79 -33.18
N GLN C 39 3.23 -21.20 -34.43
CA GLN C 39 2.37 -22.15 -35.11
C GLN C 39 3.15 -23.46 -35.22
N ARG C 40 2.88 -24.38 -34.30
CA ARG C 40 3.52 -25.68 -34.31
C ARG C 40 3.03 -26.49 -35.50
N GLU C 41 3.96 -27.18 -36.17
CA GLU C 41 3.63 -27.99 -37.33
C GLU C 41 2.74 -29.16 -36.93
N GLY C 42 2.29 -29.93 -37.92
CA GLY C 42 1.45 -31.08 -37.63
C GLY C 42 0.04 -30.72 -37.24
N GLY C 43 -0.42 -29.52 -37.59
CA GLY C 43 -1.77 -29.12 -37.28
C GLY C 43 -2.07 -28.98 -35.80
N ASN C 44 -1.14 -28.40 -35.04
CA ASN C 44 -1.35 -28.14 -33.62
C ASN C 44 -1.95 -26.76 -33.37
N GLY C 45 -2.26 -26.01 -34.43
CA GLY C 45 -2.84 -24.69 -34.26
C GLY C 45 -1.79 -23.66 -33.88
N GLN C 46 -2.25 -22.61 -33.19
CA GLN C 46 -1.39 -21.51 -32.77
C GLN C 46 -1.68 -21.19 -31.31
N LYS C 47 -0.66 -20.64 -30.64
CA LYS C 47 -0.79 -20.29 -29.23
C LYS C 47 0.00 -19.01 -28.97
N TRP C 48 -0.67 -18.03 -28.37
CA TRP C 48 -0.05 -16.75 -28.09
C TRP C 48 1.05 -16.89 -27.05
N ILE C 49 2.17 -16.22 -27.28
CA ILE C 49 3.37 -16.39 -26.47
C ILE C 49 3.45 -15.32 -25.40
N GLY C 50 3.55 -14.07 -25.81
CA GLY C 50 3.76 -13.00 -24.87
C GLY C 50 3.54 -11.64 -25.50
N ARG C 51 4.08 -10.63 -24.82
CA ARG C 51 3.83 -9.24 -25.19
C ARG C 51 4.97 -8.39 -24.66
N ILE C 52 5.25 -7.27 -25.34
CA ILE C 52 6.25 -6.32 -24.87
C ILE C 52 5.92 -4.95 -25.44
N HIS C 53 6.06 -3.94 -24.58
CA HIS C 53 5.87 -2.55 -24.97
C HIS C 53 7.23 -1.89 -25.08
N PRO C 54 7.71 -1.55 -26.28
CA PRO C 54 9.09 -1.07 -26.39
C PRO C 54 9.37 0.17 -25.56
N GLY C 55 8.39 1.04 -25.36
CA GLY C 55 8.64 2.29 -24.66
C GLY C 55 9.10 2.09 -23.23
N SER C 56 8.45 1.20 -22.50
CA SER C 56 8.78 0.95 -21.11
C SER C 56 9.49 -0.38 -20.90
N GLY C 57 9.69 -1.17 -21.95
CA GLY C 57 10.30 -2.47 -21.81
C GLY C 57 9.50 -3.47 -21.02
N GLU C 58 8.27 -3.14 -20.65
CA GLU C 58 7.45 -4.06 -19.88
C GLU C 58 6.99 -5.21 -20.75
N THR C 59 6.71 -6.34 -20.12
CA THR C 59 6.29 -7.54 -20.82
C THR C 59 5.17 -8.22 -20.06
N LYS C 60 4.44 -9.09 -20.76
CA LYS C 60 3.52 -10.00 -20.13
C LYS C 60 3.57 -11.32 -20.88
N TYR C 61 3.55 -12.42 -20.14
CA TYR C 61 3.78 -13.74 -20.70
C TYR C 61 2.62 -14.66 -20.40
N ASN C 62 2.25 -15.46 -21.38
CA ASN C 62 1.40 -16.61 -21.13
C ASN C 62 2.12 -17.58 -20.20
N ASP C 63 1.39 -18.17 -19.26
CA ASP C 63 2.02 -19.03 -18.27
C ASP C 63 2.78 -20.17 -18.92
N LYS C 64 2.25 -20.71 -20.03
CA LYS C 64 2.90 -21.83 -20.69
C LYS C 64 4.31 -21.50 -21.14
N PHE C 65 4.59 -20.24 -21.46
CA PHE C 65 5.93 -19.82 -21.90
C PHE C 65 6.56 -18.86 -20.89
N LYS C 66 6.22 -18.98 -19.60
CA LYS C 66 6.69 -18.02 -18.61
C LYS C 66 8.20 -18.05 -18.50
N GLY C 67 8.77 -19.24 -18.28
CA GLY C 67 10.21 -19.40 -18.18
C GLY C 67 10.88 -19.79 -19.48
N LYS C 68 10.11 -20.04 -20.53
CA LYS C 68 10.67 -20.44 -21.81
C LYS C 68 11.04 -19.25 -22.68
N ALA C 69 10.21 -18.20 -22.65
CA ALA C 69 10.41 -17.02 -23.48
C ALA C 69 10.84 -15.83 -22.62
N THR C 70 11.51 -14.89 -23.27
CA THR C 70 11.97 -13.67 -22.60
C THR C 70 12.10 -12.59 -23.65
N LEU C 71 11.15 -11.65 -23.66
CA LEU C 71 11.09 -10.62 -24.68
C LEU C 71 11.79 -9.35 -24.21
N THR C 72 12.40 -8.66 -25.17
CA THR C 72 13.10 -7.40 -24.91
C THR C 72 13.03 -6.55 -26.16
N ALA C 73 13.19 -5.24 -25.99
CA ALA C 73 13.09 -4.29 -27.08
C ALA C 73 14.31 -3.39 -27.10
N ASP C 74 14.89 -3.23 -28.29
CA ASP C 74 16.06 -2.38 -28.51
C ASP C 74 15.57 -1.14 -29.24
N THR C 75 15.19 -0.11 -28.48
CA THR C 75 14.59 1.07 -29.09
C THR C 75 15.55 1.76 -30.07
N GLU C 76 16.85 1.63 -29.85
CA GLU C 76 17.80 2.26 -30.78
C GLU C 76 17.72 1.64 -32.17
N ALA C 77 17.79 0.32 -32.25
CA ALA C 77 17.77 -0.38 -33.53
C ALA C 77 16.36 -0.71 -34.00
N SER C 78 15.34 -0.42 -33.20
CA SER C 78 13.96 -0.71 -33.56
C SER C 78 13.78 -2.19 -33.88
N SER C 79 14.46 -3.05 -33.11
CA SER C 79 14.43 -4.49 -33.30
C SER C 79 13.96 -5.16 -32.02
N ALA C 80 13.00 -6.06 -32.13
CA ALA C 80 12.48 -6.82 -31.01
C ALA C 80 13.07 -8.23 -31.01
N TYR C 81 13.35 -8.75 -29.82
CA TYR C 81 14.03 -10.02 -29.66
C TYR C 81 13.24 -10.93 -28.72
N MET C 82 13.21 -12.22 -29.04
CA MET C 82 12.71 -13.24 -28.14
C MET C 82 13.79 -14.28 -27.95
N ARG C 83 14.01 -14.69 -26.71
CA ARG C 83 15.02 -15.70 -26.37
C ARG C 83 14.32 -16.95 -25.86
N LEU C 84 14.58 -18.08 -26.50
CA LEU C 84 14.05 -19.36 -26.09
C LEU C 84 15.12 -20.11 -25.29
N THR C 85 14.81 -20.43 -24.05
CA THR C 85 15.77 -21.01 -23.12
C THR C 85 15.59 -22.51 -23.03
N SER C 86 16.71 -23.23 -23.02
CA SER C 86 16.71 -24.69 -22.90
C SER C 86 15.75 -25.31 -23.92
N LEU C 87 16.09 -25.11 -25.18
CA LEU C 87 15.27 -25.65 -26.26
C LEU C 87 15.30 -27.18 -26.23
N THR C 88 14.23 -27.78 -26.73
CA THR C 88 14.12 -29.23 -26.89
C THR C 88 13.66 -29.53 -28.30
N SER C 89 13.62 -30.82 -28.63
CA SER C 89 13.12 -31.22 -29.95
C SER C 89 11.67 -30.79 -30.14
N GLU C 90 10.93 -30.63 -29.04
CA GLU C 90 9.53 -30.24 -29.14
C GLU C 90 9.38 -28.80 -29.59
N ASP C 91 10.30 -27.93 -29.19
CA ASP C 91 10.16 -26.50 -29.47
C ASP C 91 10.23 -26.16 -30.95
N THR C 92 10.67 -27.10 -31.80
CA THR C 92 10.76 -26.83 -33.22
C THR C 92 9.40 -26.43 -33.78
N ALA C 93 9.34 -25.23 -34.34
CA ALA C 93 8.12 -24.70 -34.95
C ALA C 93 8.48 -23.40 -35.65
N VAL C 94 7.48 -22.72 -36.21
CA VAL C 94 7.65 -21.42 -36.85
C VAL C 94 7.04 -20.36 -35.94
N TRP C 95 7.77 -19.27 -35.75
CA TRP C 95 7.40 -18.21 -34.83
C TRP C 95 7.19 -16.91 -35.59
N TYR C 96 6.30 -16.06 -35.08
CA TYR C 96 5.93 -14.81 -35.73
C TYR C 96 5.87 -13.69 -34.72
N CYS C 97 6.43 -12.54 -35.08
CA CYS C 97 6.18 -11.30 -34.35
C CYS C 97 4.98 -10.58 -34.96
N GLY C 98 4.44 -9.61 -34.23
CA GLY C 98 3.22 -8.95 -34.62
C GLY C 98 3.20 -7.49 -34.20
N TRP C 99 2.18 -6.78 -34.69
CA TRP C 99 2.02 -5.36 -34.43
C TRP C 99 0.53 -5.06 -34.25
N GLU C 100 0.17 -4.54 -33.08
CA GLU C 100 -1.24 -4.32 -32.76
C GLU C 100 -1.82 -3.22 -33.62
N ARG C 101 -3.14 -3.29 -33.82
CA ARG C 101 -3.83 -2.24 -34.57
C ARG C 101 -3.90 -0.96 -33.75
N SER C 102 -3.67 0.17 -34.41
CA SER C 102 -3.65 1.44 -33.70
C SER C 102 -5.00 1.78 -33.09
N VAL C 103 -6.08 1.55 -33.82
CA VAL C 103 -7.43 1.84 -33.35
C VAL C 103 -8.16 0.52 -33.16
N GLY C 104 -9.13 0.52 -32.26
CA GLY C 104 -9.83 -0.72 -31.97
C GLY C 104 -8.88 -1.69 -31.30
N ARG C 105 -9.09 -2.98 -31.59
CA ARG C 105 -8.23 -4.02 -31.05
C ARG C 105 -8.08 -5.15 -32.06
N ALA C 106 -6.84 -5.42 -32.46
CA ALA C 106 -6.51 -6.58 -33.27
C ALA C 106 -5.04 -6.88 -33.01
N THR C 107 -4.77 -7.98 -32.29
CA THR C 107 -3.42 -8.19 -31.79
C THR C 107 -2.41 -8.25 -32.92
N PHE C 108 -2.71 -8.95 -34.00
CA PHE C 108 -1.81 -9.11 -35.14
C PHE C 108 -2.45 -8.44 -36.35
N ALA C 109 -2.25 -7.12 -36.47
CA ALA C 109 -2.64 -6.41 -37.68
C ALA C 109 -1.65 -6.66 -38.81
N TYR C 110 -0.37 -6.77 -38.48
CA TYR C 110 0.68 -7.06 -39.44
C TYR C 110 1.56 -8.18 -38.90
N TRP C 111 2.14 -8.95 -39.80
CA TRP C 111 2.97 -10.09 -39.45
C TRP C 111 4.32 -9.98 -40.15
N GLY C 112 5.31 -10.66 -39.58
CA GLY C 112 6.58 -10.81 -40.27
C GLY C 112 6.55 -11.96 -41.25
N GLN C 113 7.65 -12.11 -41.99
CA GLN C 113 7.68 -13.09 -43.06
C GLN C 113 7.58 -14.51 -42.54
N GLY C 114 8.24 -14.82 -41.42
CA GLY C 114 8.29 -16.18 -40.93
C GLY C 114 9.70 -16.60 -40.55
N THR C 115 9.83 -17.41 -39.51
CA THR C 115 11.13 -17.91 -39.09
C THR C 115 10.94 -19.29 -38.47
N SER C 116 11.62 -20.29 -39.03
CA SER C 116 11.50 -21.67 -38.59
C SER C 116 12.70 -22.03 -37.73
N VAL C 117 12.43 -22.72 -36.61
CA VAL C 117 13.45 -23.12 -35.66
C VAL C 117 13.47 -24.65 -35.61
N THR C 118 14.65 -25.22 -35.78
CA THR C 118 14.82 -26.68 -35.76
C THR C 118 15.89 -27.04 -34.74
N VAL C 119 15.54 -27.95 -33.85
CA VAL C 119 16.45 -28.43 -32.81
C VAL C 119 16.80 -29.88 -33.13
N SER C 120 18.08 -30.13 -33.41
CA SER C 120 18.51 -31.47 -33.77
C SER C 120 20.01 -31.59 -33.54
N SER C 121 20.43 -32.77 -33.10
CA SER C 121 21.84 -33.09 -32.91
C SER C 121 22.46 -33.78 -34.11
N ALA C 122 21.68 -34.01 -35.17
CA ALA C 122 22.20 -34.71 -36.34
C ALA C 122 23.18 -33.83 -37.11
N LYS C 123 24.20 -34.47 -37.66
CA LYS C 123 25.18 -33.77 -38.48
C LYS C 123 24.67 -33.58 -39.90
N THR C 124 25.34 -32.70 -40.64
CA THR C 124 25.00 -32.48 -42.04
C THR C 124 25.37 -33.72 -42.84
N THR C 125 24.37 -34.50 -43.24
CA THR C 125 24.60 -35.75 -43.94
C THR C 125 23.97 -35.69 -45.33
N PRO C 126 24.60 -36.29 -46.34
CA PRO C 126 24.02 -36.24 -47.69
C PRO C 126 22.96 -37.32 -47.87
N PRO C 127 21.97 -37.07 -48.71
CA PRO C 127 20.96 -38.11 -48.97
C PRO C 127 21.54 -39.30 -49.73
N SER C 128 20.92 -40.46 -49.50
CA SER C 128 21.23 -41.68 -50.25
C SER C 128 20.06 -41.98 -51.16
N VAL C 129 20.33 -42.04 -52.47
CA VAL C 129 19.29 -42.19 -53.49
C VAL C 129 19.26 -43.63 -53.95
N TYR C 130 18.08 -44.25 -53.92
CA TYR C 130 17.92 -45.64 -54.32
C TYR C 130 16.83 -45.72 -55.40
N PRO C 131 17.12 -46.27 -56.57
CA PRO C 131 16.07 -46.40 -57.59
C PRO C 131 15.02 -47.42 -57.18
N LEU C 132 13.79 -47.18 -57.64
CA LEU C 132 12.66 -48.07 -57.38
C LEU C 132 12.32 -48.79 -58.66
N ALA C 133 12.84 -50.00 -58.83
CA ALA C 133 12.60 -50.77 -60.04
C ALA C 133 11.17 -51.29 -60.04
N PRO C 134 10.37 -51.01 -61.08
CA PRO C 134 8.99 -51.50 -61.10
C PRO C 134 8.94 -53.03 -61.04
N GLY C 135 7.88 -53.53 -60.41
CA GLY C 135 7.69 -54.96 -60.36
C GLY C 135 7.45 -55.57 -61.72
N SER C 136 7.68 -56.88 -61.81
CA SER C 136 7.53 -57.57 -63.09
C SER C 136 6.10 -57.48 -63.62
N ALA C 137 5.12 -57.36 -62.71
CA ALA C 137 3.72 -57.30 -63.13
C ALA C 137 3.34 -55.96 -63.74
N ALA C 138 4.11 -54.91 -63.45
CA ALA C 138 3.76 -53.56 -63.92
C ALA C 138 4.22 -53.30 -65.35
N GLN C 139 4.98 -54.21 -65.96
CA GLN C 139 5.51 -53.97 -67.30
C GLN C 139 4.48 -54.24 -68.39
N THR C 140 3.34 -54.84 -68.07
CA THR C 140 2.33 -55.17 -69.07
C THR C 140 1.26 -54.10 -69.23
N ASN C 141 1.34 -53.00 -68.46
CA ASN C 141 0.33 -51.95 -68.50
C ASN C 141 0.78 -50.81 -69.40
N SER C 142 -0.19 -50.00 -69.82
CA SER C 142 0.10 -48.87 -70.69
C SER C 142 0.88 -47.79 -69.94
N MET C 143 0.64 -47.66 -68.64
CA MET C 143 1.26 -46.65 -67.81
C MET C 143 2.16 -47.33 -66.79
N VAL C 144 3.38 -46.82 -66.63
CA VAL C 144 4.36 -47.34 -65.68
C VAL C 144 4.78 -46.22 -64.74
N THR C 145 4.86 -46.54 -63.46
CA THR C 145 5.25 -45.57 -62.44
C THR C 145 6.63 -45.92 -61.89
N LEU C 146 7.54 -44.94 -61.92
CA LEU C 146 8.87 -45.07 -61.38
C LEU C 146 9.01 -44.16 -60.16
N GLY C 147 10.18 -44.17 -59.55
CA GLY C 147 10.45 -43.33 -58.41
C GLY C 147 11.80 -43.63 -57.79
N CYS C 148 12.16 -42.80 -56.82
CA CYS C 148 13.40 -42.96 -56.08
C CYS C 148 13.15 -42.64 -54.62
N LEU C 149 14.06 -43.12 -53.76
CA LEU C 149 13.98 -42.93 -52.33
C LEU C 149 15.16 -42.09 -51.87
N VAL C 150 14.87 -40.89 -51.35
CA VAL C 150 15.87 -39.99 -50.78
C VAL C 150 15.85 -40.21 -49.27
N LYS C 151 16.80 -40.98 -48.76
CA LYS C 151 16.79 -41.44 -47.38
C LYS C 151 18.04 -40.97 -46.66
N GLY C 152 17.87 -40.50 -45.43
CA GLY C 152 19.00 -40.14 -44.59
C GLY C 152 19.73 -38.88 -45.00
N TYR C 153 19.09 -37.73 -44.85
CA TYR C 153 19.72 -36.44 -45.15
C TYR C 153 19.35 -35.43 -44.09
N PHE C 154 20.24 -34.44 -43.90
CA PHE C 154 20.03 -33.36 -42.95
C PHE C 154 21.00 -32.25 -43.25
N PRO C 155 20.60 -30.98 -43.15
CA PRO C 155 19.24 -30.48 -42.90
C PRO C 155 18.42 -30.39 -44.17
N GLU C 156 17.14 -30.04 -44.07
CA GLU C 156 16.33 -29.80 -45.25
C GLU C 156 16.75 -28.50 -45.92
N PRO C 157 16.39 -28.30 -47.19
CA PRO C 157 15.60 -29.17 -48.07
C PRO C 157 16.46 -29.93 -49.08
N VAL C 158 15.86 -30.89 -49.77
CA VAL C 158 16.51 -31.59 -50.88
C VAL C 158 15.55 -31.58 -52.05
N THR C 159 15.99 -31.00 -53.17
CA THR C 159 15.14 -30.87 -54.36
C THR C 159 15.36 -32.06 -55.28
N VAL C 160 14.26 -32.53 -55.88
CA VAL C 160 14.28 -33.70 -56.75
C VAL C 160 13.67 -33.30 -58.10
N THR C 161 14.34 -33.67 -59.18
CA THR C 161 13.86 -33.42 -60.53
C THR C 161 14.10 -34.67 -61.37
N TRP C 162 13.46 -34.71 -62.54
CA TRP C 162 13.56 -35.84 -63.45
C TRP C 162 14.09 -35.38 -64.79
N ASN C 163 15.12 -36.05 -65.29
CA ASN C 163 15.71 -35.76 -66.60
C ASN C 163 16.20 -34.31 -66.67
N SER C 164 16.90 -33.89 -65.62
CA SER C 164 17.46 -32.54 -65.53
C SER C 164 16.36 -31.48 -65.61
N GLY C 165 15.17 -31.81 -65.11
CA GLY C 165 14.07 -30.88 -65.08
C GLY C 165 13.24 -30.83 -66.34
N SER C 166 13.62 -31.57 -67.39
CA SER C 166 12.82 -31.58 -68.60
C SER C 166 11.44 -32.15 -68.34
N LEU C 167 11.36 -33.22 -67.56
CA LEU C 167 10.08 -33.79 -67.18
C LEU C 167 9.40 -32.88 -66.17
N SER C 168 8.12 -32.56 -66.42
CA SER C 168 7.42 -31.60 -65.57
C SER C 168 5.98 -31.98 -65.28
N SER C 169 5.51 -33.16 -65.72
CA SER C 169 4.14 -33.59 -65.48
C SER C 169 4.14 -34.95 -64.81
N GLY C 170 3.23 -35.13 -63.86
CA GLY C 170 3.08 -36.40 -63.17
C GLY C 170 4.09 -36.62 -62.05
N VAL C 171 4.94 -35.65 -61.76
CA VAL C 171 5.94 -35.80 -60.70
C VAL C 171 5.30 -35.41 -59.37
N HIS C 172 5.52 -36.24 -58.35
CA HIS C 172 4.97 -36.02 -57.02
C HIS C 172 6.09 -36.15 -55.99
N THR C 173 6.38 -35.06 -55.29
CA THR C 173 7.39 -35.03 -54.24
C THR C 173 6.67 -34.93 -52.90
N PHE C 174 6.67 -36.02 -52.15
CA PHE C 174 5.92 -36.08 -50.91
C PHE C 174 6.69 -35.37 -49.78
N PRO C 175 5.98 -34.82 -48.80
CA PRO C 175 6.66 -34.18 -47.67
C PRO C 175 7.55 -35.18 -46.93
N ALA C 176 8.69 -34.68 -46.43
CA ALA C 176 9.66 -35.51 -45.75
C ALA C 176 9.12 -35.94 -44.38
N VAL C 177 9.66 -37.06 -43.89
CA VAL C 177 9.35 -37.59 -42.57
C VAL C 177 10.67 -37.97 -41.91
N LEU C 178 10.71 -37.87 -40.58
CA LEU C 178 11.92 -38.11 -39.82
C LEU C 178 12.06 -39.59 -39.46
N GLN C 179 13.30 -40.06 -39.47
CA GLN C 179 13.67 -41.36 -38.92
C GLN C 179 14.82 -41.16 -37.96
N SER C 180 14.66 -41.65 -36.73
CA SER C 180 15.65 -41.43 -35.69
C SER C 180 16.00 -39.94 -35.62
N ASP C 181 17.13 -39.56 -36.24
CA ASP C 181 17.52 -38.16 -36.32
C ASP C 181 17.72 -37.67 -37.76
N LEU C 182 17.71 -38.57 -38.73
CA LEU C 182 17.97 -38.23 -40.13
C LEU C 182 16.66 -38.25 -40.92
N TYR C 183 16.46 -37.25 -41.76
CA TYR C 183 15.21 -37.10 -42.48
C TYR C 183 15.12 -38.10 -43.63
N THR C 184 13.93 -38.18 -44.23
CA THR C 184 13.66 -39.08 -45.34
C THR C 184 12.72 -38.40 -46.32
N LEU C 185 12.58 -38.97 -47.51
CA LEU C 185 11.78 -38.40 -48.57
C LEU C 185 11.63 -39.40 -49.71
N SER C 186 10.56 -39.24 -50.49
CA SER C 186 10.32 -40.09 -51.65
C SER C 186 9.66 -39.26 -52.75
N SER C 187 9.83 -39.73 -53.99
CA SER C 187 9.23 -39.07 -55.15
C SER C 187 8.89 -40.14 -56.18
N SER C 188 7.77 -39.93 -56.89
CA SER C 188 7.30 -40.86 -57.90
C SER C 188 6.86 -40.10 -59.13
N VAL C 189 7.15 -40.66 -60.31
CA VAL C 189 6.77 -40.09 -61.59
C VAL C 189 6.13 -41.19 -62.42
N THR C 190 5.38 -40.78 -63.44
CA THR C 190 4.71 -41.71 -64.33
C THR C 190 4.96 -41.30 -65.78
N VAL C 191 5.31 -42.27 -66.61
CA VAL C 191 5.57 -42.02 -68.04
C VAL C 191 4.98 -43.17 -68.84
N PRO C 192 4.75 -42.96 -70.13
CA PRO C 192 4.27 -44.07 -70.96
C PRO C 192 5.25 -45.23 -70.96
N SER C 193 4.71 -46.46 -70.95
CA SER C 193 5.55 -47.64 -71.09
C SER C 193 6.19 -47.72 -72.46
N SER C 194 5.59 -47.07 -73.47
CA SER C 194 6.22 -46.99 -74.78
C SER C 194 7.48 -46.14 -74.77
N THR C 195 7.67 -45.31 -73.75
CA THR C 195 8.87 -44.52 -73.61
C THR C 195 9.84 -45.04 -72.56
N TRP C 196 9.58 -46.22 -71.98
CA TRP C 196 10.45 -46.77 -70.96
C TRP C 196 10.42 -48.29 -71.04
N PRO C 197 11.56 -48.96 -70.83
CA PRO C 197 12.91 -48.41 -70.65
C PRO C 197 13.51 -47.93 -71.98
N SER C 198 12.68 -47.80 -73.02
CA SER C 198 13.21 -47.43 -74.33
C SER C 198 13.94 -46.10 -74.30
N GLU C 199 13.53 -45.19 -73.42
CA GLU C 199 14.14 -43.88 -73.30
C GLU C 199 14.61 -43.67 -71.87
N THR C 200 15.74 -42.98 -71.73
CA THR C 200 16.35 -42.81 -70.42
C THR C 200 15.44 -42.05 -69.47
N VAL C 201 15.31 -42.57 -68.26
CA VAL C 201 14.61 -41.89 -67.17
C VAL C 201 15.57 -41.81 -65.99
N THR C 202 15.75 -40.61 -65.46
CA THR C 202 16.70 -40.36 -64.39
C THR C 202 16.19 -39.21 -63.54
N CYS C 203 16.86 -38.97 -62.40
CA CYS C 203 16.52 -37.89 -61.51
C CYS C 203 17.77 -37.33 -60.85
N ASN C 204 17.72 -36.04 -60.51
CA ASN C 204 18.81 -35.34 -59.85
C ASN C 204 18.34 -34.86 -58.49
N VAL C 205 19.16 -35.08 -57.47
CA VAL C 205 18.85 -34.69 -56.10
C VAL C 205 19.96 -33.77 -55.61
N ALA C 206 19.58 -32.58 -55.14
CA ALA C 206 20.53 -31.56 -54.70
C ALA C 206 20.38 -31.31 -53.20
N HIS C 207 21.53 -31.18 -52.54
CA HIS C 207 21.58 -30.93 -51.10
C HIS C 207 22.50 -29.75 -50.86
N PRO C 208 21.95 -28.52 -50.91
CA PRO C 208 22.81 -27.34 -50.76
C PRO C 208 23.62 -27.34 -49.48
N ALA C 209 23.05 -27.83 -48.37
CA ALA C 209 23.77 -27.82 -47.10
C ALA C 209 25.06 -28.62 -47.18
N SER C 210 25.17 -29.58 -48.11
CA SER C 210 26.38 -30.36 -48.29
C SER C 210 27.00 -30.16 -49.66
N SER C 211 26.40 -29.32 -50.51
CA SER C 211 26.93 -29.07 -51.86
C SER C 211 27.08 -30.37 -52.63
N THR C 212 26.07 -31.24 -52.52
CA THR C 212 26.09 -32.57 -53.13
C THR C 212 24.98 -32.67 -54.16
N LYS C 213 25.34 -33.06 -55.38
CA LYS C 213 24.38 -33.34 -56.44
C LYS C 213 24.59 -34.77 -56.91
N VAL C 214 23.51 -35.55 -56.96
CA VAL C 214 23.57 -36.97 -57.27
C VAL C 214 22.61 -37.27 -58.41
N ASP C 215 23.10 -38.01 -59.40
CA ASP C 215 22.30 -38.43 -60.54
C ASP C 215 22.13 -39.95 -60.50
N LYS C 216 20.89 -40.41 -60.66
CA LYS C 216 20.59 -41.83 -60.60
C LYS C 216 19.65 -42.19 -61.75
N LYS C 217 20.07 -43.16 -62.56
CA LYS C 217 19.26 -43.64 -63.68
C LYS C 217 18.49 -44.88 -63.27
N ILE C 218 17.19 -44.86 -63.53
CA ILE C 218 16.32 -45.99 -63.20
C ILE C 218 16.56 -47.12 -64.18
N VAL C 219 16.68 -48.34 -63.68
CA VAL C 219 16.89 -49.52 -64.51
C VAL C 219 15.89 -50.59 -64.11
N PRO C 220 15.43 -51.45 -65.03
CA PRO C 220 14.52 -52.54 -64.66
C PRO C 220 15.13 -53.52 -63.66
N ALA D 1 -8.47 -20.06 -16.08
CA ALA D 1 -7.28 -20.55 -16.85
C ALA D 1 -7.18 -19.84 -18.19
N ALA D 2 -8.03 -20.27 -19.13
CA ALA D 2 -8.07 -19.68 -20.46
C ALA D 2 -9.42 -19.98 -21.09
N ILE D 3 -9.75 -19.21 -22.12
CA ILE D 3 -10.99 -19.40 -22.86
C ILE D 3 -10.76 -20.40 -23.98
N THR D 4 -11.68 -21.34 -24.12
CA THR D 4 -11.59 -22.41 -25.09
C THR D 4 -12.43 -22.08 -26.31
N PHE D 5 -11.95 -22.50 -27.48
CA PHE D 5 -12.61 -22.26 -28.75
C PHE D 5 -12.97 -23.59 -29.38
N ASN D 6 -14.15 -23.68 -29.98
CA ASN D 6 -14.65 -24.89 -30.62
C ASN D 6 -14.83 -24.69 -32.12
N LEU D 7 -13.87 -24.03 -32.77
CA LEU D 7 -13.97 -23.74 -34.19
C LEU D 7 -14.19 -25.04 -34.98
N ALA D 8 -15.36 -25.16 -35.59
CA ALA D 8 -15.76 -26.34 -36.35
C ALA D 8 -16.56 -25.88 -37.55
N PRO D 9 -16.65 -26.71 -38.60
CA PRO D 9 -16.03 -28.03 -38.78
C PRO D 9 -14.54 -27.95 -39.05
N GLU D 10 -13.83 -29.08 -38.97
CA GLU D 10 -12.39 -29.07 -39.24
C GLU D 10 -12.11 -28.61 -40.67
N SER D 11 -12.96 -28.99 -41.61
CA SER D 11 -12.80 -28.59 -42.99
C SER D 11 -14.15 -28.62 -43.69
N LEU D 12 -14.25 -27.85 -44.77
CA LEU D 12 -15.46 -27.77 -45.58
C LEU D 12 -15.13 -28.19 -47.01
N VAL D 13 -16.00 -28.98 -47.61
CA VAL D 13 -15.93 -29.29 -49.03
C VAL D 13 -16.87 -28.33 -49.74
N VAL D 14 -16.30 -27.43 -50.55
CA VAL D 14 -17.05 -26.35 -51.16
C VAL D 14 -16.73 -26.30 -52.66
N THR D 15 -17.59 -25.59 -53.40
CA THR D 15 -17.43 -25.40 -54.82
C THR D 15 -17.49 -23.91 -55.14
N ALA D 16 -16.75 -23.51 -56.17
CA ALA D 16 -16.68 -22.10 -56.54
C ALA D 16 -18.07 -21.56 -56.77
N GLY D 17 -18.35 -20.40 -56.20
CA GLY D 17 -19.65 -19.77 -56.39
C GLY D 17 -20.74 -20.23 -55.44
N SER D 18 -20.37 -20.78 -54.29
CA SER D 18 -21.33 -21.25 -53.30
C SER D 18 -21.06 -20.53 -51.98
N LYS D 19 -22.03 -20.60 -51.07
CA LYS D 19 -21.90 -19.95 -49.77
C LYS D 19 -21.00 -20.81 -48.88
N VAL D 20 -20.47 -20.19 -47.82
CA VAL D 20 -19.69 -20.90 -46.80
C VAL D 20 -20.15 -20.44 -45.43
N THR D 21 -19.83 -21.25 -44.41
CA THR D 21 -20.21 -20.93 -43.04
C THR D 21 -19.26 -21.66 -42.08
N PHE D 22 -18.39 -20.90 -41.43
CA PHE D 22 -17.64 -21.41 -40.29
C PHE D 22 -18.40 -21.09 -39.01
N SER D 23 -18.07 -21.82 -37.94
CA SER D 23 -18.75 -21.67 -36.66
C SER D 23 -17.74 -21.78 -35.54
N CYS D 24 -17.31 -20.64 -35.00
CA CYS D 24 -16.42 -20.58 -33.85
C CYS D 24 -17.22 -20.19 -32.62
N LYS D 25 -17.09 -20.96 -31.55
CA LYS D 25 -17.80 -20.73 -30.30
C LYS D 25 -16.81 -20.65 -29.16
N ALA D 26 -17.10 -19.81 -28.18
CA ALA D 26 -16.21 -19.54 -27.06
C ALA D 26 -16.83 -20.02 -25.76
N SER D 27 -15.97 -20.44 -24.83
CA SER D 27 -16.44 -20.92 -23.54
C SER D 27 -16.95 -19.80 -22.64
N GLN D 28 -16.65 -18.55 -22.98
CA GLN D 28 -17.07 -17.40 -22.19
C GLN D 28 -17.56 -16.30 -23.13
N ASP D 29 -18.20 -15.29 -22.55
CA ASP D 29 -18.74 -14.18 -23.32
C ASP D 29 -17.63 -13.19 -23.68
N PHE D 30 -17.72 -12.64 -24.89
CA PHE D 30 -16.76 -11.65 -25.36
C PHE D 30 -17.32 -10.24 -25.39
N LEU D 31 -18.62 -10.06 -25.23
CA LEU D 31 -19.25 -8.74 -25.35
C LEU D 31 -18.72 -7.86 -24.23
N ASN D 32 -17.90 -6.87 -24.57
CA ASN D 32 -17.37 -5.95 -23.58
C ASN D 32 -18.49 -5.07 -23.08
N SER D 33 -18.72 -5.09 -21.77
CA SER D 33 -19.96 -4.53 -21.23
C SER D 33 -20.03 -3.02 -21.40
N ALA D 34 -18.93 -2.36 -21.75
CA ALA D 34 -18.94 -0.91 -21.89
C ALA D 34 -19.01 -0.46 -23.34
N THR D 35 -18.07 -0.90 -24.17
CA THR D 35 -18.10 -0.55 -25.58
C THR D 35 -19.14 -1.33 -26.35
N LYS D 36 -19.71 -2.38 -25.75
CA LYS D 36 -20.71 -3.23 -26.38
C LYS D 36 -20.20 -3.87 -27.66
N ARG D 37 -18.88 -3.95 -27.83
CA ARG D 37 -18.28 -4.61 -28.97
C ARG D 37 -17.81 -6.01 -28.57
N ASN D 38 -18.16 -7.00 -29.39
CA ASN D 38 -17.71 -8.37 -29.16
C ASN D 38 -16.25 -8.49 -29.58
N TYR D 39 -15.42 -9.00 -28.67
CA TYR D 39 -13.98 -9.08 -28.91
C TYR D 39 -13.62 -10.45 -29.49
N LEU D 40 -13.68 -10.53 -30.82
CA LEU D 40 -13.30 -11.71 -31.58
C LEU D 40 -12.71 -11.28 -32.91
N THR D 41 -11.69 -12.01 -33.37
CA THR D 41 -10.98 -11.68 -34.60
C THR D 41 -10.91 -12.91 -35.50
N TRP D 42 -10.82 -12.65 -36.81
CA TRP D 42 -10.73 -13.67 -37.84
C TRP D 42 -9.43 -13.50 -38.61
N TYR D 43 -8.80 -14.62 -38.96
CA TYR D 43 -7.55 -14.62 -39.69
C TYR D 43 -7.64 -15.59 -40.86
N GLN D 44 -6.82 -15.34 -41.89
CA GLN D 44 -6.76 -16.18 -43.08
C GLN D 44 -5.29 -16.45 -43.40
N GLN D 45 -4.97 -17.72 -43.62
CA GLN D 45 -3.61 -18.13 -43.94
C GLN D 45 -3.62 -19.08 -45.12
N ARG D 46 -2.80 -18.77 -46.13
CA ARG D 46 -2.58 -19.64 -47.26
C ARG D 46 -1.25 -20.35 -47.07
N ASP D 47 -1.09 -21.49 -47.75
CA ASP D 47 0.08 -22.32 -47.54
C ASP D 47 1.36 -21.54 -47.83
N GLY D 48 2.32 -21.62 -46.91
CA GLY D 48 3.61 -21.02 -47.09
C GLY D 48 3.68 -19.52 -46.87
N LYS D 49 2.63 -18.91 -46.33
CA LYS D 49 2.60 -17.48 -46.10
C LYS D 49 2.10 -17.18 -44.70
N PRO D 50 2.50 -16.04 -44.13
CA PRO D 50 2.01 -15.68 -42.81
C PRO D 50 0.53 -15.33 -42.85
N PRO D 51 -0.21 -15.55 -41.76
CA PRO D 51 -1.63 -15.21 -41.75
C PRO D 51 -1.87 -13.74 -42.04
N LYS D 52 -3.15 -13.40 -42.17
CA LYS D 52 -3.58 -12.05 -42.49
C LYS D 52 -4.82 -11.73 -41.67
N LEU D 53 -4.99 -10.45 -41.35
CA LEU D 53 -6.13 -10.02 -40.54
C LEU D 53 -7.31 -9.72 -41.45
N LEU D 54 -8.41 -10.43 -41.22
CA LEU D 54 -9.63 -10.27 -42.00
C LEU D 54 -10.64 -9.35 -41.32
N ILE D 55 -11.03 -9.69 -40.09
CA ILE D 55 -12.11 -9.00 -39.39
C ILE D 55 -11.68 -8.83 -37.94
N TYR D 56 -11.44 -7.58 -37.52
CA TYR D 56 -10.86 -7.34 -36.20
C TYR D 56 -11.92 -7.49 -35.10
N TRP D 57 -12.97 -6.68 -35.14
CA TRP D 57 -14.11 -6.88 -34.27
C TRP D 57 -15.13 -7.77 -34.97
N ALA D 58 -16.08 -8.29 -34.18
CA ALA D 58 -16.91 -9.40 -34.63
C ALA D 58 -17.44 -9.21 -36.04
N SER D 59 -17.76 -7.98 -36.44
CA SER D 59 -18.40 -7.73 -37.73
C SER D 59 -17.72 -6.66 -38.58
N ALA D 60 -16.54 -6.18 -38.21
CA ALA D 60 -15.88 -5.09 -38.92
C ALA D 60 -14.74 -5.63 -39.77
N ARG D 61 -14.78 -5.32 -41.07
CA ARG D 61 -13.75 -5.76 -41.98
C ARG D 61 -12.55 -4.81 -41.94
N LEU D 62 -11.39 -5.34 -42.31
CA LEU D 62 -10.20 -4.52 -42.47
C LEU D 62 -10.16 -3.93 -43.87
N SER D 63 -9.50 -2.78 -43.99
CA SER D 63 -9.34 -2.16 -45.31
C SER D 63 -8.59 -3.11 -46.25
N GLY D 64 -9.13 -3.24 -47.46
CA GLY D 64 -8.55 -4.12 -48.46
C GLY D 64 -9.17 -5.50 -48.53
N VAL D 65 -9.93 -5.91 -47.53
CA VAL D 65 -10.59 -7.21 -47.56
C VAL D 65 -11.79 -7.15 -48.50
N PRO D 66 -11.92 -8.07 -49.46
CA PRO D 66 -13.07 -8.00 -50.37
C PRO D 66 -14.39 -8.14 -49.63
N ALA D 67 -15.41 -7.47 -50.15
CA ALA D 67 -16.70 -7.40 -49.49
C ALA D 67 -17.38 -8.76 -49.34
N ARG D 68 -16.95 -9.77 -50.09
CA ARG D 68 -17.61 -11.08 -50.01
C ARG D 68 -17.47 -11.73 -48.64
N PHE D 69 -16.54 -11.27 -47.80
CA PHE D 69 -16.41 -11.75 -46.44
C PHE D 69 -17.33 -10.95 -45.53
N THR D 70 -18.07 -11.65 -44.68
CA THR D 70 -18.98 -11.03 -43.74
C THR D 70 -18.76 -11.62 -42.35
N GLY D 71 -18.65 -10.74 -41.35
CA GLY D 71 -18.36 -11.20 -40.00
C GLY D 71 -19.56 -11.79 -39.29
N SER D 72 -20.75 -11.20 -39.48
CA SER D 72 -21.95 -11.63 -38.77
C SER D 72 -21.62 -11.89 -37.31
N GLY D 73 -21.89 -13.10 -36.82
CA GLY D 73 -21.41 -13.51 -35.52
C GLY D 73 -21.81 -12.60 -34.37
N GLY D 74 -23.09 -12.54 -34.04
CA GLY D 74 -23.57 -11.83 -32.88
C GLY D 74 -23.57 -12.68 -31.63
N GLY D 75 -24.31 -12.23 -30.63
CA GLY D 75 -24.46 -13.00 -29.40
C GLY D 75 -23.34 -12.86 -28.38
N GLY D 76 -22.10 -12.96 -28.82
CA GLY D 76 -20.96 -12.90 -27.92
C GLY D 76 -20.39 -14.24 -27.51
N THR D 77 -21.14 -15.32 -27.69
CA THR D 77 -20.66 -16.66 -27.37
C THR D 77 -20.57 -17.58 -28.58
N GLU D 78 -21.24 -17.25 -29.69
CA GLU D 78 -21.14 -18.03 -30.92
C GLU D 78 -21.03 -17.06 -32.09
N PHE D 79 -20.15 -17.39 -33.04
CA PHE D 79 -19.85 -16.49 -34.14
C PHE D 79 -19.73 -17.31 -35.42
N THR D 80 -20.04 -16.66 -36.54
CA THR D 80 -20.02 -17.32 -37.83
C THR D 80 -19.44 -16.37 -38.88
N LEU D 81 -18.44 -16.85 -39.61
CA LEU D 81 -17.89 -16.14 -40.76
C LEU D 81 -18.49 -16.74 -42.03
N THR D 82 -19.08 -15.90 -42.87
CA THR D 82 -19.73 -16.34 -44.09
C THR D 82 -19.02 -15.73 -45.30
N ILE D 83 -18.56 -16.60 -46.20
CA ILE D 83 -18.00 -16.19 -47.49
C ILE D 83 -19.10 -16.36 -48.53
N SER D 84 -19.40 -15.29 -49.28
CA SER D 84 -20.50 -15.33 -50.23
C SER D 84 -20.24 -16.34 -51.35
N SER D 85 -19.22 -16.08 -52.19
CA SER D 85 -18.98 -16.91 -53.37
C SER D 85 -17.51 -17.29 -53.36
N VAL D 86 -17.23 -18.55 -53.02
CA VAL D 86 -15.86 -19.00 -52.93
C VAL D 86 -15.15 -18.72 -54.25
N LYS D 87 -13.84 -18.46 -54.16
CA LYS D 87 -13.00 -18.28 -55.32
C LYS D 87 -11.68 -18.99 -55.08
N ALA D 88 -10.92 -19.20 -56.16
CA ALA D 88 -9.69 -19.95 -56.06
C ALA D 88 -8.74 -19.33 -55.05
N ALA D 89 -8.72 -18.00 -54.97
CA ALA D 89 -7.84 -17.32 -54.02
C ALA D 89 -8.22 -17.59 -52.57
N ASP D 90 -9.50 -17.83 -52.31
CA ASP D 90 -10.00 -17.98 -50.94
C ASP D 90 -9.63 -19.31 -50.30
N ILE D 91 -9.09 -20.25 -51.07
CA ILE D 91 -8.75 -21.56 -50.50
C ILE D 91 -7.68 -21.38 -49.44
N GLY D 92 -7.98 -21.77 -48.21
CA GLY D 92 -7.03 -21.62 -47.13
C GLY D 92 -7.67 -21.99 -45.81
N THR D 93 -6.97 -21.65 -44.72
CA THR D 93 -7.41 -21.96 -43.37
C THR D 93 -7.75 -20.66 -42.65
N TYR D 94 -8.78 -20.71 -41.81
CA TYR D 94 -9.26 -19.54 -41.08
C TYR D 94 -9.28 -19.86 -39.59
N TYR D 95 -8.77 -18.93 -38.79
CA TYR D 95 -8.68 -19.08 -37.34
C TYR D 95 -9.48 -17.98 -36.66
N CYS D 96 -10.24 -18.35 -35.64
CA CYS D 96 -10.87 -17.40 -34.74
C CYS D 96 -10.00 -17.23 -33.50
N ARG D 97 -10.20 -16.10 -32.81
CA ARG D 97 -9.28 -15.70 -31.77
C ARG D 97 -9.99 -14.83 -30.74
N GLN D 98 -9.70 -15.09 -29.47
CA GLN D 98 -10.19 -14.25 -28.39
C GLN D 98 -9.34 -12.98 -28.29
N LEU D 99 -9.98 -11.88 -27.94
CA LEU D 99 -9.30 -10.61 -27.71
C LEU D 99 -9.60 -9.98 -26.36
N ARG D 100 -10.56 -10.50 -25.61
CA ARG D 100 -10.99 -9.76 -24.42
C ARG D 100 -10.03 -9.94 -23.25
N SER D 101 -9.59 -11.18 -22.97
CA SER D 101 -8.82 -11.45 -21.77
C SER D 101 -7.57 -12.24 -22.12
N ARG D 102 -6.58 -12.16 -21.22
CA ARG D 102 -5.34 -12.92 -21.29
C ARG D 102 -5.51 -14.26 -20.59
N PRO D 103 -4.79 -15.31 -21.03
CA PRO D 103 -3.91 -15.38 -22.20
C PRO D 103 -4.71 -15.46 -23.49
N LEU D 104 -4.21 -14.92 -24.60
CA LEU D 104 -4.94 -14.99 -25.87
C LEU D 104 -4.84 -16.38 -26.47
N THR D 105 -5.94 -16.82 -27.09
CA THR D 105 -6.05 -18.17 -27.61
C THR D 105 -6.65 -18.14 -29.02
N PHE D 106 -6.40 -19.21 -29.76
CA PHE D 106 -6.91 -19.39 -31.12
C PHE D 106 -7.93 -20.52 -31.15
N GLY D 107 -8.51 -20.74 -32.32
CA GLY D 107 -9.57 -21.71 -32.49
C GLY D 107 -9.16 -23.03 -33.10
N GLY D 108 -7.92 -23.13 -33.58
CA GLY D 108 -7.42 -24.34 -34.21
C GLY D 108 -7.37 -24.26 -35.72
N GLY D 109 -8.39 -23.67 -36.34
CA GLY D 109 -8.41 -23.44 -37.77
C GLY D 109 -9.49 -24.25 -38.47
N THR D 110 -9.81 -23.81 -39.69
CA THR D 110 -10.77 -24.48 -40.55
C THR D 110 -10.34 -24.28 -42.00
N LYS D 111 -10.08 -25.38 -42.70
CA LYS D 111 -9.51 -25.36 -44.04
C LYS D 111 -10.58 -25.62 -45.08
N LEU D 112 -10.45 -24.98 -46.24
CA LEU D 112 -11.37 -25.13 -47.35
C LEU D 112 -10.76 -26.04 -48.40
N THR D 113 -11.60 -26.85 -49.05
CA THR D 113 -11.17 -27.78 -50.09
C THR D 113 -12.20 -27.80 -51.21
N VAL D 114 -11.73 -27.63 -52.44
CA VAL D 114 -12.62 -27.65 -53.60
C VAL D 114 -13.15 -29.07 -53.79
N LYS D 115 -14.43 -29.17 -54.18
CA LYS D 115 -15.08 -30.45 -54.39
C LYS D 115 -14.76 -30.97 -55.78
N GLN D 116 -14.84 -32.30 -55.93
CA GLN D 116 -14.49 -32.95 -57.18
C GLN D 116 -15.13 -34.34 -57.23
N PRO D 117 -15.37 -34.87 -58.43
CA PRO D 117 -15.79 -36.27 -58.53
C PRO D 117 -14.75 -37.22 -57.96
N LYS D 118 -15.22 -38.36 -57.46
CA LYS D 118 -14.34 -39.33 -56.83
C LYS D 118 -13.32 -39.86 -57.83
N SER D 119 -12.20 -40.35 -57.29
CA SER D 119 -11.14 -40.92 -58.12
C SER D 119 -10.46 -42.02 -57.31
N SER D 120 -10.50 -43.25 -57.83
CA SER D 120 -9.84 -44.35 -57.15
C SER D 120 -8.32 -44.22 -57.29
N PRO D 121 -7.56 -44.58 -56.26
CA PRO D 121 -6.11 -44.41 -56.34
C PRO D 121 -5.46 -45.31 -57.37
N SER D 122 -4.37 -44.82 -57.94
CA SER D 122 -3.50 -45.63 -58.80
C SER D 122 -2.36 -46.17 -57.94
N VAL D 123 -2.43 -47.45 -57.61
CA VAL D 123 -1.56 -48.06 -56.61
C VAL D 123 -0.43 -48.79 -57.33
N THR D 124 0.80 -48.56 -56.89
CA THR D 124 1.97 -49.31 -57.34
C THR D 124 2.80 -49.71 -56.13
N LEU D 125 3.53 -50.81 -56.25
CA LEU D 125 4.39 -51.32 -55.20
C LEU D 125 5.75 -51.64 -55.79
N PHE D 126 6.81 -51.32 -55.04
CA PHE D 126 8.18 -51.51 -55.51
C PHE D 126 8.99 -52.29 -54.48
N PRO D 127 10.00 -53.03 -54.93
CA PRO D 127 10.85 -53.76 -53.99
C PRO D 127 12.01 -52.91 -53.53
N PRO D 128 12.75 -53.35 -52.52
CA PRO D 128 13.99 -52.65 -52.18
C PRO D 128 14.98 -52.67 -53.34
N SER D 129 15.70 -51.58 -53.51
CA SER D 129 16.67 -51.50 -54.59
C SER D 129 17.87 -52.39 -54.30
N SER D 130 18.54 -52.84 -55.36
CA SER D 130 19.68 -53.72 -55.20
C SER D 130 20.79 -53.04 -54.41
N GLU D 131 21.04 -51.76 -54.68
CA GLU D 131 22.08 -51.04 -53.94
C GLU D 131 21.77 -50.99 -52.46
N GLU D 132 20.49 -50.91 -52.11
CA GLU D 132 20.11 -50.81 -50.69
C GLU D 132 20.52 -52.07 -49.94
N LEU D 133 20.32 -53.25 -50.54
CA LEU D 133 20.70 -54.49 -49.87
C LEU D 133 22.20 -54.56 -49.65
N GLU D 134 22.99 -53.91 -50.52
CA GLU D 134 24.44 -53.91 -50.34
C GLU D 134 24.85 -53.19 -49.07
N THR D 135 24.06 -52.21 -48.61
CA THR D 135 24.33 -51.49 -47.38
C THR D 135 23.74 -52.18 -46.16
N ASN D 136 23.21 -53.39 -46.32
CA ASN D 136 22.57 -54.18 -45.28
C ASN D 136 21.25 -53.58 -44.82
N LYS D 137 20.65 -52.70 -45.62
CA LYS D 137 19.34 -52.13 -45.31
C LYS D 137 18.34 -52.53 -46.38
N ALA D 138 17.06 -52.43 -46.03
CA ALA D 138 15.98 -52.78 -46.94
C ALA D 138 14.76 -51.94 -46.61
N THR D 139 13.92 -51.70 -47.61
CA THR D 139 12.72 -50.91 -47.42
C THR D 139 11.78 -51.13 -48.60
N LEU D 140 10.48 -51.16 -48.30
CA LEU D 140 9.45 -51.30 -49.32
C LEU D 140 8.60 -50.04 -49.33
N VAL D 141 8.35 -49.51 -50.52
CA VAL D 141 7.61 -48.27 -50.71
C VAL D 141 6.41 -48.54 -51.59
N CYS D 142 5.23 -48.12 -51.15
CA CYS D 142 4.00 -48.24 -51.91
C CYS D 142 3.47 -46.84 -52.19
N THR D 143 3.27 -46.54 -53.47
CA THR D 143 2.81 -45.22 -53.90
C THR D 143 1.31 -45.29 -54.21
N ILE D 144 0.59 -44.26 -53.78
CA ILE D 144 -0.86 -44.15 -53.98
C ILE D 144 -1.12 -42.73 -54.48
N THR D 145 -1.48 -42.60 -55.75
CA THR D 145 -1.50 -41.32 -56.43
C THR D 145 -2.87 -41.04 -57.03
N ASP D 146 -3.24 -39.76 -56.99
CA ASP D 146 -4.44 -39.25 -57.68
C ASP D 146 -5.70 -39.97 -57.21
N PHE D 147 -6.05 -39.73 -55.94
CA PHE D 147 -7.28 -40.24 -55.36
C PHE D 147 -8.03 -39.10 -54.67
N TYR D 148 -9.35 -39.22 -54.65
CA TYR D 148 -10.23 -38.23 -54.03
C TYR D 148 -11.43 -38.96 -53.45
N PRO D 149 -11.86 -38.62 -52.23
CA PRO D 149 -11.33 -37.60 -51.31
C PRO D 149 -9.97 -37.99 -50.73
N GLY D 150 -9.46 -37.23 -49.75
CA GLY D 150 -8.13 -37.41 -49.22
C GLY D 150 -8.03 -38.27 -47.97
N VAL D 151 -9.03 -39.08 -47.65
CA VAL D 151 -9.03 -39.94 -46.48
C VAL D 151 -8.85 -41.37 -46.94
N VAL D 152 -7.80 -42.03 -46.46
CA VAL D 152 -7.48 -43.41 -46.82
C VAL D 152 -6.67 -44.04 -45.68
N THR D 153 -6.69 -45.36 -45.63
CA THR D 153 -5.92 -46.12 -44.65
C THR D 153 -5.24 -47.29 -45.36
N VAL D 154 -4.05 -47.64 -44.89
CA VAL D 154 -3.22 -48.67 -45.51
C VAL D 154 -2.76 -49.66 -44.47
N ASP D 155 -2.74 -50.94 -44.84
CA ASP D 155 -2.29 -52.01 -43.97
C ASP D 155 -1.31 -52.89 -44.73
N TRP D 156 -0.05 -52.87 -44.33
CA TRP D 156 0.98 -53.71 -44.94
C TRP D 156 0.87 -55.13 -44.38
N LYS D 157 1.20 -56.11 -45.21
CA LYS D 157 1.08 -57.52 -44.87
C LYS D 157 2.18 -58.30 -45.57
N VAL D 158 3.03 -58.95 -44.79
CA VAL D 158 4.10 -59.81 -45.33
C VAL D 158 3.69 -61.26 -45.08
N ASP D 159 3.67 -62.04 -46.16
CA ASP D 159 3.23 -63.44 -46.10
C ASP D 159 1.82 -63.55 -45.54
N GLY D 160 1.00 -62.52 -45.77
CA GLY D 160 -0.36 -62.49 -45.27
C GLY D 160 -0.52 -62.04 -43.84
N THR D 161 0.57 -61.74 -43.14
CA THR D 161 0.54 -61.33 -41.74
C THR D 161 0.70 -59.82 -41.65
N PRO D 162 -0.29 -59.08 -41.18
CA PRO D 162 -0.13 -57.61 -41.09
C PRO D 162 1.03 -57.22 -40.17
N VAL D 163 1.67 -56.10 -40.51
CA VAL D 163 2.76 -55.54 -39.74
C VAL D 163 2.31 -54.18 -39.23
N THR D 164 2.50 -53.93 -37.93
CA THR D 164 2.05 -52.71 -37.29
C THR D 164 3.19 -51.87 -36.71
N GLN D 165 4.45 -52.26 -36.94
CA GLN D 165 5.59 -51.52 -36.41
C GLN D 165 6.61 -51.32 -37.52
N GLY D 166 7.45 -50.30 -37.35
CA GLY D 166 8.41 -49.94 -38.37
C GLY D 166 7.79 -49.43 -39.65
N MET D 167 6.69 -48.68 -39.55
CA MET D 167 5.98 -48.17 -40.71
C MET D 167 5.86 -46.65 -40.60
N GLU D 168 6.17 -45.98 -41.71
CA GLU D 168 6.04 -44.52 -41.80
C GLU D 168 5.18 -44.19 -43.01
N THR D 169 4.42 -43.10 -42.90
CA THR D 169 3.52 -42.68 -43.97
C THR D 169 3.76 -41.21 -44.26
N THR D 170 4.12 -40.89 -45.50
CA THR D 170 4.31 -39.51 -45.90
C THR D 170 2.98 -38.76 -45.84
N GLN D 171 3.08 -37.46 -45.64
CA GLN D 171 1.88 -36.64 -45.51
C GLN D 171 1.11 -36.63 -46.83
N PRO D 172 -0.16 -37.04 -46.83
CA PRO D 172 -1.00 -36.79 -48.02
C PRO D 172 -1.12 -35.30 -48.26
N SER D 173 -1.11 -34.92 -49.54
CA SER D 173 -1.18 -33.51 -49.92
C SER D 173 -2.11 -33.35 -51.11
N LYS D 174 -2.60 -32.12 -51.28
CA LYS D 174 -3.50 -31.78 -52.37
C LYS D 174 -2.72 -31.17 -53.52
N GLN D 175 -3.20 -31.42 -54.74
CA GLN D 175 -2.54 -30.97 -55.96
C GLN D 175 -3.33 -29.82 -56.57
N SER D 176 -2.70 -29.16 -57.55
CA SER D 176 -3.37 -28.08 -58.28
C SER D 176 -4.54 -28.61 -59.09
N ASN D 177 -4.58 -29.90 -59.37
CA ASN D 177 -5.67 -30.53 -60.10
C ASN D 177 -6.78 -31.06 -59.19
N ASN D 178 -6.69 -30.80 -57.89
CA ASN D 178 -7.71 -31.16 -56.91
C ASN D 178 -7.78 -32.67 -56.66
N LYS D 179 -6.64 -33.35 -56.76
CA LYS D 179 -6.50 -34.75 -56.37
C LYS D 179 -5.60 -34.83 -55.13
N TYR D 180 -5.39 -36.05 -54.66
CA TYR D 180 -4.54 -36.31 -53.50
C TYR D 180 -3.60 -37.47 -53.80
N MET D 181 -2.53 -37.56 -53.01
CA MET D 181 -1.58 -38.65 -53.10
C MET D 181 -1.14 -39.05 -51.70
N ALA D 182 -0.29 -40.07 -51.64
CA ALA D 182 0.17 -40.61 -50.38
C ALA D 182 1.21 -41.68 -50.64
N SER D 183 2.00 -42.00 -49.61
CA SER D 183 3.00 -43.04 -49.72
C SER D 183 3.27 -43.62 -48.34
N SER D 184 3.82 -44.83 -48.32
CA SER D 184 4.11 -45.55 -47.08
C SER D 184 5.36 -46.39 -47.26
N TYR D 185 6.30 -46.22 -46.33
CA TYR D 185 7.53 -46.99 -46.30
C TYR D 185 7.36 -48.22 -45.42
N LEU D 186 8.38 -49.08 -45.43
CA LEU D 186 8.40 -50.26 -44.58
C LEU D 186 9.84 -50.51 -44.17
N THR D 187 10.23 -49.99 -43.00
CA THR D 187 11.60 -50.12 -42.54
C THR D 187 11.93 -51.57 -42.23
N LEU D 188 13.04 -52.05 -42.77
CA LEU D 188 13.49 -53.42 -42.54
C LEU D 188 15.00 -53.47 -42.73
N THR D 189 15.63 -54.43 -42.07
CA THR D 189 17.04 -54.71 -42.28
C THR D 189 17.19 -55.84 -43.30
N ALA D 190 18.33 -55.86 -43.99
CA ALA D 190 18.53 -56.82 -45.07
C ALA D 190 18.28 -58.24 -44.59
N ARG D 191 18.73 -58.58 -43.39
CA ARG D 191 18.52 -59.92 -42.87
C ARG D 191 17.05 -60.24 -42.71
N ALA D 192 16.27 -59.29 -42.19
CA ALA D 192 14.84 -59.53 -42.00
C ALA D 192 14.12 -59.61 -43.34
N TRP D 193 14.61 -58.87 -44.35
CA TRP D 193 13.95 -58.88 -45.64
C TRP D 193 14.00 -60.26 -46.27
N GLU D 194 15.09 -61.00 -46.04
CA GLU D 194 15.23 -62.33 -46.62
C GLU D 194 14.49 -63.40 -45.82
N ARG D 195 14.10 -63.11 -44.57
CA ARG D 195 13.45 -64.12 -43.75
C ARG D 195 12.08 -64.50 -44.29
N HIS D 196 11.48 -63.66 -45.12
CA HIS D 196 10.15 -63.89 -45.67
C HIS D 196 10.23 -64.09 -47.17
N SER D 197 9.11 -64.50 -47.76
CA SER D 197 9.05 -64.85 -49.18
C SER D 197 8.21 -63.89 -50.01
N SER D 198 7.11 -63.38 -49.46
CA SER D 198 6.19 -62.53 -50.21
C SER D 198 5.82 -61.31 -49.40
N TYR D 199 5.48 -60.23 -50.11
CA TYR D 199 5.08 -58.96 -49.51
C TYR D 199 3.83 -58.46 -50.22
N SER D 200 3.09 -57.58 -49.54
CA SER D 200 1.90 -56.99 -50.13
C SER D 200 1.47 -55.80 -49.31
N CYS D 201 0.82 -54.84 -49.97
CA CYS D 201 0.26 -53.66 -49.33
C CYS D 201 -1.22 -53.55 -49.70
N GLN D 202 -2.02 -53.05 -48.76
CA GLN D 202 -3.46 -52.94 -48.93
C GLN D 202 -3.87 -51.49 -48.74
N VAL D 203 -4.86 -51.06 -49.54
CA VAL D 203 -5.34 -49.69 -49.54
C VAL D 203 -6.85 -49.72 -49.34
N THR D 204 -7.36 -48.79 -48.53
CA THR D 204 -8.77 -48.69 -48.22
C THR D 204 -9.32 -47.37 -48.71
N HIS D 205 -10.49 -47.42 -49.35
CA HIS D 205 -11.16 -46.22 -49.86
C HIS D 205 -12.63 -46.56 -50.01
N GLU D 206 -13.40 -45.62 -50.57
CA GLU D 206 -14.82 -45.85 -50.80
C GLU D 206 -15.01 -46.77 -52.00
N GLY D 207 -14.98 -48.08 -51.75
CA GLY D 207 -15.11 -49.05 -52.82
C GLY D 207 -14.71 -50.44 -52.38
N HIS D 208 -13.86 -51.10 -53.18
CA HIS D 208 -13.36 -52.43 -52.86
C HIS D 208 -11.86 -52.35 -52.57
N THR D 209 -11.42 -53.17 -51.61
CA THR D 209 -10.03 -53.16 -51.19
C THR D 209 -9.12 -53.49 -52.36
N VAL D 210 -8.06 -52.70 -52.53
CA VAL D 210 -7.07 -52.88 -53.59
C VAL D 210 -5.76 -53.31 -52.94
N GLU D 211 -5.04 -54.21 -53.61
CA GLU D 211 -3.79 -54.72 -53.07
C GLU D 211 -2.79 -54.93 -54.19
N LYS D 212 -1.51 -54.84 -53.83
CA LYS D 212 -0.40 -55.17 -54.71
C LYS D 212 0.58 -56.02 -53.91
N SER D 213 1.39 -56.82 -54.63
CA SER D 213 2.25 -57.78 -53.96
C SER D 213 3.53 -57.99 -54.74
N LEU D 214 4.54 -58.50 -54.03
CA LEU D 214 5.83 -58.87 -54.59
C LEU D 214 6.16 -60.29 -54.15
N SER D 215 7.26 -60.81 -54.68
CA SER D 215 7.75 -62.14 -54.29
C SER D 215 9.10 -62.42 -54.93
C1 NAG E . 14.78 13.36 -22.21
C2 NAG E . 15.54 13.61 -23.52
C3 NAG E . 15.52 15.10 -23.82
C4 NAG E . 14.10 15.66 -23.77
C5 NAG E . 13.40 15.22 -22.48
C6 NAG E . 11.94 15.63 -22.41
C7 NAG E . 17.34 12.01 -24.04
C8 NAG E . 18.79 11.68 -23.80
N2 NAG E . 16.89 13.11 -23.43
O3 NAG E . 16.11 15.30 -25.08
O4 NAG E . 14.19 17.06 -23.81
O5 NAG E . 13.47 13.82 -22.35
O6 NAG E . 11.23 15.07 -23.49
O7 NAG E . 16.63 11.30 -24.74
H1 NAG E . 15.22 13.86 -21.51
H2 NAG E . 15.09 13.14 -24.23
H3 NAG E . 16.03 15.56 -23.13
H4 NAG E . 13.61 15.29 -24.53
H5 NAG E . 13.84 15.64 -21.73
H61 NAG E . 11.59 15.34 -21.55
H62 NAG E . 11.91 16.59 -22.41
H81 NAG E . 19.03 11.94 -22.90
H82 NAG E . 18.91 10.72 -23.85
H83 NAG E . 19.39 12.11 -24.42
HN2 NAG E . 17.44 13.56 -22.95
HO3 NAG E . 16.34 16.12 -25.14
HO6 NAG E . 11.23 14.23 -23.39
C1 NAG E . 13.84 17.60 -25.10
C2 NAG E . 13.24 18.99 -24.85
C3 NAG E . 12.98 19.70 -26.18
C4 NAG E . 14.27 19.72 -26.98
C5 NAG E . 14.73 18.27 -27.20
C6 NAG E . 15.98 18.13 -28.04
C7 NAG E . 11.91 19.38 -22.80
C8 NAG E . 10.56 19.18 -22.17
N2 NAG E . 12.04 18.92 -24.07
O3 NAG E . 12.50 20.99 -25.90
O4 NAG E . 14.10 20.45 -28.17
O5 NAG E . 14.97 17.69 -25.93
O6 NAG E . 16.38 16.78 -28.08
O7 NAG E . 12.83 19.92 -22.20
H1 NAG E . 13.16 17.06 -25.53
H2 NAG E . 13.89 19.52 -24.35
H3 NAG E . 12.32 19.19 -26.67
H4 NAG E . 14.93 20.15 -26.42
H5 NAG E . 14.02 17.77 -27.64
H61 NAG E . 15.79 18.48 -28.92
H62 NAG E . 16.66 18.70 -27.64
H81 NAG E . 10.50 18.28 -21.81
H82 NAG E . 10.46 19.79 -21.43
H83 NAG E . 9.82 19.32 -22.78
HN2 NAG E . 11.35 18.54 -24.43
HO3 NAG E . 12.43 21.41 -26.63
HO6 NAG E . 17.14 16.74 -28.46
C1 BMA E . 13.15 19.91 -29.12
C2 BMA E . 11.98 20.89 -29.16
C3 BMA E . 11.02 20.59 -30.33
C4 BMA E . 11.68 20.07 -31.62
C5 BMA E . 13.21 20.02 -31.62
C6 BMA E . 13.87 21.25 -32.23
O2 BMA E . 12.50 22.19 -29.21
O3 BMA E . 10.28 21.78 -30.53
O4 BMA E . 11.14 18.78 -31.83
O5 BMA E . 13.81 19.75 -30.36
O6 BMA E . 15.26 21.05 -32.15
H1 BMA E . 12.81 19.05 -28.82
H2 BMA E . 11.48 20.77 -28.34
H3 BMA E . 10.43 19.88 -30.03
H4 BMA E . 11.41 20.66 -32.35
H5 BMA E . 13.45 19.28 -32.20
H61 BMA E . 13.60 22.06 -31.78
H62 BMA E . 13.58 21.32 -33.15
HO2 BMA E . 11.84 22.73 -29.16
HO3 BMA E . 9.84 21.95 -29.83
HO4 BMA E . 10.38 18.86 -32.19
HO6 BMA E . 15.62 21.36 -32.87
C1 NAG F . 18.13 29.27 19.58
C2 NAG F . 17.71 29.03 21.03
C3 NAG F . 18.71 29.69 21.97
C4 NAG F . 20.14 29.29 21.66
C5 NAG F . 20.40 29.49 20.16
C6 NAG F . 21.77 29.03 19.70
C7 NAG F . 15.29 28.85 21.47
C8 NAG F . 14.04 29.64 21.67
N2 NAG F . 16.40 29.57 21.25
O3 NAG F . 18.35 29.32 23.28
O4 NAG F . 21.00 30.10 22.42
O5 NAG F . 19.44 28.78 19.43
O6 NAG F . 21.88 29.18 18.31
O7 NAG F . 15.28 27.62 21.49
H1 NAG F . 18.12 30.21 19.40
H2 NAG F . 17.69 28.08 21.20
H3 NAG F . 18.64 30.65 21.87
H4 NAG F . 20.25 28.35 21.87
H5 NAG F . 20.34 30.44 19.96
H61 NAG F . 22.44 29.55 20.17
H62 NAG F . 21.88 28.12 20.00
H81 NAG F . 14.23 30.59 21.51
H82 NAG F . 13.37 29.38 21.02
H83 NAG F . 13.65 29.56 22.55
HN2 NAG F . 16.33 30.43 21.26
HO3 NAG F . 18.90 29.70 23.81
HO6 NAG F . 21.24 28.75 17.95
C1 NAG F . 21.76 29.34 23.39
C2 NAG F . 22.97 30.17 23.83
C3 NAG F . 23.81 29.35 24.79
C4 NAG F . 22.96 28.90 25.97
C5 NAG F . 21.68 28.21 25.46
C6 NAG F . 20.69 27.89 26.55
C7 NAG F . 24.51 29.87 21.91
C8 NAG F . 25.19 30.63 20.80
N2 NAG F . 23.73 30.64 22.70
O3 NAG F . 24.91 30.12 25.19
O4 NAG F . 23.73 27.99 26.74
O5 NAG F . 21.01 29.04 24.54
O6 NAG F . 21.25 26.95 27.44
O7 NAG F . 24.66 28.68 22.05
H1 NAG F . 22.08 28.52 22.98
H2 NAG F . 22.63 30.95 24.30
H3 NAG F . 24.10 28.55 24.33
H4 NAG F . 22.72 29.68 26.49
H5 NAG F . 21.93 27.38 25.05
H61 NAG F . 20.45 28.71 27.01
H62 NAG F . 19.88 27.56 26.14
H81 NAG F . 26.00 31.04 21.13
H82 NAG F . 25.44 30.01 20.10
H83 NAG F . 24.64 31.32 20.39
HN2 NAG F . 23.67 31.48 22.52
HO3 NAG F . 25.36 30.31 24.50
HO6 NAG F . 20.65 26.71 28.00
C1 BMA F . 24.46 28.65 27.81
C2 BMA F . 23.55 28.70 29.03
C3 BMA F . 24.29 29.28 30.26
C4 BMA F . 25.83 29.07 30.27
C5 BMA F . 26.37 28.05 29.28
C6 BMA F . 26.61 26.67 29.89
O2 BMA F . 23.05 27.40 29.27
O3 BMA F . 23.66 28.72 31.38
O4 BMA F . 26.37 30.35 30.03
O5 BMA F . 25.64 27.92 28.07
O6 BMA F . 25.42 26.26 30.52
H1 BMA F . 24.68 29.55 27.55
H2 BMA F . 22.82 29.31 28.82
H3 BMA F . 24.15 30.23 30.24
H4 BMA F . 26.07 28.77 31.16
H5 BMA F . 27.26 28.37 29.02
H61 BMA F . 27.36 26.69 30.50
H62 BMA F . 26.84 26.07 29.16
HO2 BMA F . 23.70 26.87 29.17
HO3 BMA F . 23.81 29.20 32.06
HO4 BMA F . 26.47 30.75 30.76
HO6 BMA F . 25.53 25.45 30.79
C1 NAG G . -25.38 7.18 -26.02
C2 NAG G . -25.72 5.86 -25.31
C3 NAG G . -27.19 5.85 -24.87
C4 NAG G . -27.53 7.11 -24.09
C5 NAG G . -27.09 8.34 -24.88
C6 NAG G . -27.33 9.65 -24.16
C7 NAG G . -24.89 3.58 -25.75
C8 NAG G . -24.70 2.53 -26.83
N2 NAG G . -25.45 4.74 -26.16
O3 NAG G . -27.41 4.69 -24.12
O4 NAG G . -28.93 7.08 -23.90
O5 NAG G . -25.71 8.24 -25.17
O6 NAG G . -26.75 10.70 -24.89
O7 NAG G . -24.54 3.37 -24.60
H1 NAG G . -25.92 7.24 -26.82
H2 NAG G . -25.16 5.79 -24.52
H3 NAG G . -27.74 5.85 -25.68
H4 NAG G . -27.05 7.08 -23.25
H5 NAG G . -27.60 8.38 -25.70
H61 NAG G . -28.28 9.77 -24.06
H62 NAG G . -26.96 9.58 -23.27
H81 NAG G . -24.52 2.98 -27.67
H82 NAG G . -23.93 1.99 -26.62
H83 NAG G . -25.47 1.95 -26.95
HN2 NAG G . -25.67 4.80 -26.99
HO3 NAG G . -28.22 4.68 -23.89
HO6 NAG G . -25.92 10.54 -25.00
C1 NAG G . -29.29 7.48 -22.55
C2 NAG G . -30.81 7.48 -22.46
C3 NAG G . -31.24 7.89 -21.05
C4 NAG G . -30.55 7.00 -20.02
C5 NAG G . -29.04 7.02 -20.26
C6 NAG G . -28.26 6.14 -19.29
C7 NAG G . -31.13 9.66 -23.58
C8 NAG G . -31.87 10.34 -24.70
N2 NAG G . -31.40 8.35 -23.45
O3 NAG G . -32.64 7.79 -20.97
O4 NAG G . -30.88 7.50 -18.74
O5 NAG G . -28.77 6.60 -21.58
O6 NAG G . -26.89 6.17 -19.62
O7 NAG G . -30.35 10.26 -22.87
H1 NAG G . -28.95 8.37 -22.37
H2 NAG G . -31.12 6.58 -22.63
H3 NAG G . -30.95 8.79 -20.90
H4 NAG G . -30.88 6.09 -20.13
H5 NAG G . -28.72 7.93 -20.13
H61 NAG G . -28.43 6.47 -18.39
H62 NAG G . -28.63 5.26 -19.33
H81 NAG G . -31.88 11.30 -24.54
H82 NAG G . -31.41 10.19 -25.54
H83 NAG G . -32.79 10.04 -24.80
HN2 NAG G . -31.96 7.99 -23.99
HO3 NAG G . -32.97 8.32 -21.55
HO4 NAG G . -31.67 7.83 -18.77
HO6 NAG G . -26.49 5.64 -19.10
C1 NAG H . 51.39 -22.19 47.05
C2 NAG H . 52.46 -23.24 47.39
C3 NAG H . 53.86 -22.70 47.07
C4 NAG H . 53.91 -22.18 45.63
C5 NAG H . 52.79 -21.16 45.44
C6 NAG H . 52.75 -20.56 44.05
C7 NAG H . 52.52 -22.81 49.82
C8 NAG H . 52.41 -23.48 51.17
N2 NAG H . 52.40 -23.64 48.76
O3 NAG H . 54.78 -23.73 47.27
O4 NAG H . 55.18 -21.60 45.45
O5 NAG H . 51.56 -21.78 45.71
O6 NAG H . 51.61 -19.75 43.91
O7 NAG H . 52.71 -21.61 49.72
H1 NAG H . 51.53 -21.42 47.62
H2 NAG H . 52.30 -24.01 46.83
H3 NAG H . 54.04 -21.95 47.66
H4 NAG H . 53.78 -22.92 45.04
H5 NAG H . 52.94 -20.41 46.04
H61 NAG H . 53.57 -20.07 43.89
H62 NAG H . 52.75 -21.30 43.41
H81 NAG H . 52.99 -24.26 51.19
H82 NAG H . 52.72 -22.87 51.85
H83 NAG H . 51.50 -23.77 51.40
HN2 NAG H . 52.26 -24.48 48.92
HO3 NAG H . 54.75 -23.96 48.10
HO4 NAG H . 55.76 -22.04 45.89
HO6 NAG H . 50.92 -20.21 44.11
C1 NAG I . 17.68 -10.17 60.83
C2 NAG I . 18.18 -10.54 62.23
C3 NAG I . 17.14 -11.41 62.93
C4 NAG I . 15.79 -10.73 62.92
C5 NAG I . 15.42 -10.36 61.48
C6 NAG I . 14.08 -9.65 61.35
C7 NAG I . 19.70 -12.35 61.47
C8 NAG I . 21.11 -12.87 61.57
N2 NAG I . 19.45 -11.23 62.17
O3 NAG I . 17.59 -11.66 64.23
O4 NAG I . 14.86 -11.63 63.47
O5 NAG I . 16.43 -9.51 60.95
O6 NAG I . 13.85 -9.33 60.00
O7 NAG I . 18.86 -12.92 60.79
H1 NAG I . 17.56 -10.98 60.31
H2 NAG I . 18.30 -9.73 62.75
H3 NAG I . 17.06 -12.25 62.44
H4 NAG I . 15.85 -9.92 63.45
H5 NAG I . 15.36 -11.17 60.96
H61 NAG I . 13.40 -10.23 61.71
H62 NAG I . 14.11 -8.86 61.92
H81 NAG I . 21.72 -12.21 61.20
H82 NAG I . 21.35 -12.97 62.51
H83 NAG I . 21.26 -13.71 61.12
HN2 NAG I . 20.09 -10.88 62.63
HO3 NAG I . 17.04 -12.18 64.61
HO4 NAG I . 14.20 -11.19 63.79
HO6 NAG I . 14.52 -8.90 59.70
CA CA J . 2.76 7.58 -18.20
CA CA K . 4.11 30.99 -10.78
CA CA L . -3.19 20.29 -14.85
CA CA M . 5.65 15.25 34.68
CA CA N . 7.00 12.70 28.68
CA CA O . 4.74 19.36 40.76
C1 NAG P . -25.13 -2.70 29.67
C2 NAG P . -25.20 -4.21 29.94
C3 NAG P . -24.79 -4.96 28.69
C4 NAG P . -25.61 -4.50 27.50
C5 NAG P . -25.50 -2.98 27.36
C6 NAG P . -26.31 -2.39 26.23
C7 NAG P . -23.04 -4.34 31.16
C8 NAG P . -22.41 -4.84 32.43
N2 NAG P . -24.37 -4.59 31.06
O3 NAG P . -24.95 -6.34 28.94
O4 NAG P . -25.10 -5.16 26.36
O5 NAG P . -25.94 -2.38 28.56
O6 NAG P . -27.67 -2.71 26.41
O7 NAG P . -22.39 -3.75 30.31
H1 NAG P . -24.21 -2.45 29.47
H2 NAG P . -26.11 -4.43 30.16
H3 NAG P . -23.86 -4.77 28.51
H4 NAG P . -26.54 -4.74 27.66
H5 NAG P . -24.58 -2.75 27.19
H61 NAG P . -26.15 -1.45 26.20
H62 NAG P . -25.96 -2.76 25.39
H81 NAG P . -21.44 -4.77 32.36
H82 NAG P . -22.68 -4.28 33.18
H83 NAG P . -22.63 -5.76 32.65
HN2 NAG P . -24.75 -5.00 31.71
HO3 NAG P . -24.69 -6.77 28.25
HO4 NAG P . -25.72 -5.22 25.77
HO6 NAG P . -28.10 -2.41 25.74
#